data_8FGR
#
_entry.id   8FGR
#
_cell.length_a   58.783
_cell.length_b   150.897
_cell.length_c   107.428
_cell.angle_alpha   90.00
_cell.angle_beta   90.60
_cell.angle_gamma   90.00
#
_symmetry.space_group_name_H-M   'P 1 21 1'
#
loop_
_entity.id
_entity.type
_entity.pdbx_description
1 polymer 'Nitric oxide synthase, endothelial'
2 non-polymer 'PROTOPORPHYRIN IX CONTAINING FE'
3 non-polymer 5,6,7,8-TETRAHYDROBIOPTERIN
4 non-polymer 2-[BIS-(2-HYDROXY-ETHYL)-AMINO]-2-HYDROXYMETHYL-PROPANE-1,3-DIOL
5 non-polymer GLYCEROL
6 non-polymer 'CHLORIDE ION'
7 non-polymer 'GADOLINIUM ATOM'
8 non-polymer 'ZINC ION'
9 non-polymer 6-{2-[5-(2-aminoethyl)-2,3-difluorophenyl]ethyl}-4-methylpyridin-2-amine
10 water water
#
_entity_poly.entity_id   1
_entity_poly.type   'polypeptide(L)'
_entity_poly.pdbx_seq_one_letter_code
;APASLLPPAPEHSPPSSPLTQPPEGPKFPRVKNWEVGSITYDTLSAQAQQDGPCTPRRCLGSLVFPRKLQGRPSPGPPAP
EQLLSQARDFINQYYSSIKRSGSQAHEQRLQEVEAEVAATGTYQLRESELVFGAKQAWRNAPRCVGRIQWGKLQVFDARD
CRSAQEMFTYICNHIKYATNRGNLRSAITVFPQRCPGRGDFRIWNSQLVRYAGYRQQDGSVRGDPANVEITELCIQHGWT
PGNGRFDVLPLLLQAPDEPPELFLLPPELVLEVPLEHPTLEWFAALGLRWYALPAVSNMLLEIGGLEFPAAPFSGWYMST
EIGTRNLCDPHRYNILEDVAVCMDLDTRTTSSLWKDKAAVEINVAVLHSYQLAKVTIVDHHAATASFMKHLENEQKARGG
CPADWAWIVPPISGSLTPVFHQEMVNYFLSPAFRYQPDPW
;
_entity_poly.pdbx_strand_id   A,B,C,D
#
loop_
_chem_comp.id
_chem_comp.type
_chem_comp.name
_chem_comp.formula
BTB non-polymer 2-[BIS-(2-HYDROXY-ETHYL)-AMINO]-2-HYDROXYMETHYL-PROPANE-1,3-DIOL 'C8 H19 N O5'
CL non-polymer 'CHLORIDE ION' 'Cl -1'
GD non-polymer 'GADOLINIUM ATOM' Gd
GOL non-polymer GLYCEROL 'C3 H8 O3'
H4B non-polymer 5,6,7,8-TETRAHYDROBIOPTERIN 'C9 H15 N5 O3'
HEM non-polymer 'PROTOPORPHYRIN IX CONTAINING FE' 'C34 H32 Fe N4 O4'
XVZ non-polymer 6-{2-[5-(2-aminoethyl)-2,3-difluorophenyl]ethyl}-4-methylpyridin-2-amine 'C16 H19 F2 N3'
ZN non-polymer 'ZINC ION' 'Zn 2'
#
# COMPACT_ATOMS: atom_id res chain seq x y z
N LYS A 27 -12.66 -45.14 -21.92
CA LYS A 27 -13.89 -44.48 -22.34
C LYS A 27 -14.57 -43.79 -21.16
N PHE A 28 -13.90 -43.81 -20.00
CA PHE A 28 -14.32 -43.02 -18.86
C PHE A 28 -13.38 -41.84 -18.70
N PRO A 29 -13.82 -40.59 -18.99
CA PRO A 29 -12.88 -39.46 -19.11
C PRO A 29 -11.99 -39.30 -17.89
N ARG A 30 -10.68 -39.28 -18.13
CA ARG A 30 -9.73 -38.93 -17.09
C ARG A 30 -9.78 -37.42 -16.86
N VAL A 31 -10.05 -37.02 -15.62
CA VAL A 31 -10.18 -35.63 -15.22
C VAL A 31 -9.06 -35.37 -14.23
N LYS A 32 -8.21 -34.39 -14.54
CA LYS A 32 -7.08 -34.06 -13.70
C LYS A 32 -7.32 -32.72 -13.03
N ASN A 33 -6.85 -32.58 -11.79
CA ASN A 33 -6.67 -31.28 -11.17
C ASN A 33 -5.19 -30.94 -11.20
N TRP A 34 -4.86 -29.78 -11.80
CA TRP A 34 -3.49 -29.36 -12.05
C TRP A 34 -2.85 -28.64 -10.87
N GLU A 35 -3.62 -28.35 -9.83
CA GLU A 35 -3.06 -27.77 -8.61
C GLU A 35 -2.48 -28.85 -7.72
N VAL A 36 -3.23 -29.93 -7.52
CA VAL A 36 -2.83 -30.98 -6.59
C VAL A 36 -2.17 -32.10 -7.38
N GLY A 37 -2.59 -32.27 -8.62
CA GLY A 37 -2.17 -33.40 -9.42
C GLY A 37 -3.07 -34.61 -9.33
N SER A 38 -4.19 -34.51 -8.61
CA SER A 38 -5.07 -35.64 -8.39
C SER A 38 -5.86 -36.00 -9.65
N ILE A 39 -6.18 -37.27 -9.78
CA ILE A 39 -6.88 -37.80 -10.95
C ILE A 39 -8.17 -38.45 -10.48
N THR A 40 -9.26 -38.19 -11.20
CA THR A 40 -10.48 -38.97 -11.08
C THR A 40 -10.96 -39.36 -12.48
N TYR A 41 -11.93 -40.27 -12.53
CA TYR A 41 -12.59 -40.66 -13.77
C TYR A 41 -14.06 -40.31 -13.68
N ASP A 42 -14.62 -39.75 -14.75
CA ASP A 42 -16.04 -39.41 -14.74
C ASP A 42 -16.83 -40.56 -15.35
N THR A 43 -17.19 -41.53 -14.49
CA THR A 43 -18.06 -42.60 -14.96
C THR A 43 -19.48 -42.10 -15.15
N LEU A 44 -19.87 -41.06 -14.42
CA LEU A 44 -21.24 -40.56 -14.51
C LEU A 44 -21.57 -40.01 -15.90
N SER A 45 -20.55 -39.58 -16.64
CA SER A 45 -20.77 -39.06 -17.98
C SER A 45 -21.41 -40.10 -18.89
N ALA A 46 -21.28 -41.39 -18.56
CA ALA A 46 -21.85 -42.45 -19.38
C ALA A 46 -23.38 -42.33 -19.51
N GLN A 47 -24.04 -41.62 -18.59
CA GLN A 47 -25.50 -41.56 -18.59
C GLN A 47 -26.06 -40.45 -19.47
N ALA A 48 -25.22 -39.62 -20.08
CA ALA A 48 -25.64 -38.40 -20.78
C ALA A 48 -26.84 -38.60 -21.69
N GLN A 49 -28.01 -38.12 -21.25
CA GLN A 49 -29.26 -38.23 -22.02
C GLN A 49 -29.20 -37.31 -23.23
N GLN A 50 -29.54 -36.03 -23.05
CA GLN A 50 -29.62 -35.14 -24.20
C GLN A 50 -28.22 -34.78 -24.68
N ASP A 51 -28.05 -34.72 -25.99
CA ASP A 51 -26.73 -34.48 -26.56
C ASP A 51 -26.46 -32.98 -26.63
N GLY A 52 -25.25 -32.59 -26.22
CA GLY A 52 -24.81 -31.22 -26.32
C GLY A 52 -24.25 -30.87 -27.69
N PRO A 53 -23.60 -29.71 -27.79
CA PRO A 53 -23.26 -29.14 -29.10
C PRO A 53 -21.93 -29.58 -29.70
N CYS A 54 -21.15 -30.43 -29.05
CA CYS A 54 -19.79 -30.68 -29.48
C CYS A 54 -19.69 -31.97 -30.29
N THR A 55 -18.72 -32.00 -31.19
CA THR A 55 -18.37 -33.17 -31.98
C THR A 55 -16.86 -33.36 -31.93
N PRO A 56 -16.37 -34.56 -32.28
CA PRO A 56 -14.92 -34.79 -32.33
C PRO A 56 -14.19 -33.77 -33.20
N ARG A 57 -14.95 -33.10 -34.06
CA ARG A 57 -14.49 -32.16 -35.07
C ARG A 57 -14.25 -30.74 -34.53
N ARG A 58 -15.03 -30.31 -33.55
CA ARG A 58 -15.07 -28.92 -33.10
C ARG A 58 -15.72 -28.90 -31.73
N CYS A 59 -15.30 -27.98 -30.89
CA CYS A 59 -15.86 -27.86 -29.55
C CYS A 59 -16.62 -26.55 -29.46
N LEU A 60 -17.90 -26.65 -29.09
CA LEU A 60 -18.74 -25.47 -28.90
C LEU A 60 -19.07 -25.24 -27.42
N GLY A 61 -18.20 -25.73 -26.53
CA GLY A 61 -18.39 -25.56 -25.11
C GLY A 61 -18.56 -24.11 -24.66
N SER A 62 -17.99 -23.15 -25.41
CA SER A 62 -18.10 -21.75 -25.00
C SER A 62 -19.39 -21.08 -25.47
N LEU A 63 -20.25 -21.76 -26.22
CA LEU A 63 -21.48 -21.15 -26.68
C LEU A 63 -22.52 -21.14 -25.55
N VAL A 64 -23.19 -20.00 -25.38
CA VAL A 64 -24.14 -19.84 -24.28
C VAL A 64 -25.38 -20.68 -24.51
N PHE A 65 -26.04 -20.50 -25.66
CA PHE A 65 -27.22 -21.30 -26.02
C PHE A 65 -26.88 -22.24 -27.17
N PRO A 66 -26.26 -23.40 -26.91
CA PRO A 66 -25.70 -24.38 -27.84
C PRO A 66 -26.26 -24.36 -29.27
N PRO A 80 -45.48 -40.37 -29.52
CA PRO A 80 -45.68 -39.50 -28.35
C PRO A 80 -45.18 -40.10 -27.03
N GLU A 81 -45.22 -41.43 -26.91
CA GLU A 81 -45.02 -42.13 -25.65
C GLU A 81 -43.57 -42.55 -25.39
N GLN A 82 -42.61 -41.75 -25.83
CA GLN A 82 -41.27 -41.83 -25.26
C GLN A 82 -41.18 -41.03 -23.97
N LEU A 83 -42.22 -40.27 -23.64
CA LEU A 83 -42.42 -39.76 -22.29
C LEU A 83 -42.25 -40.86 -21.26
N LEU A 84 -42.59 -42.09 -21.63
CA LEU A 84 -42.44 -43.23 -20.74
C LEU A 84 -40.98 -43.48 -20.37
N SER A 85 -40.09 -43.42 -21.36
CA SER A 85 -38.69 -43.74 -21.12
C SER A 85 -38.06 -42.75 -20.14
N GLN A 86 -38.37 -41.47 -20.28
CA GLN A 86 -37.87 -40.49 -19.33
C GLN A 86 -38.51 -40.68 -17.96
N ALA A 87 -39.79 -41.03 -17.92
CA ALA A 87 -40.50 -41.22 -16.66
C ALA A 87 -40.05 -42.48 -15.93
N ARG A 88 -39.86 -43.57 -16.67
CA ARG A 88 -39.23 -44.76 -16.09
C ARG A 88 -37.95 -44.38 -15.36
N ASP A 89 -36.99 -43.83 -16.10
CA ASP A 89 -35.65 -43.57 -15.56
C ASP A 89 -35.71 -42.66 -14.34
N PHE A 90 -36.52 -41.60 -14.40
CA PHE A 90 -36.60 -40.71 -13.25
C PHE A 90 -37.14 -41.44 -12.03
N ILE A 91 -38.14 -42.31 -12.21
CA ILE A 91 -38.66 -43.07 -11.08
C ILE A 91 -37.60 -44.05 -10.58
N ASN A 92 -36.83 -44.63 -11.49
CA ASN A 92 -35.75 -45.53 -11.08
C ASN A 92 -34.68 -44.77 -10.31
N GLN A 93 -34.36 -43.55 -10.74
CA GLN A 93 -33.48 -42.68 -9.96
C GLN A 93 -34.05 -42.48 -8.56
N TYR A 94 -35.25 -41.88 -8.49
CA TYR A 94 -35.88 -41.59 -7.21
C TYR A 94 -35.74 -42.73 -6.22
N TYR A 95 -36.02 -43.96 -6.66
CA TYR A 95 -36.05 -45.06 -5.71
C TYR A 95 -34.65 -45.54 -5.34
N SER A 96 -33.68 -45.45 -6.25
CA SER A 96 -32.31 -45.71 -5.85
C SER A 96 -31.84 -44.68 -4.84
N SER A 97 -32.23 -43.41 -5.04
CA SER A 97 -31.87 -42.35 -4.10
C SER A 97 -32.41 -42.57 -2.69
N ILE A 98 -33.47 -43.35 -2.53
CA ILE A 98 -34.00 -43.61 -1.19
C ILE A 98 -33.70 -45.05 -0.80
N LYS A 99 -32.63 -45.62 -1.38
CA LYS A 99 -32.22 -47.00 -1.10
C LYS A 99 -33.38 -47.97 -1.29
N ARG A 100 -34.19 -47.71 -2.32
CA ARG A 100 -35.42 -48.46 -2.56
C ARG A 100 -35.47 -48.96 -4.00
N SER A 101 -34.31 -49.33 -4.55
CA SER A 101 -34.28 -49.98 -5.85
C SER A 101 -34.79 -51.41 -5.72
N GLY A 102 -35.58 -51.83 -6.69
CA GLY A 102 -36.02 -53.22 -6.80
C GLY A 102 -36.81 -53.74 -5.61
N SER A 103 -37.91 -53.08 -5.28
CA SER A 103 -38.75 -53.50 -4.16
C SER A 103 -40.03 -52.68 -4.06
N GLN A 104 -41.17 -53.34 -3.88
CA GLN A 104 -42.33 -52.71 -3.24
C GLN A 104 -42.92 -51.58 -4.08
N ALA A 105 -42.83 -50.35 -3.58
CA ALA A 105 -43.48 -49.20 -4.20
C ALA A 105 -42.78 -48.78 -5.47
N HIS A 106 -41.50 -49.12 -5.60
CA HIS A 106 -40.79 -48.97 -6.87
C HIS A 106 -41.62 -49.63 -7.96
N GLU A 107 -41.74 -50.96 -7.89
CA GLU A 107 -42.60 -51.67 -8.83
C GLU A 107 -44.00 -51.06 -8.89
N GLN A 108 -44.58 -50.72 -7.74
CA GLN A 108 -45.91 -50.11 -7.70
C GLN A 108 -45.96 -48.83 -8.53
N ARG A 109 -45.16 -47.83 -8.14
CA ARG A 109 -45.18 -46.53 -8.80
C ARG A 109 -44.86 -46.65 -10.28
N LEU A 110 -44.06 -47.66 -10.65
CA LEU A 110 -43.85 -47.93 -12.08
C LEU A 110 -45.18 -48.20 -12.78
N GLN A 111 -46.07 -48.94 -12.13
CA GLN A 111 -47.36 -49.27 -12.75
C GLN A 111 -48.24 -48.03 -12.86
N GLU A 112 -48.35 -47.26 -11.77
CA GLU A 112 -49.23 -46.10 -11.79
C GLU A 112 -48.84 -45.13 -12.90
N VAL A 113 -47.54 -44.88 -13.12
CA VAL A 113 -47.16 -44.05 -14.25
C VAL A 113 -47.45 -44.78 -15.56
N GLU A 114 -47.14 -46.07 -15.65
CA GLU A 114 -47.56 -46.86 -16.80
C GLU A 114 -49.04 -46.63 -17.11
N ALA A 115 -49.89 -46.76 -16.08
CA ALA A 115 -51.33 -46.62 -16.26
C ALA A 115 -51.73 -45.16 -16.45
N GLU A 116 -51.10 -44.24 -15.71
CA GLU A 116 -51.41 -42.81 -15.87
C GLU A 116 -51.18 -42.36 -17.31
N VAL A 117 -49.99 -42.63 -17.84
CA VAL A 117 -49.71 -42.25 -19.22
C VAL A 117 -50.63 -43.01 -20.18
N ALA A 118 -50.78 -44.33 -19.98
CA ALA A 118 -51.68 -45.10 -20.82
C ALA A 118 -53.05 -44.45 -20.91
N ALA A 119 -53.59 -44.00 -19.78
CA ALA A 119 -54.94 -43.44 -19.79
C ALA A 119 -54.97 -41.99 -20.25
N THR A 120 -54.03 -41.17 -19.76
CA THR A 120 -54.07 -39.72 -19.98
C THR A 120 -53.04 -39.18 -20.97
N GLY A 121 -52.04 -39.98 -21.34
CA GLY A 121 -50.99 -39.47 -22.22
C GLY A 121 -49.99 -38.59 -21.53
N THR A 122 -49.86 -38.73 -20.21
CA THR A 122 -49.03 -37.89 -19.35
C THR A 122 -49.13 -38.42 -17.94
N TYR A 123 -48.58 -37.71 -16.96
CA TYR A 123 -48.72 -38.16 -15.58
C TYR A 123 -48.39 -37.01 -14.63
N GLN A 124 -48.82 -37.17 -13.38
CA GLN A 124 -48.47 -36.25 -12.31
C GLN A 124 -47.37 -36.89 -11.45
N LEU A 125 -46.48 -36.04 -10.93
CA LEU A 125 -45.45 -36.50 -10.03
C LEU A 125 -45.98 -36.57 -8.60
N ARG A 126 -45.73 -37.69 -7.92
CA ARG A 126 -45.79 -37.72 -6.47
C ARG A 126 -45.03 -36.52 -5.90
N GLU A 127 -45.59 -35.94 -4.82
CA GLU A 127 -45.01 -34.75 -4.20
C GLU A 127 -43.53 -34.93 -3.92
N SER A 128 -43.14 -36.08 -3.38
CA SER A 128 -41.75 -36.28 -3.03
C SER A 128 -40.87 -36.38 -4.28
N GLU A 129 -41.45 -36.81 -5.41
CA GLU A 129 -40.71 -36.88 -6.66
C GLU A 129 -40.53 -35.50 -7.28
N LEU A 130 -41.59 -34.68 -7.27
CA LEU A 130 -41.42 -33.30 -7.71
C LEU A 130 -40.35 -32.60 -6.91
N VAL A 131 -40.25 -32.93 -5.62
CA VAL A 131 -39.19 -32.38 -4.77
C VAL A 131 -37.84 -32.96 -5.17
N PHE A 132 -37.78 -34.27 -5.35
CA PHE A 132 -36.53 -34.92 -5.73
C PHE A 132 -36.07 -34.45 -7.11
N GLY A 133 -37.01 -34.30 -8.05
CA GLY A 133 -36.65 -33.83 -9.38
C GLY A 133 -36.16 -32.39 -9.39
N ALA A 134 -36.74 -31.55 -8.54
CA ALA A 134 -36.26 -30.18 -8.42
C ALA A 134 -34.84 -30.16 -7.88
N LYS A 135 -34.60 -30.91 -6.81
CA LYS A 135 -33.26 -30.96 -6.24
C LYS A 135 -32.24 -31.55 -7.20
N GLN A 136 -32.68 -32.51 -8.03
CA GLN A 136 -31.75 -33.18 -8.94
C GLN A 136 -31.41 -32.31 -10.14
N ALA A 137 -32.42 -31.63 -10.69
CA ALA A 137 -32.16 -30.68 -11.77
C ALA A 137 -31.15 -29.63 -11.35
N TRP A 138 -31.25 -29.13 -10.11
CA TRP A 138 -30.22 -28.23 -9.60
C TRP A 138 -28.86 -28.92 -9.53
N ARG A 139 -28.82 -30.11 -8.93
CA ARG A 139 -27.59 -30.90 -8.83
C ARG A 139 -26.92 -31.07 -10.19
N ASN A 140 -27.71 -31.12 -11.26
CA ASN A 140 -27.25 -31.45 -12.60
C ASN A 140 -26.98 -30.22 -13.45
N ALA A 141 -27.28 -29.02 -12.96
CA ALA A 141 -26.99 -27.77 -13.66
C ALA A 141 -25.49 -27.57 -13.81
N PRO A 142 -24.90 -27.85 -14.99
CA PRO A 142 -23.44 -27.78 -15.10
C PRO A 142 -22.91 -26.39 -14.85
N ARG A 143 -23.66 -25.37 -15.22
CA ARG A 143 -23.20 -24.00 -15.11
C ARG A 143 -23.35 -23.42 -13.72
N CYS A 144 -23.92 -24.16 -12.74
CA CYS A 144 -24.13 -23.62 -11.40
C CYS A 144 -22.95 -23.98 -10.50
N VAL A 145 -22.30 -22.96 -9.94
CA VAL A 145 -21.19 -23.15 -8.99
C VAL A 145 -21.66 -23.32 -7.56
N GLY A 146 -22.94 -23.03 -7.27
CA GLY A 146 -23.41 -23.12 -5.91
C GLY A 146 -24.08 -24.44 -5.60
N ARG A 147 -23.75 -25.51 -6.33
CA ARG A 147 -24.47 -26.76 -6.16
C ARG A 147 -24.09 -27.53 -4.91
N ILE A 148 -23.11 -27.07 -4.13
CA ILE A 148 -22.89 -27.66 -2.82
C ILE A 148 -24.16 -27.56 -1.98
N GLN A 149 -25.02 -26.58 -2.28
CA GLN A 149 -26.28 -26.35 -1.59
C GLN A 149 -27.43 -27.12 -2.22
N TRP A 150 -27.17 -28.01 -3.18
CA TRP A 150 -28.26 -28.59 -3.96
C TRP A 150 -29.26 -29.33 -3.09
N GLY A 151 -28.82 -29.93 -1.99
CA GLY A 151 -29.70 -30.76 -1.18
C GLY A 151 -30.62 -30.00 -0.24
N LYS A 152 -30.42 -28.70 -0.08
CA LYS A 152 -31.22 -27.83 0.78
C LYS A 152 -31.96 -26.88 -0.13
N LEU A 153 -33.12 -27.32 -0.62
CA LEU A 153 -33.94 -26.55 -1.54
C LEU A 153 -35.40 -26.70 -1.12
N GLN A 154 -36.11 -25.58 -1.01
CA GLN A 154 -37.51 -25.55 -0.61
C GLN A 154 -38.38 -25.51 -1.86
N VAL A 155 -39.18 -26.56 -2.06
CA VAL A 155 -40.02 -26.70 -3.24
C VAL A 155 -41.43 -26.31 -2.87
N PHE A 156 -41.93 -25.22 -3.45
CA PHE A 156 -43.36 -24.91 -3.39
C PHE A 156 -44.02 -25.55 -4.59
N ASP A 157 -45.11 -26.24 -4.34
CA ASP A 157 -45.84 -26.98 -5.36
C ASP A 157 -47.03 -26.12 -5.77
N ALA A 158 -46.86 -25.38 -6.87
CA ALA A 158 -47.93 -24.55 -7.41
C ALA A 158 -48.65 -25.24 -8.55
N ARG A 159 -48.63 -26.58 -8.57
CA ARG A 159 -49.17 -27.32 -9.71
C ARG A 159 -50.68 -27.16 -9.85
N ASP A 160 -51.39 -26.83 -8.77
CA ASP A 160 -52.80 -26.51 -8.87
C ASP A 160 -53.02 -25.01 -9.08
N CYS A 161 -52.32 -24.43 -10.03
CA CYS A 161 -52.42 -23.01 -10.32
C CYS A 161 -53.38 -22.77 -11.48
N ARG A 162 -54.07 -21.64 -11.40
CA ARG A 162 -54.95 -21.18 -12.49
C ARG A 162 -55.06 -19.67 -12.38
N SER A 163 -54.65 -18.96 -13.44
CA SER A 163 -54.63 -17.51 -13.61
C SER A 163 -53.33 -16.87 -13.14
N ALA A 164 -52.95 -15.77 -13.81
CA ALA A 164 -51.76 -15.03 -13.42
C ALA A 164 -51.92 -14.38 -12.05
N GLN A 165 -53.15 -14.07 -11.66
CA GLN A 165 -53.40 -13.59 -10.31
C GLN A 165 -52.91 -14.61 -9.29
N GLU A 166 -53.04 -15.89 -9.61
CA GLU A 166 -52.61 -16.93 -8.68
C GLU A 166 -51.09 -17.02 -8.62
N MET A 167 -50.44 -17.12 -9.79
CA MET A 167 -48.98 -17.12 -9.84
C MET A 167 -48.43 -15.99 -9.00
N PHE A 168 -48.98 -14.78 -9.19
CA PHE A 168 -48.47 -13.61 -8.53
C PHE A 168 -48.35 -13.81 -7.02
N THR A 169 -49.37 -14.41 -6.39
CA THR A 169 -49.23 -14.70 -4.96
C THR A 169 -48.35 -15.92 -4.70
N TYR A 170 -48.34 -16.90 -5.62
CA TYR A 170 -47.36 -17.98 -5.54
C TYR A 170 -45.95 -17.44 -5.63
N ILE A 171 -45.71 -16.55 -6.60
CA ILE A 171 -44.42 -15.92 -6.76
C ILE A 171 -44.11 -15.05 -5.57
N CYS A 172 -45.12 -14.30 -5.10
CA CYS A 172 -44.92 -13.39 -3.98
C CYS A 172 -44.59 -14.13 -2.70
N ASN A 173 -45.16 -15.32 -2.51
CA ASN A 173 -44.83 -16.11 -1.32
C ASN A 173 -43.39 -16.58 -1.39
N HIS A 174 -43.02 -17.21 -2.51
CA HIS A 174 -41.63 -17.54 -2.81
C HIS A 174 -40.70 -16.38 -2.53
N ILE A 175 -40.94 -15.25 -3.21
CA ILE A 175 -40.05 -14.10 -3.07
C ILE A 175 -39.86 -13.74 -1.60
N LYS A 176 -40.96 -13.60 -0.86
CA LYS A 176 -40.82 -13.25 0.55
C LYS A 176 -40.23 -14.42 1.35
N TYR A 177 -40.57 -15.66 0.99
CA TYR A 177 -39.92 -16.80 1.64
C TYR A 177 -38.44 -16.82 1.34
N ALA A 178 -38.08 -16.80 0.05
CA ALA A 178 -36.67 -16.85 -0.31
C ALA A 178 -35.92 -15.66 0.26
N THR A 179 -36.49 -14.45 0.16
CA THR A 179 -35.80 -13.27 0.65
C THR A 179 -35.60 -13.33 2.16
N ASN A 180 -36.67 -13.55 2.91
CA ASN A 180 -36.56 -13.87 4.33
C ASN A 180 -35.78 -12.80 5.08
N ARG A 181 -36.04 -11.54 4.74
CA ARG A 181 -35.40 -10.39 5.39
C ARG A 181 -33.90 -10.37 5.17
N GLY A 182 -33.43 -11.00 4.11
CA GLY A 182 -32.02 -10.99 3.76
C GLY A 182 -31.26 -12.25 4.13
N ASN A 183 -31.85 -13.13 4.93
CA ASN A 183 -31.24 -14.44 5.19
C ASN A 183 -31.81 -15.39 4.13
N LEU A 184 -31.25 -15.28 2.92
CA LEU A 184 -31.86 -15.91 1.75
C LEU A 184 -31.88 -17.43 1.90
N ARG A 185 -32.92 -18.03 1.32
CA ARG A 185 -33.16 -19.47 1.37
C ARG A 185 -33.54 -19.92 -0.02
N SER A 186 -32.87 -20.96 -0.50
CA SER A 186 -33.10 -21.46 -1.85
C SER A 186 -34.53 -21.96 -1.98
N ALA A 187 -35.22 -21.48 -3.00
CA ALA A 187 -36.61 -21.85 -3.20
C ALA A 187 -36.89 -21.94 -4.68
N ILE A 188 -37.74 -22.88 -5.04
CA ILE A 188 -38.29 -22.99 -6.37
C ILE A 188 -39.79 -23.17 -6.25
N THR A 189 -40.55 -22.42 -7.02
CA THR A 189 -41.99 -22.63 -7.16
C THR A 189 -42.22 -23.31 -8.49
N VAL A 190 -42.94 -24.42 -8.48
CA VAL A 190 -43.19 -25.21 -9.68
C VAL A 190 -44.67 -25.05 -10.03
N PHE A 191 -44.93 -24.37 -11.12
CA PHE A 191 -46.27 -24.15 -11.64
C PHE A 191 -46.69 -25.34 -12.49
N PRO A 192 -47.96 -25.43 -12.91
CA PRO A 192 -48.45 -26.65 -13.56
C PRO A 192 -47.62 -27.03 -14.77
N GLN A 193 -47.39 -28.34 -14.91
CA GLN A 193 -46.69 -28.85 -16.06
C GLN A 193 -47.48 -28.58 -17.34
N ARG A 194 -46.77 -28.61 -18.47
CA ARG A 194 -47.38 -28.38 -19.77
C ARG A 194 -48.13 -29.62 -20.24
N CYS A 195 -49.26 -29.40 -20.91
CA CYS A 195 -50.04 -30.45 -21.54
C CYS A 195 -50.45 -29.98 -22.93
N PRO A 196 -50.66 -30.91 -23.87
CA PRO A 196 -51.00 -30.50 -25.24
C PRO A 196 -52.36 -29.82 -25.32
N GLY A 197 -52.62 -29.22 -26.47
CA GLY A 197 -53.90 -28.59 -26.76
C GLY A 197 -54.22 -27.36 -25.92
N ARG A 198 -53.67 -27.30 -24.72
CA ARG A 198 -53.82 -26.18 -23.81
C ARG A 198 -52.52 -25.38 -23.80
N GLY A 199 -52.63 -24.12 -23.40
CA GLY A 199 -51.50 -23.21 -23.37
C GLY A 199 -50.40 -23.55 -22.38
N ASP A 200 -49.76 -22.54 -21.81
CA ASP A 200 -48.60 -22.75 -20.95
C ASP A 200 -48.48 -21.62 -19.95
N PHE A 201 -48.08 -21.97 -18.73
CA PHE A 201 -47.67 -20.97 -17.76
C PHE A 201 -46.26 -20.48 -18.08
N ARG A 202 -46.08 -19.16 -18.13
CA ARG A 202 -44.79 -18.55 -18.37
C ARG A 202 -44.68 -17.27 -17.55
N ILE A 203 -43.52 -17.05 -16.94
CA ILE A 203 -43.13 -15.71 -16.51
C ILE A 203 -42.31 -15.10 -17.64
N TRP A 204 -42.73 -13.93 -18.13
CA TRP A 204 -42.07 -13.34 -19.28
C TRP A 204 -40.73 -12.71 -18.94
N ASN A 205 -40.57 -12.26 -17.70
CA ASN A 205 -39.29 -11.73 -17.26
C ASN A 205 -38.29 -12.86 -17.14
N SER A 206 -37.02 -12.54 -17.43
CA SER A 206 -35.94 -13.51 -17.22
C SER A 206 -35.78 -13.81 -15.73
N GLN A 207 -35.93 -12.81 -14.89
CA GLN A 207 -35.84 -12.97 -13.45
C GLN A 207 -37.06 -12.33 -12.80
N LEU A 208 -37.25 -12.63 -11.51
CA LEU A 208 -38.36 -12.01 -10.80
C LEU A 208 -38.05 -10.55 -10.49
N VAL A 209 -36.78 -10.22 -10.28
CA VAL A 209 -36.35 -8.84 -10.10
C VAL A 209 -35.49 -8.47 -11.30
N ARG A 210 -35.93 -7.45 -12.05
CA ARG A 210 -35.18 -6.94 -13.18
C ARG A 210 -35.29 -5.43 -13.19
N TYR A 211 -34.18 -4.76 -13.48
CA TYR A 211 -34.18 -3.30 -13.54
C TYR A 211 -34.53 -2.84 -14.94
N ALA A 212 -35.26 -1.73 -15.03
CA ALA A 212 -35.70 -1.26 -16.33
C ALA A 212 -34.52 -0.80 -17.17
N GLY A 213 -34.72 -0.83 -18.49
CA GLY A 213 -33.78 -0.25 -19.44
C GLY A 213 -34.49 0.55 -20.53
N TYR A 214 -34.18 1.84 -20.66
CA TYR A 214 -34.89 2.74 -21.55
C TYR A 214 -33.95 3.37 -22.56
N ARG A 215 -34.39 3.46 -23.82
CA ARG A 215 -33.67 4.20 -24.85
C ARG A 215 -34.03 5.68 -24.78
N GLN A 216 -33.40 6.48 -25.63
CA GLN A 216 -33.64 7.93 -25.62
C GLN A 216 -33.53 8.48 -27.04
N GLN A 217 -33.48 9.82 -27.13
CA GLN A 217 -33.33 10.53 -28.39
C GLN A 217 -31.93 10.30 -28.97
N ASP A 218 -31.21 9.35 -28.38
CA ASP A 218 -29.90 8.96 -28.88
C ASP A 218 -29.64 7.46 -28.77
N GLY A 219 -30.64 6.66 -28.42
CA GLY A 219 -30.52 5.20 -28.41
C GLY A 219 -29.93 4.54 -27.18
N SER A 220 -28.86 5.10 -26.62
CA SER A 220 -28.21 4.52 -25.45
C SER A 220 -29.21 4.31 -24.31
N VAL A 221 -28.91 3.40 -23.40
CA VAL A 221 -29.88 2.90 -22.44
C VAL A 221 -29.58 3.48 -21.07
N ARG A 222 -30.60 4.07 -20.45
CA ARG A 222 -30.60 4.39 -19.02
C ARG A 222 -31.24 3.23 -18.28
N GLY A 223 -30.55 2.71 -17.27
CA GLY A 223 -30.95 1.46 -16.64
C GLY A 223 -30.19 0.25 -17.18
N ASP A 224 -30.77 -0.92 -16.98
CA ASP A 224 -30.13 -2.16 -17.36
C ASP A 224 -30.38 -2.46 -18.83
N PRO A 225 -29.33 -2.47 -19.66
CA PRO A 225 -29.51 -2.77 -21.08
C PRO A 225 -29.90 -4.22 -21.34
N ALA A 226 -29.64 -5.14 -20.41
CA ALA A 226 -30.08 -6.52 -20.62
C ALA A 226 -31.59 -6.66 -20.57
N ASN A 227 -32.30 -5.68 -19.99
CA ASN A 227 -33.75 -5.77 -19.81
C ASN A 227 -34.51 -4.78 -20.67
N VAL A 228 -33.84 -4.12 -21.61
CA VAL A 228 -34.44 -3.17 -22.55
C VAL A 228 -35.70 -3.74 -23.20
N GLU A 229 -35.65 -5.01 -23.58
CA GLU A 229 -36.75 -5.62 -24.33
C GLU A 229 -37.96 -5.88 -23.43
N ILE A 230 -37.76 -6.57 -22.31
CA ILE A 230 -38.88 -6.81 -21.41
C ILE A 230 -39.39 -5.50 -20.83
N THR A 231 -38.50 -4.50 -20.72
CA THR A 231 -38.94 -3.17 -20.31
C THR A 231 -39.90 -2.58 -21.33
N GLU A 232 -39.57 -2.67 -22.62
CA GLU A 232 -40.47 -2.14 -23.64
C GLU A 232 -41.74 -2.99 -23.75
N LEU A 233 -41.66 -4.28 -23.43
CA LEU A 233 -42.88 -5.08 -23.37
C LEU A 233 -43.76 -4.61 -22.22
N CYS A 234 -43.18 -4.45 -21.03
CA CYS A 234 -43.96 -3.99 -19.87
C CYS A 234 -44.67 -2.68 -20.16
N ILE A 235 -43.98 -1.76 -20.85
CA ILE A 235 -44.62 -0.50 -21.23
C ILE A 235 -45.73 -0.75 -22.23
N GLN A 236 -45.49 -1.62 -23.21
CA GLN A 236 -46.51 -1.95 -24.20
C GLN A 236 -47.78 -2.46 -23.52
N HIS A 237 -47.63 -3.28 -22.49
CA HIS A 237 -48.78 -3.79 -21.75
C HIS A 237 -49.18 -2.80 -20.66
N GLY A 238 -48.92 -1.52 -20.90
CA GLY A 238 -49.45 -0.45 -20.08
C GLY A 238 -48.83 -0.26 -18.71
N TRP A 239 -47.50 -0.15 -18.66
CA TRP A 239 -46.79 0.21 -17.44
C TRP A 239 -46.20 1.59 -17.60
N THR A 240 -46.42 2.45 -16.62
CA THR A 240 -45.88 3.80 -16.64
C THR A 240 -44.36 3.72 -16.44
N PRO A 241 -43.54 4.09 -17.43
CA PRO A 241 -42.09 4.00 -17.26
C PRO A 241 -41.59 4.99 -16.22
N GLY A 242 -40.68 4.51 -15.37
CA GLY A 242 -39.96 5.39 -14.47
C GLY A 242 -38.89 6.17 -15.20
N ASN A 243 -38.19 7.01 -14.44
CA ASN A 243 -37.12 7.82 -15.02
C ASN A 243 -35.75 7.18 -14.86
N GLY A 244 -35.56 6.32 -13.85
CA GLY A 244 -34.25 6.03 -13.30
C GLY A 244 -33.54 4.80 -13.85
N ARG A 245 -32.33 4.61 -13.33
CA ARG A 245 -31.44 3.52 -13.72
C ARG A 245 -31.73 2.22 -12.99
N PHE A 246 -32.44 2.27 -11.87
CA PHE A 246 -32.73 1.11 -11.06
C PHE A 246 -34.22 1.01 -10.74
N ASP A 247 -35.05 1.21 -11.77
CA ASP A 247 -36.49 0.96 -11.64
C ASP A 247 -36.74 -0.53 -11.71
N VAL A 248 -37.30 -1.09 -10.63
CA VAL A 248 -37.67 -2.50 -10.65
C VAL A 248 -38.84 -2.69 -11.60
N LEU A 249 -38.63 -3.49 -12.64
CA LEU A 249 -39.68 -3.75 -13.61
C LEU A 249 -40.89 -4.39 -12.93
N PRO A 250 -42.05 -4.28 -13.55
CA PRO A 250 -43.20 -5.10 -13.15
C PRO A 250 -43.14 -6.47 -13.82
N LEU A 251 -43.86 -7.42 -13.22
CA LEU A 251 -43.91 -8.78 -13.73
C LEU A 251 -44.96 -8.89 -14.84
N LEU A 252 -44.65 -9.72 -15.85
CA LEU A 252 -45.61 -10.07 -16.88
C LEU A 252 -45.84 -11.57 -16.77
N LEU A 253 -46.99 -11.96 -16.21
CA LEU A 253 -47.30 -13.34 -15.93
C LEU A 253 -48.38 -13.83 -16.89
N GLN A 254 -48.26 -15.09 -17.31
CA GLN A 254 -49.01 -15.62 -18.44
C GLN A 254 -49.67 -16.94 -18.07
N ALA A 255 -50.98 -16.91 -17.78
CA ALA A 255 -51.78 -18.12 -17.65
C ALA A 255 -52.09 -18.69 -19.05
N PRO A 256 -52.35 -19.99 -19.15
CA PRO A 256 -52.52 -20.60 -20.48
C PRO A 256 -53.53 -19.86 -21.35
N ASP A 257 -53.19 -19.71 -22.62
CA ASP A 257 -54.08 -19.17 -23.65
C ASP A 257 -54.70 -17.83 -23.26
N GLU A 258 -54.01 -17.08 -22.40
CA GLU A 258 -54.45 -15.74 -22.08
C GLU A 258 -53.27 -14.78 -22.24
N PRO A 259 -53.52 -13.56 -22.72
CA PRO A 259 -52.43 -12.59 -22.89
C PRO A 259 -51.83 -12.23 -21.55
N PRO A 260 -50.58 -11.77 -21.50
CA PRO A 260 -49.91 -11.55 -20.23
C PRO A 260 -50.57 -10.43 -19.44
N GLU A 261 -50.41 -10.50 -18.12
CA GLU A 261 -51.00 -9.52 -17.21
C GLU A 261 -49.89 -8.84 -16.41
N LEU A 262 -49.88 -7.51 -16.46
CA LEU A 262 -48.97 -6.72 -15.66
C LEU A 262 -49.23 -6.90 -14.17
N PHE A 263 -48.16 -7.07 -13.40
CA PHE A 263 -48.24 -7.13 -11.94
C PHE A 263 -47.16 -6.26 -11.34
N LEU A 264 -47.55 -5.37 -10.44
CA LEU A 264 -46.61 -4.51 -9.74
C LEU A 264 -46.14 -5.23 -8.48
N LEU A 265 -44.83 -5.40 -8.35
CA LEU A 265 -44.28 -6.10 -7.21
C LEU A 265 -44.32 -5.20 -5.98
N PRO A 266 -44.82 -5.70 -4.84
CA PRO A 266 -44.80 -4.89 -3.62
C PRO A 266 -43.40 -4.42 -3.30
N PRO A 267 -43.19 -3.10 -3.24
CA PRO A 267 -41.83 -2.59 -3.00
C PRO A 267 -41.17 -3.15 -1.76
N GLU A 268 -41.92 -3.31 -0.68
CA GLU A 268 -41.35 -3.92 0.53
C GLU A 268 -41.04 -5.40 0.32
N LEU A 269 -41.53 -6.01 -0.75
CA LEU A 269 -41.14 -7.37 -1.08
C LEU A 269 -39.82 -7.44 -1.81
N VAL A 270 -39.41 -6.37 -2.50
CA VAL A 270 -38.21 -6.39 -3.33
C VAL A 270 -37.08 -5.84 -2.47
N LEU A 271 -36.37 -6.74 -1.79
CA LEU A 271 -35.23 -6.31 -0.97
C LEU A 271 -34.06 -5.92 -1.86
N GLU A 272 -33.60 -4.68 -1.72
CA GLU A 272 -32.47 -4.20 -2.49
C GLU A 272 -31.37 -3.73 -1.56
N VAL A 273 -30.18 -3.59 -2.13
CA VAL A 273 -28.99 -3.22 -1.37
C VAL A 273 -28.36 -2.02 -2.05
N PRO A 274 -28.44 -0.83 -1.48
CA PRO A 274 -27.66 0.29 -2.00
C PRO A 274 -26.19 0.00 -1.85
N LEU A 275 -25.41 0.29 -2.88
CA LEU A 275 -24.02 -0.09 -2.89
C LEU A 275 -23.17 1.07 -2.37
N GLU A 276 -22.34 0.77 -1.38
CA GLU A 276 -21.35 1.70 -0.89
C GLU A 276 -20.01 0.98 -0.76
N HIS A 277 -18.97 1.73 -0.63
CA HIS A 277 -17.70 1.06 -0.49
C HIS A 277 -17.13 1.34 0.91
N PRO A 278 -16.48 0.37 1.54
CA PRO A 278 -15.95 0.62 2.90
C PRO A 278 -15.06 1.84 3.03
N THR A 279 -14.11 2.06 2.11
CA THR A 279 -13.19 3.17 2.28
C THR A 279 -13.33 4.24 1.21
N LEU A 280 -13.98 3.95 0.09
CA LEU A 280 -14.22 4.95 -0.95
C LEU A 280 -15.59 5.58 -0.69
N GLU A 281 -15.61 6.60 0.18
CA GLU A 281 -16.85 7.19 0.63
C GLU A 281 -17.72 7.68 -0.52
N TRP A 282 -17.12 8.07 -1.64
CA TRP A 282 -17.87 8.56 -2.79
C TRP A 282 -18.59 7.47 -3.55
N PHE A 283 -18.30 6.18 -3.30
CA PHE A 283 -18.95 5.12 -4.05
C PHE A 283 -20.46 5.14 -3.85
N ALA A 284 -20.90 5.33 -2.60
CA ALA A 284 -22.32 5.47 -2.33
C ALA A 284 -22.95 6.55 -3.21
N ALA A 285 -22.23 7.64 -3.45
CA ALA A 285 -22.81 8.73 -4.23
C ALA A 285 -23.09 8.34 -5.67
N LEU A 286 -22.45 7.28 -6.18
CA LEU A 286 -22.75 6.81 -7.53
C LEU A 286 -24.16 6.26 -7.65
N GLY A 287 -24.88 6.06 -6.55
CA GLY A 287 -26.28 5.67 -6.60
C GLY A 287 -26.55 4.26 -7.07
N LEU A 288 -25.58 3.36 -6.92
CA LEU A 288 -25.73 2.01 -7.43
C LEU A 288 -26.49 1.15 -6.42
N ARG A 289 -27.31 0.24 -6.95
CA ARG A 289 -28.05 -0.72 -6.16
C ARG A 289 -28.07 -2.04 -6.91
N TRP A 290 -28.25 -3.13 -6.16
CA TRP A 290 -28.72 -4.37 -6.76
C TRP A 290 -29.73 -5.03 -5.84
N TYR A 291 -30.48 -5.98 -6.40
CA TYR A 291 -31.50 -6.65 -5.61
C TYR A 291 -30.92 -7.87 -4.92
N ALA A 292 -31.62 -8.28 -3.86
CA ALA A 292 -31.12 -9.35 -2.99
C ALA A 292 -31.32 -10.72 -3.62
N LEU A 293 -32.38 -10.89 -4.39
CA LEU A 293 -32.85 -12.23 -4.75
C LEU A 293 -32.60 -12.58 -6.20
N PRO A 294 -31.62 -13.48 -6.52
CA PRO A 294 -31.45 -13.96 -7.89
C PRO A 294 -32.49 -15.02 -8.19
N ALA A 295 -33.53 -14.68 -8.95
CA ALA A 295 -34.70 -15.55 -9.08
C ALA A 295 -34.99 -15.74 -10.56
N VAL A 296 -34.52 -16.85 -11.11
CA VAL A 296 -34.61 -17.11 -12.55
C VAL A 296 -36.01 -17.60 -12.89
N SER A 297 -36.68 -16.86 -13.76
CA SER A 297 -38.10 -17.08 -14.05
C SER A 297 -38.37 -17.32 -15.52
N ASN A 298 -37.37 -17.76 -16.29
CA ASN A 298 -37.57 -18.01 -17.71
C ASN A 298 -37.09 -19.39 -18.17
N MET A 299 -36.64 -20.23 -17.27
CA MET A 299 -36.14 -21.55 -17.63
C MET A 299 -37.19 -22.61 -17.38
N LEU A 300 -36.99 -23.76 -18.00
CA LEU A 300 -37.99 -24.83 -18.09
C LEU A 300 -37.47 -26.04 -17.32
N LEU A 301 -38.04 -26.27 -16.15
CA LEU A 301 -37.75 -27.46 -15.38
C LEU A 301 -38.27 -28.69 -16.12
N GLU A 302 -37.47 -29.74 -16.14
CA GLU A 302 -37.79 -30.97 -16.85
C GLU A 302 -37.52 -32.12 -15.92
N ILE A 303 -38.58 -32.80 -15.47
CA ILE A 303 -38.46 -33.94 -14.57
C ILE A 303 -39.22 -35.11 -15.18
N GLY A 304 -38.55 -36.26 -15.28
CA GLY A 304 -39.23 -37.47 -15.72
C GLY A 304 -40.01 -37.33 -17.01
N GLY A 305 -39.51 -36.52 -17.94
CA GLY A 305 -40.22 -36.26 -19.17
C GLY A 305 -41.28 -35.19 -19.07
N LEU A 306 -41.55 -34.66 -17.89
CA LEU A 306 -42.53 -33.58 -17.72
C LEU A 306 -41.82 -32.24 -17.79
N GLU A 307 -42.42 -31.30 -18.51
CA GLU A 307 -41.84 -30.00 -18.76
C GLU A 307 -42.68 -28.92 -18.07
N PHE A 308 -42.05 -28.18 -17.16
CA PHE A 308 -42.71 -27.10 -16.43
C PHE A 308 -42.12 -25.79 -16.94
N PRO A 309 -42.73 -25.14 -17.94
CA PRO A 309 -42.16 -23.90 -18.48
C PRO A 309 -42.17 -22.72 -17.51
N ALA A 310 -42.83 -22.85 -16.35
CA ALA A 310 -42.81 -21.81 -15.31
C ALA A 310 -42.45 -22.50 -14.00
N ALA A 311 -41.18 -22.39 -13.60
CA ALA A 311 -40.70 -22.97 -12.35
C ALA A 311 -39.61 -22.09 -11.79
N PRO A 312 -39.96 -20.89 -11.29
CA PRO A 312 -38.94 -19.94 -10.85
C PRO A 312 -38.14 -20.47 -9.67
N PHE A 313 -36.83 -20.59 -9.87
CA PHE A 313 -35.92 -20.98 -8.81
C PHE A 313 -35.07 -19.78 -8.40
N SER A 314 -34.67 -19.77 -7.14
CA SER A 314 -33.90 -18.68 -6.60
C SER A 314 -32.91 -19.25 -5.58
N GLY A 315 -31.84 -18.52 -5.36
CA GLY A 315 -30.85 -18.89 -4.37
C GLY A 315 -30.33 -17.63 -3.74
N TRP A 316 -29.02 -17.46 -3.73
CA TRP A 316 -28.43 -16.17 -3.39
C TRP A 316 -27.28 -15.92 -4.35
N TYR A 317 -26.89 -14.66 -4.44
CA TYR A 317 -25.90 -14.22 -5.41
C TYR A 317 -24.49 -14.62 -4.98
N MET A 318 -23.67 -14.96 -5.96
CA MET A 318 -22.23 -14.81 -5.84
C MET A 318 -21.89 -13.39 -6.23
N SER A 319 -20.96 -12.77 -5.51
CA SER A 319 -20.74 -11.33 -5.69
C SER A 319 -20.31 -10.96 -7.11
N THR A 320 -19.49 -11.80 -7.79
CA THR A 320 -19.01 -11.41 -9.11
C THR A 320 -20.17 -11.27 -10.09
N GLU A 321 -21.24 -12.02 -9.89
CA GLU A 321 -22.42 -11.89 -10.74
C GLU A 321 -22.89 -10.43 -10.78
N ILE A 322 -22.93 -9.79 -9.61
CA ILE A 322 -23.38 -8.41 -9.52
C ILE A 322 -22.26 -7.44 -9.84
N GLY A 323 -21.14 -7.56 -9.12
CA GLY A 323 -20.09 -6.55 -9.20
C GLY A 323 -19.27 -6.64 -10.47
N THR A 324 -19.10 -7.83 -11.02
CA THR A 324 -18.36 -7.98 -12.26
C THR A 324 -19.28 -7.97 -13.48
N ARG A 325 -20.17 -8.95 -13.59
CA ARG A 325 -20.97 -9.10 -14.80
C ARG A 325 -22.03 -8.00 -14.92
N ASN A 326 -22.87 -7.85 -13.89
CA ASN A 326 -24.03 -6.95 -14.02
C ASN A 326 -23.59 -5.50 -14.09
N LEU A 327 -22.63 -5.11 -13.27
CA LEU A 327 -22.24 -3.71 -13.20
C LEU A 327 -21.15 -3.35 -14.20
N CYS A 328 -20.27 -4.29 -14.57
CA CYS A 328 -19.10 -3.95 -15.38
C CYS A 328 -19.12 -4.49 -16.81
N ASP A 329 -20.00 -5.42 -17.16
CA ASP A 329 -20.08 -5.85 -18.54
C ASP A 329 -20.32 -4.64 -19.44
N PRO A 330 -19.65 -4.57 -20.59
CA PRO A 330 -19.83 -3.39 -21.47
C PRO A 330 -21.25 -3.22 -21.93
N HIS A 331 -22.00 -4.30 -22.05
CA HIS A 331 -23.39 -4.25 -22.52
C HIS A 331 -24.37 -4.26 -21.35
N ARG A 332 -23.88 -4.13 -20.13
CA ARG A 332 -24.69 -4.07 -18.93
C ARG A 332 -24.61 -2.65 -18.38
N TYR A 333 -24.47 -2.46 -17.06
CA TYR A 333 -24.40 -1.09 -16.55
C TYR A 333 -23.10 -0.41 -16.93
N ASN A 334 -22.04 -1.17 -17.20
CA ASN A 334 -20.82 -0.62 -17.80
C ASN A 334 -20.25 0.53 -16.97
N ILE A 335 -20.23 0.35 -15.66
CA ILE A 335 -19.79 1.41 -14.74
C ILE A 335 -18.28 1.45 -14.56
N LEU A 336 -17.53 0.60 -15.26
CA LEU A 336 -16.13 0.40 -14.88
C LEU A 336 -15.32 1.69 -14.95
N GLU A 337 -15.43 2.41 -16.05
CA GLU A 337 -14.64 3.61 -16.24
C GLU A 337 -15.06 4.71 -15.26
N ASP A 338 -16.36 4.77 -14.94
CA ASP A 338 -16.85 5.75 -13.99
C ASP A 338 -16.19 5.56 -12.64
N VAL A 339 -16.16 4.34 -12.13
CA VAL A 339 -15.48 4.05 -10.88
C VAL A 339 -14.00 4.39 -10.99
N ALA A 340 -13.39 4.06 -12.14
CA ALA A 340 -11.97 4.34 -12.31
C ALA A 340 -11.70 5.85 -12.31
N VAL A 341 -12.57 6.62 -12.96
CA VAL A 341 -12.43 8.07 -12.88
C VAL A 341 -12.43 8.51 -11.42
N CYS A 342 -13.40 8.01 -10.64
CA CYS A 342 -13.50 8.41 -9.24
C CYS A 342 -12.34 7.92 -8.40
N MET A 343 -11.69 6.83 -8.79
CA MET A 343 -10.51 6.39 -8.06
C MET A 343 -9.25 7.07 -8.54
N ASP A 344 -9.39 8.01 -9.50
CA ASP A 344 -8.27 8.73 -10.11
C ASP A 344 -7.24 7.79 -10.75
N LEU A 345 -7.72 6.73 -11.38
CA LEU A 345 -6.82 5.77 -12.02
C LEU A 345 -6.42 6.23 -13.42
N ASP A 346 -5.29 5.73 -13.89
CA ASP A 346 -4.82 6.11 -15.21
C ASP A 346 -5.62 5.34 -16.26
N THR A 347 -6.76 5.91 -16.65
CA THR A 347 -7.56 5.30 -17.71
C THR A 347 -6.95 5.50 -19.09
N ARG A 348 -5.79 6.12 -19.20
CA ARG A 348 -5.23 6.46 -20.51
C ARG A 348 -4.40 5.33 -21.10
N THR A 349 -4.04 4.32 -20.31
CA THR A 349 -3.27 3.19 -20.80
C THR A 349 -3.82 1.90 -20.19
N THR A 350 -3.97 0.87 -21.04
CA THR A 350 -4.52 -0.39 -20.56
C THR A 350 -3.64 -1.02 -19.49
N SER A 351 -2.35 -0.74 -19.53
CA SER A 351 -1.34 -1.44 -18.74
C SER A 351 -1.25 -0.95 -17.31
N SER A 352 -2.00 0.10 -16.96
CA SER A 352 -2.14 0.52 -15.58
C SER A 352 -3.03 -0.43 -14.80
N LEU A 353 -3.71 -1.34 -15.52
CA LEU A 353 -4.72 -2.23 -14.97
C LEU A 353 -5.82 -1.47 -14.22
N TRP A 354 -6.17 -0.28 -14.72
CA TRP A 354 -7.26 0.47 -14.09
C TRP A 354 -8.57 -0.34 -14.10
N LYS A 355 -8.85 -1.03 -15.20
CA LYS A 355 -10.05 -1.88 -15.27
C LYS A 355 -10.04 -2.91 -14.15
N ASP A 356 -8.96 -3.69 -14.08
CA ASP A 356 -8.83 -4.68 -13.02
C ASP A 356 -9.03 -4.06 -11.65
N LYS A 357 -8.37 -2.93 -11.40
CA LYS A 357 -8.40 -2.33 -10.07
C LYS A 357 -9.81 -1.86 -9.72
N ALA A 358 -10.48 -1.19 -10.66
CA ALA A 358 -11.81 -0.68 -10.39
C ALA A 358 -12.79 -1.81 -10.23
N ALA A 359 -12.62 -2.88 -11.02
CA ALA A 359 -13.53 -4.00 -10.90
C ALA A 359 -13.40 -4.63 -9.52
N VAL A 360 -12.17 -4.73 -8.99
CA VAL A 360 -12.03 -5.37 -7.69
C VAL A 360 -12.75 -4.56 -6.62
N GLU A 361 -12.67 -3.23 -6.70
CA GLU A 361 -13.35 -2.39 -5.72
C GLU A 361 -14.87 -2.49 -5.86
N ILE A 362 -15.38 -2.56 -7.09
CA ILE A 362 -16.82 -2.72 -7.28
C ILE A 362 -17.29 -4.00 -6.62
N ASN A 363 -16.53 -5.09 -6.81
CA ASN A 363 -16.86 -6.33 -6.13
C ASN A 363 -16.74 -6.18 -4.61
N VAL A 364 -15.72 -5.46 -4.16
CA VAL A 364 -15.59 -5.21 -2.72
C VAL A 364 -16.83 -4.47 -2.21
N ALA A 365 -17.31 -3.49 -2.98
CA ALA A 365 -18.49 -2.74 -2.54
C ALA A 365 -19.72 -3.63 -2.53
N VAL A 366 -19.82 -4.54 -3.51
CA VAL A 366 -20.96 -5.45 -3.52
C VAL A 366 -20.96 -6.30 -2.25
N LEU A 367 -19.84 -6.99 -2.00
CA LEU A 367 -19.71 -7.83 -0.82
C LEU A 367 -19.96 -7.04 0.45
N HIS A 368 -19.32 -5.88 0.58
CA HIS A 368 -19.45 -5.08 1.80
C HIS A 368 -20.89 -4.63 1.97
N SER A 369 -21.51 -4.13 0.90
CA SER A 369 -22.88 -3.64 0.98
C SER A 369 -23.85 -4.74 1.37
N TYR A 370 -23.71 -5.91 0.76
CA TYR A 370 -24.62 -7.01 1.09
C TYR A 370 -24.42 -7.48 2.52
N GLN A 371 -23.16 -7.57 2.97
CA GLN A 371 -22.91 -7.99 4.34
C GLN A 371 -23.42 -6.97 5.35
N LEU A 372 -23.32 -5.68 5.01
CA LEU A 372 -23.84 -4.67 5.95
C LEU A 372 -25.35 -4.70 5.98
N ALA A 373 -25.98 -4.85 4.81
CA ALA A 373 -27.42 -5.05 4.76
C ALA A 373 -27.84 -6.43 5.23
N LYS A 374 -26.92 -7.26 5.72
CA LYS A 374 -27.26 -8.60 6.23
C LYS A 374 -28.01 -9.40 5.16
N VAL A 375 -27.61 -9.24 3.92
CA VAL A 375 -28.19 -9.99 2.82
C VAL A 375 -27.19 -11.05 2.40
N THR A 376 -27.62 -12.31 2.41
CA THR A 376 -26.75 -13.43 2.08
C THR A 376 -26.07 -13.21 0.73
N ILE A 377 -24.73 -13.26 0.73
CA ILE A 377 -23.95 -13.22 -0.50
C ILE A 377 -22.67 -14.03 -0.29
N VAL A 378 -22.09 -14.53 -1.38
CA VAL A 378 -20.91 -15.38 -1.30
C VAL A 378 -19.90 -14.87 -2.33
N ASP A 379 -18.66 -14.74 -1.89
CA ASP A 379 -17.64 -14.25 -2.78
C ASP A 379 -17.14 -15.40 -3.65
N HIS A 380 -16.52 -15.06 -4.77
CA HIS A 380 -16.18 -16.10 -5.73
C HIS A 380 -15.10 -17.05 -5.22
N HIS A 381 -14.32 -16.65 -4.21
CA HIS A 381 -13.36 -17.58 -3.62
C HIS A 381 -14.05 -18.62 -2.74
N ALA A 382 -14.97 -18.16 -1.87
CA ALA A 382 -15.73 -19.10 -1.03
C ALA A 382 -16.57 -20.04 -1.89
N ALA A 383 -17.26 -19.47 -2.88
CA ALA A 383 -18.11 -20.25 -3.75
C ALA A 383 -17.33 -21.33 -4.49
N THR A 384 -16.21 -20.97 -5.13
CA THR A 384 -15.51 -22.00 -5.90
C THR A 384 -14.83 -23.01 -4.99
N ALA A 385 -14.40 -22.62 -3.79
CA ALA A 385 -13.86 -23.62 -2.87
C ALA A 385 -14.97 -24.58 -2.44
N SER A 386 -16.18 -24.08 -2.22
CA SER A 386 -17.30 -24.97 -1.90
CA SER A 386 -17.28 -24.97 -1.90
C SER A 386 -17.62 -25.87 -3.09
N PHE A 387 -17.40 -25.39 -4.31
CA PHE A 387 -17.70 -26.22 -5.46
C PHE A 387 -16.70 -27.35 -5.59
N MET A 388 -15.41 -27.07 -5.31
CA MET A 388 -14.43 -28.15 -5.27
C MET A 388 -14.82 -29.21 -4.26
N LYS A 389 -15.31 -28.78 -3.10
CA LYS A 389 -15.85 -29.72 -2.14
C LYS A 389 -17.01 -30.48 -2.75
N HIS A 390 -17.89 -29.77 -3.48
CA HIS A 390 -19.00 -30.41 -4.16
C HIS A 390 -18.50 -31.48 -5.11
N LEU A 391 -17.50 -31.16 -5.96
CA LEU A 391 -16.99 -32.14 -6.90
C LEU A 391 -16.51 -33.40 -6.17
N GLU A 392 -15.85 -33.23 -5.02
CA GLU A 392 -15.41 -34.41 -4.28
C GLU A 392 -16.61 -35.20 -3.76
N ASN A 393 -17.60 -34.51 -3.19
CA ASN A 393 -18.86 -35.17 -2.79
C ASN A 393 -19.44 -35.97 -3.96
N GLU A 394 -19.63 -35.31 -5.10
CA GLU A 394 -20.28 -35.95 -6.25
C GLU A 394 -19.44 -37.09 -6.81
N GLN A 395 -18.11 -36.97 -6.76
CA GLN A 395 -17.26 -38.07 -7.19
C GLN A 395 -17.56 -39.32 -6.38
N LYS A 396 -17.72 -39.18 -5.06
CA LYS A 396 -18.05 -40.32 -4.24
C LYS A 396 -19.51 -40.71 -4.39
N ALA A 397 -20.41 -39.73 -4.44
CA ALA A 397 -21.84 -40.03 -4.56
C ALA A 397 -22.16 -40.67 -5.91
N ARG A 398 -21.89 -39.96 -7.00
CA ARG A 398 -22.33 -40.39 -8.32
C ARG A 398 -21.19 -40.63 -9.29
N GLY A 399 -19.94 -40.59 -8.85
CA GLY A 399 -18.85 -40.87 -9.75
C GLY A 399 -18.58 -39.77 -10.75
N GLY A 400 -18.90 -38.54 -10.40
CA GLY A 400 -18.55 -37.41 -11.25
C GLY A 400 -19.59 -36.32 -11.12
N CYS A 401 -19.46 -35.32 -11.99
CA CYS A 401 -20.31 -34.15 -11.86
C CYS A 401 -20.26 -33.35 -13.15
N PRO A 402 -21.40 -33.08 -13.80
CA PRO A 402 -21.38 -32.25 -15.00
C PRO A 402 -21.08 -30.81 -14.62
N ALA A 403 -20.05 -30.26 -15.25
CA ALA A 403 -19.61 -28.93 -14.87
C ALA A 403 -19.15 -28.23 -16.12
N ASP A 404 -19.69 -27.03 -16.33
CA ASP A 404 -19.32 -26.16 -17.44
C ASP A 404 -18.20 -25.25 -16.96
N TRP A 405 -16.96 -25.58 -17.35
CA TRP A 405 -15.78 -24.86 -16.88
C TRP A 405 -15.91 -23.36 -17.09
N ALA A 406 -16.35 -22.96 -18.28
CA ALA A 406 -16.44 -21.54 -18.63
C ALA A 406 -17.36 -20.77 -17.69
N TRP A 407 -18.41 -21.40 -17.19
CA TRP A 407 -19.33 -20.71 -16.30
C TRP A 407 -19.04 -20.94 -14.82
N ILE A 408 -18.36 -22.04 -14.48
CA ILE A 408 -17.95 -22.28 -13.10
C ILE A 408 -16.80 -21.35 -12.70
N VAL A 409 -15.82 -21.18 -13.57
CA VAL A 409 -14.69 -20.30 -13.26
C VAL A 409 -15.16 -18.85 -13.20
N PRO A 410 -14.88 -18.12 -12.13
CA PRO A 410 -15.44 -16.78 -11.95
C PRO A 410 -14.92 -15.80 -12.99
N PRO A 411 -15.63 -14.68 -13.20
CA PRO A 411 -15.27 -13.77 -14.27
C PRO A 411 -14.19 -12.77 -13.91
N ILE A 412 -13.78 -12.72 -12.66
CA ILE A 412 -12.53 -12.08 -12.24
C ILE A 412 -11.71 -13.16 -11.53
N SER A 413 -10.40 -12.97 -11.56
CA SER A 413 -9.46 -13.74 -10.76
C SER A 413 -9.59 -15.25 -10.98
N GLY A 414 -9.95 -15.63 -12.19
CA GLY A 414 -10.22 -17.03 -12.52
C GLY A 414 -9.17 -18.00 -12.03
N SER A 415 -7.90 -17.77 -12.40
CA SER A 415 -6.89 -18.73 -11.96
C SER A 415 -6.53 -18.61 -10.51
N LEU A 416 -7.11 -17.65 -9.76
CA LEU A 416 -6.94 -17.56 -8.32
C LEU A 416 -7.91 -18.44 -7.55
N THR A 417 -8.90 -19.01 -8.22
CA THR A 417 -9.87 -19.95 -7.71
C THR A 417 -9.48 -21.37 -8.12
N PRO A 418 -9.71 -22.35 -7.25
CA PRO A 418 -9.26 -23.72 -7.56
C PRO A 418 -9.99 -24.39 -8.72
N VAL A 419 -11.20 -23.93 -9.07
CA VAL A 419 -11.92 -24.53 -10.19
C VAL A 419 -11.19 -24.27 -11.50
N PHE A 420 -10.38 -23.22 -11.56
CA PHE A 420 -9.64 -22.93 -12.78
C PHE A 420 -8.74 -24.11 -13.13
N HIS A 421 -8.06 -24.65 -12.13
CA HIS A 421 -7.10 -25.72 -12.31
C HIS A 421 -7.75 -27.11 -12.31
N GLN A 422 -9.08 -27.17 -12.26
CA GLN A 422 -9.82 -28.42 -12.31
C GLN A 422 -10.35 -28.63 -13.72
N GLU A 423 -9.87 -29.69 -14.37
CA GLU A 423 -10.56 -30.16 -15.56
C GLU A 423 -11.98 -30.60 -15.20
N MET A 424 -12.90 -30.43 -16.14
CA MET A 424 -14.31 -30.68 -15.92
C MET A 424 -14.91 -31.32 -17.16
N VAL A 425 -15.91 -32.16 -16.92
CA VAL A 425 -16.69 -32.79 -17.99
C VAL A 425 -18.09 -32.19 -17.96
N ASN A 426 -18.50 -31.68 -19.11
CA ASN A 426 -19.80 -31.05 -19.27
C ASN A 426 -20.69 -32.02 -20.04
N TYR A 427 -21.89 -32.23 -19.53
CA TYR A 427 -22.84 -33.13 -20.17
C TYR A 427 -24.21 -32.88 -19.55
N PHE A 428 -25.25 -33.31 -20.27
CA PHE A 428 -26.63 -33.08 -19.89
C PHE A 428 -27.17 -34.30 -19.15
N LEU A 429 -27.50 -34.13 -17.86
CA LEU A 429 -28.22 -35.14 -17.09
C LEU A 429 -29.67 -34.73 -16.88
N SER A 430 -30.54 -35.73 -16.73
CA SER A 430 -31.92 -35.43 -16.40
C SER A 430 -32.22 -35.96 -15.01
N PRO A 431 -33.01 -35.22 -14.19
CA PRO A 431 -33.73 -33.99 -14.56
C PRO A 431 -32.85 -32.76 -14.69
N ALA A 432 -33.40 -31.70 -15.30
CA ALA A 432 -32.57 -30.58 -15.69
C ALA A 432 -33.37 -29.30 -15.69
N PHE A 433 -32.67 -28.19 -15.49
CA PHE A 433 -33.15 -26.90 -15.96
C PHE A 433 -32.67 -26.71 -17.39
N ARG A 434 -33.61 -26.37 -18.27
CA ARG A 434 -33.33 -26.16 -19.68
C ARG A 434 -33.72 -24.75 -20.06
N TYR A 435 -32.99 -24.18 -21.01
CA TYR A 435 -33.39 -22.94 -21.63
C TYR A 435 -34.57 -23.18 -22.55
N GLN A 436 -35.34 -22.12 -22.79
CA GLN A 436 -36.54 -22.27 -23.59
C GLN A 436 -36.79 -20.98 -24.35
N PRO A 437 -37.53 -21.04 -25.45
CA PRO A 437 -37.79 -19.82 -26.23
C PRO A 437 -38.54 -18.79 -25.41
N ASP A 438 -38.26 -17.52 -25.70
CA ASP A 438 -39.07 -16.45 -25.14
C ASP A 438 -40.53 -16.66 -25.56
N PRO A 439 -41.48 -16.57 -24.64
CA PRO A 439 -42.87 -16.94 -24.97
C PRO A 439 -43.54 -15.98 -25.94
N TRP A 440 -42.85 -15.64 -27.03
CA TRP A 440 -43.41 -14.83 -28.10
C TRP A 440 -42.46 -14.84 -29.29
N PHE B 28 -22.27 -25.66 -39.77
CA PHE B 28 -21.84 -24.26 -39.70
C PHE B 28 -22.25 -23.62 -38.38
N PRO B 29 -21.38 -23.71 -37.37
CA PRO B 29 -21.72 -23.21 -36.03
C PRO B 29 -21.89 -21.71 -36.01
N ARG B 30 -23.02 -21.25 -35.47
CA ARG B 30 -23.24 -19.82 -35.27
C ARG B 30 -22.59 -19.36 -33.98
N VAL B 31 -21.94 -18.20 -34.03
CA VAL B 31 -21.05 -17.74 -32.98
C VAL B 31 -21.40 -16.29 -32.68
N LYS B 32 -21.90 -16.04 -31.48
CA LYS B 32 -22.34 -14.71 -31.09
C LYS B 32 -21.27 -14.02 -30.26
N ASN B 33 -21.17 -12.71 -30.41
CA ASN B 33 -20.43 -11.87 -29.48
C ASN B 33 -21.42 -11.17 -28.56
N TRP B 34 -21.30 -11.44 -27.28
CA TRP B 34 -22.32 -10.98 -26.34
C TRP B 34 -22.12 -9.55 -25.89
N GLU B 35 -20.95 -8.95 -26.16
CA GLU B 35 -20.76 -7.54 -25.83
C GLU B 35 -21.38 -6.62 -26.88
N VAL B 36 -21.24 -6.96 -28.15
CA VAL B 36 -21.71 -6.11 -29.25
C VAL B 36 -23.03 -6.63 -29.82
N GLY B 37 -23.27 -7.94 -29.73
CA GLY B 37 -24.35 -8.58 -30.44
C GLY B 37 -23.95 -9.21 -31.76
N SER B 38 -22.66 -9.16 -32.13
CA SER B 38 -22.22 -9.71 -33.41
C SER B 38 -22.58 -11.18 -33.54
N ILE B 39 -22.76 -11.62 -34.78
CA ILE B 39 -23.01 -13.02 -35.09
C ILE B 39 -22.25 -13.38 -36.35
N THR B 40 -21.47 -14.46 -36.29
CA THR B 40 -20.82 -15.04 -37.46
C THR B 40 -20.98 -16.54 -37.41
N TYR B 41 -20.70 -17.19 -38.53
CA TYR B 41 -20.73 -18.64 -38.63
C TYR B 41 -19.34 -19.11 -39.00
N ASP B 42 -18.83 -20.09 -38.25
CA ASP B 42 -17.46 -20.57 -38.42
C ASP B 42 -17.47 -21.68 -39.48
N THR B 43 -17.43 -21.28 -40.75
CA THR B 43 -17.35 -22.24 -41.85
C THR B 43 -16.01 -22.97 -41.88
N LEU B 44 -14.95 -22.37 -41.32
CA LEU B 44 -13.62 -22.98 -41.29
C LEU B 44 -13.56 -24.23 -40.42
N SER B 45 -14.45 -24.37 -39.42
CA SER B 45 -14.45 -25.56 -38.57
C SER B 45 -14.74 -26.83 -39.36
N ALA B 46 -15.54 -26.73 -40.44
CA ALA B 46 -15.84 -27.89 -41.24
C ALA B 46 -14.58 -28.53 -41.82
N GLN B 47 -13.52 -27.72 -41.99
CA GLN B 47 -12.24 -28.21 -42.48
C GLN B 47 -11.40 -28.86 -41.40
N ALA B 48 -11.86 -28.92 -40.15
CA ALA B 48 -11.07 -29.55 -39.11
C ALA B 48 -10.83 -31.01 -39.45
N GLN B 49 -9.61 -31.36 -39.85
CA GLN B 49 -9.35 -32.75 -40.25
C GLN B 49 -9.20 -33.62 -39.00
N GLN B 50 -8.12 -33.45 -38.25
CA GLN B 50 -7.91 -34.27 -37.07
C GLN B 50 -8.96 -33.95 -36.01
N ASP B 51 -9.17 -34.89 -35.10
CA ASP B 51 -10.32 -34.87 -34.20
C ASP B 51 -9.89 -34.76 -32.75
N GLY B 52 -10.67 -33.99 -31.98
CA GLY B 52 -10.40 -33.74 -30.58
C GLY B 52 -11.20 -34.62 -29.65
N PRO B 53 -11.36 -34.19 -28.40
CA PRO B 53 -11.87 -35.08 -27.34
C PRO B 53 -13.37 -35.04 -27.08
N CYS B 54 -14.10 -34.08 -27.64
CA CYS B 54 -15.50 -33.89 -27.33
C CYS B 54 -16.41 -34.76 -28.18
N THR B 55 -17.56 -35.10 -27.62
CA THR B 55 -18.63 -35.77 -28.34
C THR B 55 -19.92 -35.03 -28.11
N PRO B 56 -21.01 -35.42 -28.79
CA PRO B 56 -22.33 -34.88 -28.40
C PRO B 56 -22.73 -35.31 -27.01
N ARG B 57 -22.15 -36.40 -26.50
CA ARG B 57 -22.44 -36.87 -25.16
C ARG B 57 -21.82 -35.96 -24.11
N ARG B 58 -20.57 -35.55 -24.31
CA ARG B 58 -19.86 -34.81 -23.28
C ARG B 58 -18.77 -33.94 -23.89
N CYS B 59 -18.55 -32.80 -23.26
CA CYS B 59 -17.51 -31.86 -23.65
C CYS B 59 -16.29 -32.07 -22.74
N LEU B 60 -15.13 -32.27 -23.37
CA LEU B 60 -13.85 -32.28 -22.66
C LEU B 60 -12.97 -31.09 -23.06
N GLY B 61 -13.58 -30.03 -23.57
CA GLY B 61 -12.90 -28.78 -23.85
C GLY B 61 -11.89 -28.35 -22.80
N SER B 62 -12.25 -28.43 -21.52
CA SER B 62 -11.36 -28.04 -20.44
C SER B 62 -10.19 -29.00 -20.22
N LEU B 63 -10.07 -30.10 -20.96
CA LEU B 63 -8.90 -30.95 -20.75
C LEU B 63 -7.65 -30.21 -21.25
N VAL B 64 -6.60 -30.21 -20.43
CA VAL B 64 -5.35 -29.56 -20.83
C VAL B 64 -4.73 -30.29 -22.02
N PHE B 65 -4.71 -31.63 -21.97
CA PHE B 65 -4.17 -32.42 -23.07
C PHE B 65 -5.31 -33.20 -23.70
N PRO B 66 -5.99 -32.63 -24.70
CA PRO B 66 -6.84 -33.44 -25.58
C PRO B 66 -5.88 -34.15 -26.54
N ARG B 67 -6.26 -34.34 -27.80
CA ARG B 67 -5.24 -34.66 -28.81
C ARG B 67 -5.71 -34.27 -30.21
N ALA B 79 2.43 -46.16 -43.30
CA ALA B 79 1.25 -45.33 -43.52
C ALA B 79 1.48 -44.27 -44.62
N PRO B 80 1.83 -44.71 -45.84
CA PRO B 80 2.20 -43.72 -46.87
C PRO B 80 1.00 -42.94 -47.40
N GLU B 81 -0.15 -43.58 -47.53
CA GLU B 81 -1.30 -42.92 -48.15
C GLU B 81 -1.81 -41.74 -47.30
N GLN B 82 -1.71 -41.86 -45.97
CA GLN B 82 -2.21 -40.81 -45.12
C GLN B 82 -1.22 -39.66 -45.02
N LEU B 83 0.08 -39.97 -45.02
CA LEU B 83 1.09 -38.94 -45.20
C LEU B 83 0.84 -38.18 -46.49
N LEU B 84 0.42 -38.89 -47.54
CA LEU B 84 0.17 -38.25 -48.83
C LEU B 84 -0.95 -37.22 -48.75
N SER B 85 -2.03 -37.55 -48.06
CA SER B 85 -3.20 -36.67 -48.04
C SER B 85 -2.99 -35.47 -47.16
N GLN B 86 -2.28 -35.62 -46.03
CA GLN B 86 -1.85 -34.44 -45.29
C GLN B 86 -0.94 -33.59 -46.16
N ALA B 87 0.02 -34.22 -46.83
CA ALA B 87 0.92 -33.46 -47.70
C ALA B 87 0.14 -32.77 -48.80
N ARG B 88 -0.76 -33.51 -49.45
CA ARG B 88 -1.57 -32.97 -50.52
C ARG B 88 -2.31 -31.72 -50.05
N ASP B 89 -2.92 -31.81 -48.87
CA ASP B 89 -3.71 -30.70 -48.36
C ASP B 89 -2.83 -29.49 -48.07
N PHE B 90 -1.71 -29.70 -47.39
CA PHE B 90 -0.82 -28.58 -47.10
C PHE B 90 -0.34 -27.90 -48.36
N ILE B 91 0.09 -28.69 -49.36
CA ILE B 91 0.55 -28.10 -50.60
C ILE B 91 -0.58 -27.34 -51.28
N ASN B 92 -1.80 -27.89 -51.26
CA ASN B 92 -2.99 -27.13 -51.62
C ASN B 92 -3.01 -25.79 -50.88
N GLN B 93 -2.80 -25.84 -49.56
CA GLN B 93 -2.80 -24.62 -48.77
C GLN B 93 -1.73 -23.66 -49.26
N TYR B 94 -0.48 -24.14 -49.34
CA TYR B 94 0.63 -23.26 -49.73
C TYR B 94 0.36 -22.62 -51.08
N TYR B 95 -0.11 -23.42 -52.04
CA TYR B 95 -0.41 -22.89 -53.37
C TYR B 95 -1.63 -21.98 -53.38
N SER B 96 -2.59 -22.19 -52.47
CA SER B 96 -3.65 -21.20 -52.30
C SER B 96 -3.08 -19.86 -51.85
N SER B 97 -2.14 -19.88 -50.90
CA SER B 97 -1.64 -18.64 -50.30
C SER B 97 -0.83 -17.82 -51.29
N ILE B 98 -0.26 -18.44 -52.31
CA ILE B 98 0.57 -17.74 -53.28
C ILE B 98 -0.21 -17.45 -54.56
N LYS B 99 -1.55 -17.52 -54.50
CA LYS B 99 -2.43 -17.18 -55.63
C LYS B 99 -2.11 -18.04 -56.85
N ARG B 100 -1.64 -19.26 -56.63
CA ARG B 100 -1.27 -20.16 -57.72
C ARG B 100 -2.00 -21.51 -57.60
N SER B 101 -3.21 -21.49 -57.06
CA SER B 101 -3.98 -22.72 -56.88
CA SER B 101 -3.97 -22.72 -56.89
C SER B 101 -4.24 -23.38 -58.23
N GLY B 102 -4.01 -24.69 -58.29
CA GLY B 102 -4.23 -25.44 -59.51
C GLY B 102 -3.33 -25.09 -60.67
N SER B 103 -2.22 -24.40 -60.41
CA SER B 103 -1.33 -23.94 -61.48
C SER B 103 -0.36 -25.04 -61.88
N GLN B 104 0.48 -24.73 -62.86
CA GLN B 104 1.53 -25.65 -63.30
C GLN B 104 2.35 -26.14 -62.11
N ALA B 105 3.05 -25.21 -61.45
CA ALA B 105 3.89 -25.54 -60.31
C ALA B 105 3.14 -26.31 -59.23
N HIS B 106 1.81 -26.16 -59.17
CA HIS B 106 1.04 -26.82 -58.11
C HIS B 106 1.04 -28.33 -58.29
N GLU B 107 0.55 -28.80 -59.45
CA GLU B 107 0.54 -30.23 -59.72
C GLU B 107 1.95 -30.81 -59.75
N GLN B 108 2.93 -30.02 -60.20
CA GLN B 108 4.31 -30.50 -60.18
C GLN B 108 4.72 -30.86 -58.76
N ARG B 109 4.44 -29.96 -57.81
CA ARG B 109 4.77 -30.21 -56.42
C ARG B 109 4.00 -31.41 -55.89
N LEU B 110 2.69 -31.47 -56.17
CA LEU B 110 1.92 -32.65 -55.84
C LEU B 110 2.59 -33.90 -56.38
N GLN B 111 2.82 -33.91 -57.70
CA GLN B 111 3.50 -35.03 -58.33
C GLN B 111 4.82 -35.34 -57.63
N GLU B 112 5.62 -34.30 -57.39
CA GLU B 112 6.92 -34.49 -56.76
C GLU B 112 6.78 -35.20 -55.41
N VAL B 113 5.86 -34.72 -54.57
CA VAL B 113 5.75 -35.24 -53.21
C VAL B 113 5.38 -36.73 -53.24
N GLU B 114 4.37 -37.09 -54.03
CA GLU B 114 3.99 -38.50 -54.15
C GLU B 114 5.17 -39.36 -54.60
N ALA B 115 5.85 -38.95 -55.66
CA ALA B 115 7.03 -39.66 -56.11
C ALA B 115 8.06 -39.81 -55.00
N GLU B 116 8.23 -38.75 -54.20
CA GLU B 116 9.22 -38.83 -53.13
C GLU B 116 8.72 -39.67 -51.96
N VAL B 117 7.43 -39.62 -51.66
CA VAL B 117 6.90 -40.52 -50.66
C VAL B 117 6.99 -41.95 -51.16
N ALA B 118 6.70 -42.16 -52.44
CA ALA B 118 6.88 -43.49 -53.04
C ALA B 118 8.32 -43.95 -52.93
N ALA B 119 9.27 -43.05 -53.24
CA ALA B 119 10.67 -43.45 -53.34
C ALA B 119 11.35 -43.51 -51.97
N THR B 120 11.06 -42.55 -51.09
CA THR B 120 11.75 -42.46 -49.81
C THR B 120 10.87 -42.73 -48.61
N GLY B 121 9.56 -42.91 -48.78
CA GLY B 121 8.65 -42.99 -47.64
C GLY B 121 8.31 -41.65 -47.00
N THR B 122 8.90 -40.55 -47.45
CA THR B 122 8.71 -39.23 -46.86
C THR B 122 9.00 -38.19 -47.94
N TYR B 123 9.02 -36.92 -47.56
CA TYR B 123 9.35 -35.88 -48.53
C TYR B 123 9.89 -34.67 -47.79
N GLN B 124 10.61 -33.80 -48.53
CA GLN B 124 11.25 -32.61 -47.97
C GLN B 124 10.46 -31.37 -48.36
N LEU B 125 10.21 -30.51 -47.37
CA LEU B 125 9.63 -29.21 -47.64
C LEU B 125 10.63 -28.30 -48.36
N ARG B 126 10.16 -27.60 -49.38
CA ARG B 126 10.87 -26.41 -49.84
C ARG B 126 10.89 -25.35 -48.75
N GLU B 127 11.85 -24.43 -48.85
CA GLU B 127 12.05 -23.46 -47.78
C GLU B 127 10.86 -22.51 -47.66
N SER B 128 10.34 -21.99 -48.78
CA SER B 128 9.17 -21.11 -48.71
CA SER B 128 9.18 -21.11 -48.69
C SER B 128 7.96 -21.84 -48.13
N GLU B 129 7.84 -23.13 -48.41
CA GLU B 129 6.80 -23.94 -47.79
C GLU B 129 7.02 -24.01 -46.29
N LEU B 130 8.27 -24.19 -45.86
CA LEU B 130 8.54 -24.30 -44.42
C LEU B 130 8.18 -23.01 -43.71
N VAL B 131 8.52 -21.87 -44.30
CA VAL B 131 8.17 -20.58 -43.69
C VAL B 131 6.66 -20.45 -43.60
N PHE B 132 5.95 -20.87 -44.64
CA PHE B 132 4.50 -20.82 -44.62
C PHE B 132 3.91 -21.76 -43.58
N GLY B 133 4.44 -23.00 -43.50
CA GLY B 133 3.93 -23.95 -42.54
C GLY B 133 4.18 -23.57 -41.10
N ALA B 134 5.32 -22.96 -40.82
CA ALA B 134 5.54 -22.44 -39.47
C ALA B 134 4.53 -21.35 -39.13
N LYS B 135 4.31 -20.41 -40.07
CA LYS B 135 3.36 -19.33 -39.81
C LYS B 135 1.94 -19.84 -39.68
N GLN B 136 1.53 -20.80 -40.52
CA GLN B 136 0.18 -21.35 -40.39
C GLN B 136 0.02 -22.07 -39.08
N ALA B 137 1.05 -22.83 -38.67
CA ALA B 137 1.00 -23.53 -37.39
C ALA B 137 0.66 -22.57 -36.26
N TRP B 138 1.31 -21.41 -36.26
CA TRP B 138 0.95 -20.39 -35.28
C TRP B 138 -0.46 -19.87 -35.52
N ARG B 139 -0.77 -19.47 -36.76
CA ARG B 139 -2.12 -19.03 -37.10
C ARG B 139 -3.19 -20.01 -36.60
N ASN B 140 -2.91 -21.31 -36.62
CA ASN B 140 -3.87 -22.35 -36.29
C ASN B 140 -3.90 -22.72 -34.80
N ALA B 141 -3.03 -22.16 -33.99
CA ALA B 141 -2.88 -22.63 -32.62
C ALA B 141 -4.01 -22.04 -31.77
N PRO B 142 -4.97 -22.85 -31.33
CA PRO B 142 -6.21 -22.27 -30.78
C PRO B 142 -6.03 -21.63 -29.43
N ARG B 143 -4.96 -21.95 -28.70
CA ARG B 143 -4.78 -21.44 -27.35
C ARG B 143 -3.85 -20.23 -27.30
N CYS B 144 -3.42 -19.71 -28.46
CA CYS B 144 -2.53 -18.56 -28.54
C CYS B 144 -3.38 -17.31 -28.70
N VAL B 145 -3.37 -16.45 -27.69
CA VAL B 145 -4.09 -15.18 -27.83
C VAL B 145 -3.29 -14.18 -28.65
N GLY B 146 -1.99 -14.43 -28.84
CA GLY B 146 -1.15 -13.50 -29.57
C GLY B 146 -1.10 -13.69 -31.08
N ARG B 147 -2.12 -14.34 -31.65
CA ARG B 147 -2.06 -14.70 -33.05
C ARG B 147 -2.29 -13.56 -34.02
N ILE B 148 -2.58 -12.33 -33.54
CA ILE B 148 -2.64 -11.20 -34.48
C ILE B 148 -1.32 -11.07 -35.24
N GLN B 149 -0.23 -11.51 -34.61
CA GLN B 149 1.13 -11.44 -35.09
C GLN B 149 1.55 -12.65 -35.94
N TRP B 150 0.64 -13.55 -36.31
CA TRP B 150 1.04 -14.84 -36.84
C TRP B 150 1.87 -14.72 -38.12
N GLY B 151 1.65 -13.66 -38.91
CA GLY B 151 2.39 -13.45 -40.14
C GLY B 151 3.77 -12.84 -39.97
N LYS B 152 4.01 -12.16 -38.84
CA LYS B 152 5.33 -11.62 -38.52
C LYS B 152 6.07 -12.66 -37.69
N LEU B 153 6.74 -13.59 -38.39
CA LEU B 153 7.43 -14.71 -37.73
C LEU B 153 8.72 -15.00 -38.48
N GLN B 154 9.82 -14.98 -37.73
CA GLN B 154 11.14 -15.24 -38.27
C GLN B 154 11.39 -16.73 -38.23
N VAL B 155 11.49 -17.36 -39.39
CA VAL B 155 11.70 -18.79 -39.47
C VAL B 155 13.18 -19.05 -39.74
N PHE B 156 13.83 -19.73 -38.80
CA PHE B 156 15.22 -20.14 -38.97
C PHE B 156 15.24 -21.59 -39.43
N ASP B 157 15.84 -21.83 -40.58
CA ASP B 157 15.85 -23.15 -41.18
C ASP B 157 17.07 -23.88 -40.68
N ALA B 158 16.91 -24.63 -39.58
CA ALA B 158 17.98 -25.46 -39.04
C ALA B 158 17.85 -26.92 -39.43
N ARG B 159 17.14 -27.22 -40.51
CA ARG B 159 16.97 -28.63 -40.86
C ARG B 159 18.24 -29.27 -41.39
N ASP B 160 19.31 -28.53 -41.59
CA ASP B 160 20.60 -29.13 -41.89
C ASP B 160 21.38 -29.45 -40.63
N CYS B 161 20.80 -29.18 -39.46
CA CYS B 161 21.48 -29.43 -38.20
C CYS B 161 21.98 -30.87 -38.14
N ARG B 162 23.17 -31.03 -37.57
CA ARG B 162 23.91 -32.29 -37.63
C ARG B 162 24.17 -32.92 -36.29
N SER B 163 24.22 -32.14 -35.22
CA SER B 163 24.57 -32.65 -33.91
C SER B 163 23.80 -31.88 -32.84
N ALA B 164 23.97 -32.31 -31.60
CA ALA B 164 23.51 -31.51 -30.47
C ALA B 164 24.30 -30.21 -30.40
N GLN B 165 25.58 -30.24 -30.75
CA GLN B 165 26.41 -29.04 -30.67
C GLN B 165 25.94 -27.98 -31.67
N GLU B 166 25.65 -28.39 -32.89
CA GLU B 166 25.11 -27.44 -33.87
C GLU B 166 23.72 -26.98 -33.44
N MET B 167 22.94 -27.90 -32.86
CA MET B 167 21.64 -27.53 -32.34
C MET B 167 21.76 -26.43 -31.30
N PHE B 168 22.71 -26.56 -30.38
CA PHE B 168 22.89 -25.52 -29.37
C PHE B 168 23.21 -24.16 -30.02
N THR B 169 24.01 -24.16 -31.07
CA THR B 169 24.41 -22.91 -31.71
C THR B 169 23.23 -22.24 -32.40
N TYR B 170 22.46 -23.04 -33.15
CA TYR B 170 21.20 -22.55 -33.70
C TYR B 170 20.31 -21.96 -32.62
N ILE B 171 20.34 -22.55 -31.42
CA ILE B 171 19.41 -22.13 -30.36
C ILE B 171 19.85 -20.80 -29.77
N CYS B 172 21.14 -20.72 -29.42
CA CYS B 172 21.73 -19.46 -28.97
C CYS B 172 21.43 -18.33 -29.95
N ASN B 173 21.59 -18.60 -31.25
CA ASN B 173 21.27 -17.56 -32.22
CA ASN B 173 21.26 -17.61 -32.27
C ASN B 173 19.77 -17.25 -32.24
N HIS B 174 18.93 -18.25 -32.02
CA HIS B 174 17.51 -17.98 -31.90
C HIS B 174 17.26 -17.02 -30.73
N ILE B 175 17.73 -17.39 -29.54
CA ILE B 175 17.58 -16.58 -28.34
C ILE B 175 18.11 -15.18 -28.57
N LYS B 176 19.31 -15.07 -29.15
CA LYS B 176 19.89 -13.77 -29.45
C LYS B 176 19.00 -12.98 -30.40
N TYR B 177 18.57 -13.60 -31.50
CA TYR B 177 17.75 -12.88 -32.46
C TYR B 177 16.42 -12.45 -31.84
N ALA B 178 15.76 -13.37 -31.14
CA ALA B 178 14.43 -13.09 -30.64
C ALA B 178 14.47 -12.09 -29.51
N THR B 179 15.47 -12.21 -28.64
CA THR B 179 15.55 -11.30 -27.49
C THR B 179 15.77 -9.88 -27.97
N ASN B 180 16.75 -9.71 -28.85
CA ASN B 180 16.95 -8.43 -29.52
C ASN B 180 17.08 -7.30 -28.51
N ARG B 181 17.77 -7.57 -27.40
CA ARG B 181 18.06 -6.58 -26.35
C ARG B 181 16.80 -6.06 -25.67
N GLY B 182 15.73 -6.86 -25.69
CA GLY B 182 14.47 -6.51 -25.09
C GLY B 182 13.42 -6.07 -26.07
N ASN B 183 13.80 -5.78 -27.31
CA ASN B 183 12.81 -5.50 -28.35
C ASN B 183 12.51 -6.83 -29.04
N LEU B 184 11.70 -7.64 -28.36
CA LEU B 184 11.53 -9.04 -28.73
C LEU B 184 10.93 -9.22 -30.13
N ARG B 185 11.44 -10.23 -30.85
CA ARG B 185 10.91 -10.58 -32.15
C ARG B 185 10.50 -12.05 -32.13
N SER B 186 9.34 -12.34 -32.73
CA SER B 186 8.85 -13.72 -32.84
C SER B 186 9.70 -14.54 -33.81
N ALA B 187 10.06 -15.75 -33.40
CA ALA B 187 10.97 -16.55 -34.19
C ALA B 187 10.68 -18.01 -33.95
N ILE B 188 11.02 -18.84 -34.94
CA ILE B 188 11.03 -20.28 -34.76
C ILE B 188 12.25 -20.85 -35.49
N THR B 189 12.93 -21.80 -34.85
CA THR B 189 14.02 -22.57 -35.44
C THR B 189 13.52 -23.98 -35.69
N VAL B 190 13.56 -24.42 -36.94
CA VAL B 190 13.05 -25.72 -37.35
C VAL B 190 14.23 -26.67 -37.49
N PHE B 191 14.36 -27.61 -36.58
CA PHE B 191 15.41 -28.60 -36.67
C PHE B 191 14.95 -29.75 -37.55
N PRO B 192 15.86 -30.68 -37.90
CA PRO B 192 15.51 -31.74 -38.85
C PRO B 192 14.22 -32.47 -38.47
N GLN B 193 13.39 -32.71 -39.48
CA GLN B 193 12.16 -33.47 -39.30
C GLN B 193 12.43 -34.91 -38.90
N ARG B 194 11.45 -35.49 -38.21
CA ARG B 194 11.42 -36.91 -37.97
C ARG B 194 11.46 -37.65 -39.31
N CYS B 195 12.19 -38.76 -39.33
CA CYS B 195 12.36 -39.51 -40.57
C CYS B 195 12.75 -40.94 -40.26
N PRO B 196 12.30 -41.89 -41.06
CA PRO B 196 12.66 -43.29 -40.81
C PRO B 196 14.18 -43.49 -40.80
N GLY B 197 14.66 -44.22 -39.79
CA GLY B 197 16.03 -44.67 -39.71
C GLY B 197 16.83 -44.01 -38.62
N ARG B 198 16.43 -42.81 -38.22
CA ARG B 198 17.18 -42.01 -37.27
C ARG B 198 16.26 -41.60 -36.14
N GLY B 199 16.85 -41.37 -34.98
CA GLY B 199 16.09 -40.87 -33.86
C GLY B 199 15.62 -39.45 -34.14
N ASP B 200 14.92 -38.90 -33.15
CA ASP B 200 14.43 -37.54 -33.23
C ASP B 200 15.48 -36.58 -32.68
N PHE B 201 15.55 -35.41 -33.28
CA PHE B 201 16.06 -34.27 -32.53
C PHE B 201 15.04 -33.89 -31.47
N ARG B 202 15.50 -33.69 -30.23
CA ARG B 202 14.63 -33.19 -29.17
C ARG B 202 15.35 -32.17 -28.32
N ILE B 203 14.63 -31.13 -27.96
CA ILE B 203 14.96 -30.28 -26.82
C ILE B 203 14.15 -30.80 -25.64
N TRP B 204 14.82 -31.33 -24.62
CA TRP B 204 14.10 -31.92 -23.49
C TRP B 204 13.40 -30.85 -22.65
N ASN B 205 13.99 -29.66 -22.57
CA ASN B 205 13.41 -28.56 -21.81
C ASN B 205 12.11 -28.10 -22.44
N SER B 206 11.11 -27.81 -21.60
CA SER B 206 9.82 -27.41 -22.15
C SER B 206 9.88 -26.03 -22.78
N GLN B 207 10.78 -25.17 -22.29
CA GLN B 207 11.08 -23.86 -22.86
C GLN B 207 12.58 -23.64 -22.81
N LEU B 208 13.06 -22.76 -23.67
CA LEU B 208 14.51 -22.48 -23.71
C LEU B 208 14.99 -21.84 -22.42
N VAL B 209 14.14 -21.03 -21.79
CA VAL B 209 14.46 -20.41 -20.52
C VAL B 209 13.51 -20.99 -19.48
N ARG B 210 14.06 -21.71 -18.53
CA ARG B 210 13.30 -22.25 -17.41
C ARG B 210 14.10 -22.01 -16.16
N TYR B 211 13.39 -21.83 -15.04
CA TYR B 211 14.04 -21.72 -13.75
C TYR B 211 14.03 -23.06 -13.04
N ALA B 212 15.17 -23.40 -12.43
CA ALA B 212 15.31 -24.65 -11.71
C ALA B 212 14.29 -24.76 -10.60
N GLY B 213 13.77 -25.97 -10.43
CA GLY B 213 12.92 -26.28 -9.30
C GLY B 213 13.51 -27.42 -8.51
N TYR B 214 14.05 -27.12 -7.34
CA TYR B 214 14.70 -28.10 -6.48
C TYR B 214 13.71 -28.63 -5.44
N ARG B 215 13.45 -29.93 -5.48
CA ARG B 215 12.75 -30.56 -4.37
C ARG B 215 13.58 -30.36 -3.10
N GLN B 216 12.92 -29.89 -2.06
CA GLN B 216 13.64 -29.40 -0.91
C GLN B 216 13.91 -30.53 0.09
N GLN B 217 14.65 -30.17 1.13
CA GLN B 217 14.75 -30.92 2.37
C GLN B 217 13.37 -31.35 2.86
N ASP B 218 12.50 -30.38 3.17
CA ASP B 218 11.19 -30.63 3.79
C ASP B 218 10.09 -30.83 2.75
N GLY B 219 10.35 -31.66 1.74
CA GLY B 219 9.37 -32.02 0.74
C GLY B 219 8.83 -30.89 -0.13
N SER B 220 9.23 -29.63 0.11
CA SER B 220 8.75 -28.51 -0.68
C SER B 220 9.56 -28.37 -1.96
N VAL B 221 9.41 -27.24 -2.66
CA VAL B 221 10.18 -26.93 -3.85
C VAL B 221 10.77 -25.54 -3.71
N ARG B 222 12.05 -25.41 -4.03
CA ARG B 222 12.70 -24.12 -4.15
C ARG B 222 12.85 -23.82 -5.64
N GLY B 223 12.39 -22.64 -6.06
CA GLY B 223 12.35 -22.30 -7.46
C GLY B 223 11.02 -22.66 -8.08
N ASP B 224 11.01 -23.01 -9.36
CA ASP B 224 9.77 -23.23 -10.08
C ASP B 224 9.34 -24.69 -9.96
N PRO B 225 8.24 -24.99 -9.25
CA PRO B 225 7.82 -26.39 -9.13
C PRO B 225 7.47 -27.04 -10.47
N ALA B 226 7.03 -26.27 -11.47
CA ALA B 226 6.74 -26.84 -12.77
C ALA B 226 7.95 -27.53 -13.40
N ASN B 227 9.17 -27.27 -12.89
CA ASN B 227 10.40 -27.67 -13.53
C ASN B 227 11.21 -28.63 -12.67
N VAL B 228 10.59 -29.25 -11.68
CA VAL B 228 11.28 -30.25 -10.86
C VAL B 228 11.88 -31.35 -11.72
N GLU B 229 11.09 -31.87 -12.68
CA GLU B 229 11.49 -33.06 -13.42
C GLU B 229 12.71 -32.77 -14.29
N ILE B 230 12.62 -31.74 -15.13
CA ILE B 230 13.72 -31.33 -16.00
C ILE B 230 14.93 -30.91 -15.18
N THR B 231 14.70 -30.29 -14.02
CA THR B 231 15.82 -29.97 -13.14
C THR B 231 16.53 -31.23 -12.68
N GLU B 232 15.75 -32.20 -12.19
CA GLU B 232 16.33 -33.48 -11.77
C GLU B 232 17.08 -34.13 -12.91
N LEU B 233 16.51 -34.11 -14.13
CA LEU B 233 17.18 -34.68 -15.27
C LEU B 233 18.50 -33.97 -15.54
N CYS B 234 18.48 -32.64 -15.55
CA CYS B 234 19.73 -31.91 -15.77
C CYS B 234 20.81 -32.36 -14.79
N ILE B 235 20.44 -32.48 -13.51
CA ILE B 235 21.39 -32.88 -12.48
C ILE B 235 21.97 -34.25 -12.79
N GLN B 236 21.08 -35.21 -13.07
CA GLN B 236 21.50 -36.55 -13.43
C GLN B 236 22.48 -36.54 -14.60
N HIS B 237 22.28 -35.63 -15.56
CA HIS B 237 23.17 -35.49 -16.70
C HIS B 237 24.34 -34.58 -16.45
N GLY B 238 24.71 -34.36 -15.19
CA GLY B 238 25.96 -33.71 -14.85
C GLY B 238 25.88 -32.23 -14.58
N TRP B 239 24.69 -31.63 -14.62
CA TRP B 239 24.58 -30.22 -14.28
C TRP B 239 24.84 -30.05 -12.80
N THR B 240 25.70 -29.12 -12.45
CA THR B 240 25.91 -28.80 -11.06
C THR B 240 24.82 -27.82 -10.63
N PRO B 241 23.84 -28.27 -9.83
CA PRO B 241 22.70 -27.41 -9.52
C PRO B 241 23.13 -26.19 -8.72
N GLY B 242 22.27 -25.18 -8.74
CA GLY B 242 22.34 -24.08 -7.80
C GLY B 242 21.37 -24.33 -6.67
N ASN B 243 21.08 -23.27 -5.93
CA ASN B 243 20.07 -23.39 -4.88
C ASN B 243 19.28 -22.09 -4.73
N GLY B 244 19.21 -21.30 -5.80
CA GLY B 244 18.37 -20.13 -5.85
C GLY B 244 16.97 -20.43 -6.33
N ARG B 245 16.14 -19.40 -6.36
CA ARG B 245 14.77 -19.49 -6.84
C ARG B 245 14.64 -19.19 -8.31
N PHE B 246 15.63 -18.56 -8.92
CA PHE B 246 15.57 -18.18 -10.31
C PHE B 246 16.84 -18.62 -11.04
N ASP B 247 17.23 -19.88 -10.82
CA ASP B 247 18.39 -20.44 -11.48
C ASP B 247 18.01 -20.90 -12.88
N VAL B 248 18.58 -20.26 -13.90
CA VAL B 248 18.28 -20.62 -15.27
C VAL B 248 18.82 -22.02 -15.56
N LEU B 249 18.00 -22.84 -16.18
CA LEU B 249 18.39 -24.23 -16.43
C LEU B 249 19.33 -24.34 -17.62
N PRO B 250 20.22 -25.31 -17.62
CA PRO B 250 20.89 -25.68 -18.86
C PRO B 250 19.91 -26.41 -19.77
N LEU B 251 20.27 -26.47 -21.05
CA LEU B 251 19.50 -27.23 -22.03
C LEU B 251 20.00 -28.67 -22.08
N LEU B 252 19.06 -29.62 -22.04
CA LEU B 252 19.30 -30.99 -22.45
C LEU B 252 18.88 -31.08 -23.90
N LEU B 253 19.82 -31.40 -24.79
CA LEU B 253 19.58 -31.38 -26.22
C LEU B 253 19.91 -32.75 -26.76
N GLN B 254 18.98 -33.32 -27.50
CA GLN B 254 19.05 -34.68 -27.96
C GLN B 254 19.23 -34.64 -29.47
N ALA B 255 20.37 -35.14 -29.93
CA ALA B 255 20.56 -35.48 -31.33
C ALA B 255 20.02 -36.89 -31.58
N PRO B 256 19.69 -37.22 -32.82
CA PRO B 256 19.08 -38.53 -33.08
C PRO B 256 19.96 -39.65 -32.57
N ASP B 257 19.32 -40.61 -31.90
CA ASP B 257 19.95 -41.84 -31.45
C ASP B 257 21.11 -41.59 -30.50
N GLU B 258 21.06 -40.44 -29.84
CA GLU B 258 22.02 -39.91 -28.90
C GLU B 258 21.36 -39.73 -27.53
N PRO B 259 22.08 -39.99 -26.44
CA PRO B 259 21.65 -39.43 -25.16
C PRO B 259 21.52 -37.95 -25.28
N PRO B 260 20.67 -37.30 -24.47
CA PRO B 260 20.67 -35.84 -24.47
C PRO B 260 22.02 -35.36 -23.98
N GLU B 261 22.39 -34.17 -24.44
CA GLU B 261 23.63 -33.53 -24.03
C GLU B 261 23.29 -32.23 -23.32
N LEU B 262 24.00 -31.96 -22.23
CA LEU B 262 23.83 -30.75 -21.44
C LEU B 262 24.53 -29.57 -22.09
N PHE B 263 23.83 -28.44 -22.18
CA PHE B 263 24.43 -27.19 -22.67
C PHE B 263 24.00 -26.04 -21.77
N LEU B 264 24.97 -25.37 -21.16
CA LEU B 264 24.68 -24.15 -20.40
C LEU B 264 24.44 -23.00 -21.36
N LEU B 265 23.46 -22.18 -21.04
CA LEU B 265 23.24 -20.95 -21.77
C LEU B 265 24.14 -19.86 -21.19
N PRO B 266 24.87 -19.12 -22.02
CA PRO B 266 25.61 -17.98 -21.51
C PRO B 266 24.66 -17.04 -20.80
N PRO B 267 24.95 -16.68 -19.54
CA PRO B 267 24.03 -15.81 -18.82
C PRO B 267 23.66 -14.56 -19.60
N GLU B 268 24.63 -14.00 -20.35
CA GLU B 268 24.36 -12.77 -21.10
C GLU B 268 23.42 -13.01 -22.27
N LEU B 269 23.15 -14.25 -22.62
CA LEU B 269 22.17 -14.50 -23.65
C LEU B 269 20.76 -14.48 -23.10
N VAL B 270 20.61 -14.71 -21.80
CA VAL B 270 19.32 -14.91 -21.14
C VAL B 270 18.95 -13.58 -20.49
N LEU B 271 18.20 -12.76 -21.21
CA LEU B 271 17.76 -11.47 -20.69
C LEU B 271 16.64 -11.70 -19.69
N GLU B 272 16.84 -11.21 -18.46
CA GLU B 272 15.86 -11.34 -17.38
C GLU B 272 15.39 -9.95 -16.95
N VAL B 273 14.34 -9.93 -16.13
CA VAL B 273 13.76 -8.67 -15.66
C VAL B 273 13.58 -8.79 -14.15
N PRO B 274 14.35 -8.04 -13.35
CA PRO B 274 14.04 -7.97 -11.92
C PRO B 274 12.66 -7.35 -11.76
N LEU B 275 11.88 -7.86 -10.81
CA LEU B 275 10.50 -7.41 -10.66
C LEU B 275 10.43 -6.36 -9.55
N GLU B 276 9.87 -5.20 -9.89
CA GLU B 276 9.57 -4.19 -8.89
C GLU B 276 8.17 -3.66 -9.12
N HIS B 277 7.69 -2.91 -8.14
CA HIS B 277 6.37 -2.36 -8.29
C HIS B 277 6.45 -0.84 -8.27
N PRO B 278 5.72 -0.15 -9.15
CA PRO B 278 5.89 1.31 -9.28
C PRO B 278 5.63 2.08 -8.01
N THR B 279 4.80 1.56 -7.12
CA THR B 279 4.53 2.24 -5.87
C THR B 279 4.82 1.39 -4.64
N LEU B 280 4.70 0.07 -4.70
CA LEU B 280 5.09 -0.74 -3.54
C LEU B 280 6.59 -0.98 -3.62
N GLU B 281 7.36 -0.19 -2.87
CA GLU B 281 8.82 -0.29 -2.97
C GLU B 281 9.39 -1.49 -2.23
N TRP B 282 8.66 -2.05 -1.27
CA TRP B 282 9.12 -3.29 -0.66
C TRP B 282 9.04 -4.47 -1.62
N PHE B 283 8.32 -4.31 -2.73
CA PHE B 283 8.12 -5.40 -3.69
C PHE B 283 9.43 -5.83 -4.34
N ALA B 284 10.37 -4.89 -4.52
CA ALA B 284 11.66 -5.23 -5.10
C ALA B 284 12.47 -6.13 -4.17
N ALA B 285 12.27 -6.00 -2.86
CA ALA B 285 12.95 -6.84 -1.89
C ALA B 285 12.44 -8.29 -1.90
N LEU B 286 11.40 -8.61 -2.67
CA LEU B 286 11.02 -10.01 -2.83
C LEU B 286 12.05 -10.80 -3.61
N GLY B 287 12.90 -10.13 -4.40
CA GLY B 287 13.89 -10.81 -5.20
C GLY B 287 13.31 -11.50 -6.40
N LEU B 288 12.12 -11.12 -6.83
CA LEU B 288 11.44 -11.84 -7.88
C LEU B 288 12.00 -11.41 -9.23
N ARG B 289 12.07 -12.37 -10.15
CA ARG B 289 12.54 -12.13 -11.50
C ARG B 289 11.65 -12.88 -12.45
N TRP B 290 11.59 -12.42 -13.69
CA TRP B 290 11.22 -13.33 -14.76
C TRP B 290 12.14 -13.06 -15.95
N TYR B 291 12.12 -13.98 -16.90
CA TYR B 291 12.94 -13.86 -18.09
C TYR B 291 12.13 -13.25 -19.22
N ALA B 292 12.85 -12.67 -20.17
CA ALA B 292 12.24 -11.91 -21.26
C ALA B 292 11.58 -12.80 -22.29
N LEU B 293 12.20 -13.92 -22.61
CA LEU B 293 11.86 -14.61 -23.84
C LEU B 293 10.99 -15.83 -23.52
N PRO B 294 9.73 -15.86 -23.96
CA PRO B 294 8.98 -17.13 -23.88
C PRO B 294 9.23 -17.98 -25.11
N ALA B 295 9.95 -19.09 -24.96
CA ALA B 295 10.41 -19.88 -26.12
C ALA B 295 10.07 -21.34 -25.85
N VAL B 296 8.97 -21.79 -26.41
CA VAL B 296 8.48 -23.12 -26.14
C VAL B 296 9.28 -24.10 -26.99
N SER B 297 9.85 -25.12 -26.37
CA SER B 297 10.81 -25.98 -27.03
C SER B 297 10.45 -27.47 -27.01
N ASN B 298 9.34 -27.88 -26.40
CA ASN B 298 8.98 -29.29 -26.38
C ASN B 298 7.76 -29.60 -27.24
N MET B 299 7.37 -28.70 -28.14
CA MET B 299 6.19 -29.03 -28.95
C MET B 299 6.60 -29.51 -30.32
N LEU B 300 5.73 -30.28 -30.95
CA LEU B 300 6.00 -30.79 -32.28
C LEU B 300 5.34 -29.91 -33.31
N LEU B 301 6.11 -29.52 -34.32
CA LEU B 301 5.56 -28.79 -35.44
C LEU B 301 5.21 -29.79 -36.51
N GLU B 302 3.97 -29.72 -37.00
CA GLU B 302 3.48 -30.65 -38.01
C GLU B 302 3.10 -29.83 -39.23
N ILE B 303 3.71 -30.18 -40.36
CA ILE B 303 3.42 -29.51 -41.62
C ILE B 303 3.26 -30.59 -42.68
N GLY B 304 2.14 -30.56 -43.38
CA GLY B 304 1.78 -31.52 -44.41
C GLY B 304 2.17 -32.94 -44.12
N GLY B 305 1.83 -33.43 -42.91
CA GLY B 305 2.16 -34.78 -42.51
C GLY B 305 3.55 -34.96 -41.97
N LEU B 306 4.50 -34.08 -42.29
CA LEU B 306 5.84 -34.15 -41.74
C LEU B 306 5.85 -33.66 -40.30
N GLU B 307 6.75 -34.25 -39.51
CA GLU B 307 6.82 -33.97 -38.08
C GLU B 307 8.19 -33.44 -37.72
N PHE B 308 8.21 -32.29 -37.05
CA PHE B 308 9.45 -31.70 -36.56
C PHE B 308 9.35 -31.72 -35.05
N PRO B 309 9.89 -32.74 -34.37
CA PRO B 309 9.74 -32.81 -32.91
C PRO B 309 10.59 -31.79 -32.19
N ALA B 310 11.49 -31.12 -32.90
CA ALA B 310 12.31 -30.05 -32.35
C ALA B 310 12.16 -28.84 -33.25
N ALA B 311 11.34 -27.87 -32.80
CA ALA B 311 11.13 -26.64 -33.52
C ALA B 311 10.77 -25.55 -32.50
N PRO B 312 11.71 -25.12 -31.64
CA PRO B 312 11.38 -24.12 -30.62
C PRO B 312 10.89 -22.84 -31.25
N PHE B 313 9.90 -22.22 -30.60
CA PHE B 313 9.33 -20.96 -31.09
C PHE B 313 9.13 -19.99 -29.93
N SER B 314 9.21 -18.70 -30.25
CA SER B 314 9.22 -17.72 -29.19
C SER B 314 8.51 -16.45 -29.66
N GLY B 315 7.92 -15.73 -28.71
CA GLY B 315 7.30 -14.45 -28.99
C GLY B 315 7.67 -13.50 -27.87
N TRP B 316 6.67 -12.88 -27.27
CA TRP B 316 6.86 -12.13 -26.04
C TRP B 316 5.70 -12.44 -25.10
N TYR B 317 5.93 -12.21 -23.83
CA TYR B 317 4.96 -12.58 -22.82
C TYR B 317 3.75 -11.67 -22.82
N MET B 318 2.60 -12.26 -22.44
CA MET B 318 1.50 -11.51 -21.85
C MET B 318 1.68 -11.50 -20.34
N SER B 319 1.47 -10.31 -19.73
CA SER B 319 1.84 -10.13 -18.32
C SER B 319 1.12 -11.11 -17.41
N THR B 320 -0.09 -11.53 -17.76
CA THR B 320 -0.78 -12.46 -16.88
C THR B 320 -0.06 -13.80 -16.82
N GLU B 321 0.59 -14.23 -17.91
CA GLU B 321 1.31 -15.49 -17.83
C GLU B 321 2.30 -15.46 -16.70
N ILE B 322 3.02 -14.35 -16.59
CA ILE B 322 3.98 -14.19 -15.51
C ILE B 322 3.28 -13.81 -14.23
N GLY B 323 2.51 -12.72 -14.27
CA GLY B 323 2.05 -12.12 -13.02
C GLY B 323 1.04 -12.99 -12.29
N THR B 324 0.10 -13.55 -13.03
CA THR B 324 -0.95 -14.38 -12.46
C THR B 324 -0.50 -15.85 -12.39
N ARG B 325 -0.26 -16.47 -13.56
CA ARG B 325 -0.03 -17.90 -13.58
C ARG B 325 1.30 -18.28 -12.94
N ASN B 326 2.40 -17.74 -13.48
CA ASN B 326 3.72 -18.22 -13.06
C ASN B 326 3.98 -17.87 -11.61
N LEU B 327 3.59 -16.67 -11.20
CA LEU B 327 3.91 -16.20 -9.86
C LEU B 327 2.86 -16.59 -8.81
N CYS B 328 1.57 -16.61 -9.16
CA CYS B 328 0.51 -16.82 -8.15
C CYS B 328 -0.15 -18.21 -8.16
N ASP B 329 -0.02 -19.01 -9.22
CA ASP B 329 -0.53 -20.37 -9.17
C ASP B 329 -0.08 -21.04 -7.89
N PRO B 330 -0.98 -21.72 -7.17
CA PRO B 330 -0.57 -22.38 -5.91
C PRO B 330 0.53 -23.39 -6.16
N HIS B 331 0.46 -24.10 -7.27
CA HIS B 331 1.48 -25.07 -7.65
C HIS B 331 2.68 -24.43 -8.36
N ARG B 332 2.77 -23.11 -8.41
CA ARG B 332 3.99 -22.52 -8.94
C ARG B 332 4.70 -21.72 -7.85
N TYR B 333 5.14 -20.50 -8.16
CA TYR B 333 5.88 -19.70 -7.19
C TYR B 333 4.99 -19.32 -5.99
N ASN B 334 3.68 -19.27 -6.18
CA ASN B 334 2.69 -19.18 -5.08
C ASN B 334 3.01 -18.00 -4.16
N ILE B 335 3.16 -16.82 -4.74
CA ILE B 335 3.52 -15.64 -3.94
C ILE B 335 2.32 -14.87 -3.42
N LEU B 336 1.10 -15.21 -3.87
CA LEU B 336 -0.08 -14.37 -3.64
C LEU B 336 -0.22 -13.99 -2.18
N GLU B 337 -0.10 -14.97 -1.29
CA GLU B 337 -0.32 -14.68 0.12
C GLU B 337 0.81 -13.84 0.69
N ASP B 338 2.05 -14.10 0.30
CA ASP B 338 3.15 -13.29 0.80
C ASP B 338 3.03 -11.85 0.33
N VAL B 339 2.58 -11.65 -0.91
CA VAL B 339 2.36 -10.27 -1.38
C VAL B 339 1.19 -9.62 -0.62
N ALA B 340 0.09 -10.35 -0.44
CA ALA B 340 -1.06 -9.74 0.24
C ALA B 340 -0.73 -9.43 1.69
N VAL B 341 0.09 -10.25 2.33
CA VAL B 341 0.53 -9.96 3.70
C VAL B 341 1.36 -8.69 3.72
N CYS B 342 2.29 -8.58 2.76
CA CYS B 342 3.10 -7.37 2.68
C CYS B 342 2.25 -6.14 2.39
N MET B 343 1.22 -6.28 1.56
CA MET B 343 0.29 -5.19 1.27
C MET B 343 -0.60 -4.85 2.45
N ASP B 344 -0.48 -5.60 3.55
CA ASP B 344 -1.33 -5.47 4.73
C ASP B 344 -2.81 -5.63 4.37
N LEU B 345 -3.10 -6.48 3.39
CA LEU B 345 -4.47 -6.85 3.16
C LEU B 345 -4.94 -7.80 4.28
N ASP B 346 -6.26 -7.88 4.42
CA ASP B 346 -6.87 -8.78 5.41
C ASP B 346 -6.99 -10.15 4.77
N THR B 347 -6.02 -11.03 5.05
CA THR B 347 -6.01 -12.36 4.45
C THR B 347 -6.78 -13.39 5.27
N ARG B 348 -7.47 -12.96 6.33
CA ARG B 348 -8.21 -13.90 7.16
C ARG B 348 -9.59 -14.22 6.58
N THR B 349 -10.14 -13.31 5.79
CA THR B 349 -11.43 -13.51 5.12
C THR B 349 -11.24 -13.40 3.63
N THR B 350 -11.94 -14.27 2.88
CA THR B 350 -11.87 -14.20 1.42
C THR B 350 -12.65 -13.04 0.85
N SER B 351 -13.69 -12.57 1.56
CA SER B 351 -14.55 -11.50 1.07
C SER B 351 -13.84 -10.15 0.97
N SER B 352 -12.74 -9.96 1.70
CA SER B 352 -11.91 -8.78 1.48
C SER B 352 -11.28 -8.74 0.08
N LEU B 353 -11.34 -9.84 -0.67
CA LEU B 353 -10.75 -9.95 -2.01
C LEU B 353 -9.25 -9.67 -1.99
N TRP B 354 -8.57 -10.09 -0.91
CA TRP B 354 -7.13 -9.88 -0.83
C TRP B 354 -6.40 -10.61 -1.94
N LYS B 355 -6.89 -11.77 -2.35
CA LYS B 355 -6.25 -12.48 -3.45
C LYS B 355 -6.31 -11.65 -4.73
N ASP B 356 -7.50 -11.21 -5.11
CA ASP B 356 -7.66 -10.38 -6.29
C ASP B 356 -6.75 -9.14 -6.21
N LYS B 357 -6.71 -8.47 -5.05
CA LYS B 357 -5.95 -7.23 -4.91
C LYS B 357 -4.45 -7.47 -5.06
N ALA B 358 -3.91 -8.43 -4.31
CA ALA B 358 -2.50 -8.77 -4.43
C ALA B 358 -2.17 -9.20 -5.85
N ALA B 359 -3.03 -10.03 -6.45
CA ALA B 359 -2.77 -10.50 -7.81
C ALA B 359 -2.68 -9.33 -8.78
N VAL B 360 -3.58 -8.34 -8.65
CA VAL B 360 -3.54 -7.24 -9.61
C VAL B 360 -2.24 -6.45 -9.48
N GLU B 361 -1.76 -6.26 -8.25
CA GLU B 361 -0.51 -5.50 -8.11
C GLU B 361 0.70 -6.33 -8.56
N ILE B 362 0.64 -7.66 -8.45
CA ILE B 362 1.70 -8.47 -9.03
C ILE B 362 1.72 -8.30 -10.54
N ASN B 363 0.54 -8.22 -11.15
CA ASN B 363 0.51 -8.00 -12.58
C ASN B 363 1.00 -6.61 -12.95
N VAL B 364 0.55 -5.60 -12.22
CA VAL B 364 1.09 -4.24 -12.37
C VAL B 364 2.61 -4.29 -12.32
N ALA B 365 3.16 -4.91 -11.28
CA ALA B 365 4.60 -5.00 -11.10
C ALA B 365 5.27 -5.60 -12.32
N VAL B 366 4.66 -6.61 -12.90
CA VAL B 366 5.28 -7.25 -14.05
C VAL B 366 5.32 -6.32 -15.24
N LEU B 367 4.20 -5.64 -15.50
CA LEU B 367 4.10 -4.71 -16.63
C LEU B 367 5.08 -3.55 -16.45
N HIS B 368 5.08 -2.96 -15.26
CA HIS B 368 5.99 -1.86 -14.95
C HIS B 368 7.43 -2.29 -15.12
N SER B 369 7.78 -3.44 -14.55
CA SER B 369 9.17 -3.87 -14.54
C SER B 369 9.67 -4.13 -15.95
N TYR B 370 8.84 -4.75 -16.80
CA TYR B 370 9.24 -5.01 -18.18
C TYR B 370 9.29 -3.72 -18.98
N GLN B 371 8.36 -2.78 -18.73
CA GLN B 371 8.47 -1.52 -19.43
C GLN B 371 9.73 -0.78 -18.99
N LEU B 372 10.01 -0.80 -17.69
CA LEU B 372 11.20 -0.11 -17.16
C LEU B 372 12.48 -0.71 -17.75
N ALA B 373 12.51 -2.02 -17.89
CA ALA B 373 13.66 -2.72 -18.46
C ALA B 373 13.65 -2.71 -19.98
N LYS B 374 12.62 -2.12 -20.61
CA LYS B 374 12.53 -2.04 -22.08
C LYS B 374 12.54 -3.44 -22.70
N VAL B 375 11.70 -4.30 -22.14
CA VAL B 375 11.48 -5.64 -22.65
C VAL B 375 10.03 -5.72 -23.08
N THR B 376 9.81 -6.15 -24.31
CA THR B 376 8.46 -6.22 -24.86
C THR B 376 7.53 -7.03 -23.96
N ILE B 377 6.32 -6.51 -23.77
CA ILE B 377 5.32 -7.12 -22.93
C ILE B 377 3.98 -6.53 -23.33
N VAL B 378 2.93 -7.36 -23.27
CA VAL B 378 1.58 -6.95 -23.59
C VAL B 378 0.69 -7.35 -22.43
N ASP B 379 -0.13 -6.40 -21.94
CA ASP B 379 -1.08 -6.73 -20.89
C ASP B 379 -2.28 -7.43 -21.51
N HIS B 380 -3.07 -8.08 -20.66
CA HIS B 380 -4.19 -8.91 -21.11
C HIS B 380 -5.29 -8.09 -21.78
N HIS B 381 -5.43 -6.80 -21.44
CA HIS B 381 -6.40 -5.97 -22.15
C HIS B 381 -5.94 -5.69 -23.57
N ALA B 382 -4.70 -5.23 -23.74
CA ALA B 382 -4.18 -5.02 -25.08
C ALA B 382 -4.20 -6.32 -25.90
N ALA B 383 -3.69 -7.41 -25.31
CA ALA B 383 -3.60 -8.68 -26.02
C ALA B 383 -4.96 -9.19 -26.47
N THR B 384 -5.96 -9.16 -25.57
CA THR B 384 -7.28 -9.68 -25.94
C THR B 384 -7.97 -8.78 -26.96
N ALA B 385 -7.70 -7.47 -26.92
CA ALA B 385 -8.28 -6.59 -27.92
C ALA B 385 -7.64 -6.82 -29.28
N SER B 386 -6.32 -7.05 -29.30
CA SER B 386 -5.70 -7.37 -30.57
C SER B 386 -6.19 -8.73 -31.07
N PHE B 387 -6.48 -9.66 -30.16
CA PHE B 387 -7.02 -10.94 -30.59
C PHE B 387 -8.40 -10.80 -31.19
N MET B 388 -9.22 -9.88 -30.65
CA MET B 388 -10.52 -9.63 -31.27
C MET B 388 -10.35 -9.19 -32.71
N LYS B 389 -9.35 -8.36 -32.98
CA LYS B 389 -9.07 -8.00 -34.36
C LYS B 389 -8.61 -9.22 -35.16
N HIS B 390 -7.80 -10.08 -34.55
CA HIS B 390 -7.39 -11.32 -35.22
C HIS B 390 -8.60 -12.12 -35.67
N LEU B 391 -9.58 -12.24 -34.77
CA LEU B 391 -10.80 -13.00 -35.07
C LEU B 391 -11.54 -12.41 -36.25
N GLU B 392 -11.64 -11.07 -36.29
CA GLU B 392 -12.29 -10.43 -37.42
C GLU B 392 -11.48 -10.62 -38.70
N ASN B 393 -10.17 -10.38 -38.64
CA ASN B 393 -9.35 -10.63 -39.84
C ASN B 393 -9.54 -12.07 -40.29
N GLU B 394 -9.51 -13.01 -39.33
CA GLU B 394 -9.61 -14.42 -39.69
C GLU B 394 -10.99 -14.80 -40.16
N GLN B 395 -12.03 -14.08 -39.72
CA GLN B 395 -13.37 -14.35 -40.22
C GLN B 395 -13.48 -13.96 -41.69
N LYS B 396 -12.87 -12.83 -42.06
CA LYS B 396 -12.86 -12.44 -43.47
C LYS B 396 -11.95 -13.34 -44.28
N ALA B 397 -10.80 -13.72 -43.72
CA ALA B 397 -9.80 -14.45 -44.48
C ALA B 397 -10.18 -15.91 -44.72
N ARG B 398 -10.59 -16.60 -43.66
CA ARG B 398 -10.80 -18.03 -43.73
C ARG B 398 -12.19 -18.48 -43.32
N GLY B 399 -13.03 -17.57 -42.84
CA GLY B 399 -14.37 -17.95 -42.40
C GLY B 399 -14.42 -18.49 -41.00
N GLY B 400 -13.63 -17.96 -40.09
CA GLY B 400 -13.59 -18.41 -38.72
C GLY B 400 -12.18 -18.54 -38.20
N CYS B 401 -12.08 -18.83 -36.91
CA CYS B 401 -10.79 -18.95 -36.25
C CYS B 401 -10.85 -19.98 -35.12
N PRO B 402 -10.01 -21.02 -35.16
CA PRO B 402 -10.01 -22.00 -34.06
C PRO B 402 -9.50 -21.36 -32.78
N ALA B 403 -10.32 -21.41 -31.73
CA ALA B 403 -9.95 -20.72 -30.50
C ALA B 403 -10.46 -21.50 -29.30
N ASP B 404 -9.56 -21.70 -28.33
CA ASP B 404 -9.86 -22.40 -27.09
C ASP B 404 -10.16 -21.32 -26.05
N TRP B 405 -11.44 -21.05 -25.86
CA TRP B 405 -11.94 -19.97 -25.01
C TRP B 405 -11.29 -19.98 -23.64
N ALA B 406 -11.22 -21.15 -23.00
CA ALA B 406 -10.64 -21.26 -21.67
C ALA B 406 -9.17 -20.87 -21.62
N TRP B 407 -8.47 -20.91 -22.75
CA TRP B 407 -7.07 -20.49 -22.82
C TRP B 407 -6.93 -19.07 -23.35
N ILE B 408 -7.88 -18.62 -24.16
CA ILE B 408 -7.83 -17.25 -24.68
C ILE B 408 -8.22 -16.25 -23.61
N VAL B 409 -9.22 -16.58 -22.78
CA VAL B 409 -9.66 -15.66 -21.74
C VAL B 409 -8.63 -15.59 -20.61
N PRO B 410 -8.12 -14.41 -20.30
CA PRO B 410 -7.02 -14.27 -19.34
C PRO B 410 -7.40 -14.75 -17.95
N PRO B 411 -6.41 -15.12 -17.14
CA PRO B 411 -6.70 -15.75 -15.85
C PRO B 411 -7.06 -14.78 -14.73
N ILE B 412 -6.92 -13.48 -14.96
CA ILE B 412 -7.55 -12.46 -14.13
C ILE B 412 -8.40 -11.61 -15.05
N SER B 413 -9.40 -10.98 -14.47
CA SER B 413 -10.24 -9.98 -15.16
C SER B 413 -10.83 -10.53 -16.45
N GLY B 414 -11.15 -11.82 -16.47
CA GLY B 414 -11.73 -12.47 -17.64
C GLY B 414 -12.85 -11.71 -18.34
N SER B 415 -13.95 -11.36 -17.65
CA SER B 415 -15.02 -10.65 -18.35
C SER B 415 -14.71 -9.18 -18.59
N LEU B 416 -13.60 -8.69 -18.06
CA LEU B 416 -13.20 -7.33 -18.37
C LEU B 416 -12.59 -7.20 -19.75
N THR B 417 -12.14 -8.29 -20.32
CA THR B 417 -11.58 -8.36 -21.66
C THR B 417 -12.65 -8.79 -22.64
N PRO B 418 -12.52 -8.36 -23.90
CA PRO B 418 -13.60 -8.64 -24.87
C PRO B 418 -13.74 -10.09 -25.26
N VAL B 419 -12.69 -10.91 -25.13
CA VAL B 419 -12.79 -12.31 -25.54
C VAL B 419 -13.73 -13.10 -24.65
N PHE B 420 -13.96 -12.65 -23.41
CA PHE B 420 -14.91 -13.34 -22.54
C PHE B 420 -16.27 -13.49 -23.20
N HIS B 421 -16.74 -12.43 -23.84
CA HIS B 421 -18.09 -12.35 -24.39
C HIS B 421 -18.15 -12.86 -25.81
N GLN B 422 -17.03 -13.29 -26.35
CA GLN B 422 -16.97 -13.90 -27.66
C GLN B 422 -17.06 -15.41 -27.50
N GLU B 423 -18.09 -16.00 -28.08
CA GLU B 423 -18.10 -17.45 -28.22
C GLU B 423 -17.03 -17.86 -29.23
N MET B 424 -16.53 -19.07 -29.09
CA MET B 424 -15.45 -19.52 -29.95
C MET B 424 -15.63 -20.99 -30.30
N VAL B 425 -15.15 -21.36 -31.49
CA VAL B 425 -15.19 -22.73 -32.00
C VAL B 425 -13.77 -23.27 -31.93
N ASN B 426 -13.57 -24.28 -31.10
CA ASN B 426 -12.25 -24.88 -30.96
C ASN B 426 -12.15 -26.11 -31.86
N TYR B 427 -11.11 -26.15 -32.68
CA TYR B 427 -10.88 -27.31 -33.54
C TYR B 427 -9.42 -27.32 -33.94
N PHE B 428 -9.01 -28.44 -34.52
CA PHE B 428 -7.60 -28.67 -34.89
C PHE B 428 -7.44 -28.50 -36.40
N LEU B 429 -6.65 -27.50 -36.78
CA LEU B 429 -6.23 -27.32 -38.17
C LEU B 429 -4.75 -27.69 -38.32
N SER B 430 -4.41 -28.19 -39.50
CA SER B 430 -3.02 -28.41 -39.79
C SER B 430 -2.58 -27.44 -40.87
N PRO B 431 -1.36 -26.93 -40.80
CA PRO B 431 -0.28 -27.18 -39.84
C PRO B 431 -0.53 -26.71 -38.41
N ALA B 432 0.24 -27.31 -37.52
CA ALA B 432 -0.12 -27.25 -36.12
C ALA B 432 1.11 -27.44 -35.25
N PHE B 433 1.07 -26.84 -34.07
CA PHE B 433 1.94 -27.22 -32.98
C PHE B 433 1.13 -28.17 -32.10
N ARG B 434 1.69 -29.33 -31.84
CA ARG B 434 1.06 -30.37 -31.03
C ARG B 434 1.94 -30.62 -29.82
N TYR B 435 1.31 -31.03 -28.73
CA TYR B 435 2.06 -31.56 -27.62
C TYR B 435 2.65 -32.91 -28.00
N GLN B 436 3.68 -33.31 -27.26
CA GLN B 436 4.26 -34.63 -27.49
C GLN B 436 4.80 -35.15 -26.18
N PRO B 437 4.88 -36.47 -26.00
CA PRO B 437 5.42 -37.00 -24.74
C PRO B 437 6.85 -36.50 -24.51
N ASP B 438 7.18 -36.33 -23.24
CA ASP B 438 8.55 -36.03 -22.85
C ASP B 438 9.44 -37.20 -23.25
N PRO B 439 10.53 -36.95 -23.92
CA PRO B 439 11.29 -38.05 -24.53
C PRO B 439 11.96 -38.95 -23.51
N TRP B 440 11.86 -38.63 -22.22
CA TRP B 440 12.35 -39.57 -21.21
C TRP B 440 11.25 -40.50 -20.68
N LYS C 27 21.75 41.34 31.78
CA LYS C 27 20.98 40.20 31.29
C LYS C 27 21.86 39.30 30.41
N PHE C 28 22.71 38.51 31.08
CA PHE C 28 23.41 37.44 30.42
C PHE C 28 22.65 36.16 30.68
N PRO C 29 22.02 35.55 29.67
CA PRO C 29 21.20 34.36 29.91
C PRO C 29 21.97 33.25 30.63
N ARG C 30 21.37 32.75 31.71
CA ARG C 30 21.81 31.54 32.36
C ARG C 30 21.47 30.32 31.49
N VAL C 31 22.45 29.45 31.27
CA VAL C 31 22.33 28.28 30.41
C VAL C 31 22.67 27.06 31.26
N LYS C 32 21.74 26.12 31.38
CA LYS C 32 21.95 24.95 32.22
C LYS C 32 22.03 23.69 31.37
N ASN C 33 22.93 22.80 31.76
CA ASN C 33 22.92 21.42 31.29
C ASN C 33 22.30 20.57 32.39
N TRP C 34 21.23 19.87 32.04
CA TRP C 34 20.41 19.12 32.99
C TRP C 34 20.90 17.71 33.25
N GLU C 35 21.72 17.16 32.34
CA GLU C 35 22.36 15.89 32.63
C GLU C 35 23.46 16.05 33.68
N VAL C 36 24.21 17.14 33.58
CA VAL C 36 25.39 17.36 34.41
C VAL C 36 25.09 18.30 35.57
N GLY C 37 24.23 19.29 35.33
CA GLY C 37 23.98 20.34 36.30
C GLY C 37 24.88 21.53 36.15
N SER C 38 25.75 21.55 35.14
CA SER C 38 26.65 22.66 34.95
C SER C 38 25.89 23.88 34.45
N ILE C 39 26.34 25.05 34.90
CA ILE C 39 25.80 26.33 34.46
C ILE C 39 26.92 27.09 33.77
N THR C 40 26.62 27.69 32.63
CA THR C 40 27.42 28.77 32.06
C THR C 40 26.52 29.96 31.78
N TYR C 41 27.13 31.08 31.44
CA TYR C 41 26.39 32.27 31.05
C TYR C 41 26.81 32.64 29.64
N ASP C 42 25.82 32.95 28.79
CA ASP C 42 26.10 33.33 27.42
C ASP C 42 26.26 34.85 27.39
N THR C 43 27.50 35.30 27.31
CA THR C 43 27.80 36.72 27.14
C THR C 43 27.86 37.11 25.68
N LEU C 44 28.07 36.14 24.78
CA LEU C 44 28.14 36.41 23.35
C LEU C 44 26.80 36.87 22.79
N SER C 45 25.69 36.42 23.38
CA SER C 45 24.36 36.81 22.88
C SER C 45 24.16 38.33 22.91
N ALA C 46 24.75 39.01 23.89
CA ALA C 46 24.75 40.48 23.89
C ALA C 46 25.13 41.05 22.52
N GLN C 47 26.11 40.45 21.84
CA GLN C 47 26.62 40.94 20.57
C GLN C 47 25.75 40.52 19.36
N ALA C 48 24.55 39.97 19.57
CA ALA C 48 23.72 39.54 18.45
C ALA C 48 23.41 40.72 17.53
N GLN C 49 23.94 40.67 16.31
CA GLN C 49 23.88 41.83 15.42
C GLN C 49 22.45 42.17 15.03
N GLN C 50 21.74 41.23 14.41
CA GLN C 50 20.39 41.47 13.93
C GLN C 50 19.39 40.71 14.81
N ASP C 51 18.11 40.85 14.48
CA ASP C 51 17.02 40.45 15.35
C ASP C 51 16.31 39.21 14.84
N GLY C 52 16.08 38.25 15.74
CA GLY C 52 15.34 37.05 15.41
C GLY C 52 13.84 37.23 15.58
N PRO C 53 13.09 36.14 15.45
CA PRO C 53 11.63 36.21 15.35
C PRO C 53 10.89 36.28 16.67
N CYS C 54 11.56 36.09 17.79
CA CYS C 54 10.88 35.90 19.06
C CYS C 54 10.65 37.25 19.73
N THR C 55 9.62 37.31 20.60
CA THR C 55 9.38 38.46 21.47
C THR C 55 9.04 37.99 22.88
N PRO C 56 9.02 38.87 23.89
CA PRO C 56 8.55 38.43 25.21
C PRO C 56 7.18 37.77 25.16
N ARG C 57 6.33 38.17 24.20
CA ARG C 57 4.98 37.65 24.13
C ARG C 57 4.91 36.21 23.61
N ARG C 58 5.71 35.87 22.60
CA ARG C 58 5.63 34.52 22.08
C ARG C 58 6.93 34.16 21.42
N CYS C 59 7.27 32.87 21.52
CA CYS C 59 8.50 32.34 21.01
C CYS C 59 8.22 31.68 19.67
N LEU C 60 8.91 32.13 18.61
CA LEU C 60 8.84 31.51 17.29
C LEU C 60 10.08 30.69 16.97
N GLY C 61 10.78 30.20 18.00
CA GLY C 61 12.00 29.47 17.76
C GLY C 61 11.84 28.27 16.84
N SER C 62 10.67 27.64 16.82
CA SER C 62 10.52 26.44 16.01
C SER C 62 10.29 26.73 14.52
N LEU C 63 10.04 27.97 14.13
CA LEU C 63 9.82 28.24 12.72
C LEU C 63 11.11 28.02 11.92
N VAL C 64 10.97 27.45 10.73
CA VAL C 64 12.14 27.18 9.91
C VAL C 64 12.69 28.48 9.31
N PHE C 65 11.81 29.29 8.72
CA PHE C 65 12.18 30.61 8.23
C PHE C 65 11.56 31.68 9.12
N PRO C 66 12.31 32.25 10.08
CA PRO C 66 11.83 33.20 11.10
C PRO C 66 10.88 34.29 10.59
N ALA C 79 21.76 52.48 0.81
CA ALA C 79 22.34 53.14 1.98
C ALA C 79 23.84 52.87 2.07
N PRO C 80 24.67 53.84 1.67
CA PRO C 80 26.12 53.68 1.87
C PRO C 80 26.54 53.71 3.33
N GLU C 81 25.87 54.51 4.17
CA GLU C 81 26.20 54.49 5.60
C GLU C 81 25.93 53.13 6.22
N GLN C 82 24.80 52.51 5.88
CA GLN C 82 24.47 51.19 6.39
C GLN C 82 25.59 50.19 6.10
N LEU C 83 26.04 50.16 4.86
CA LEU C 83 27.13 49.26 4.46
C LEU C 83 28.36 49.44 5.35
N LEU C 84 28.74 50.68 5.63
CA LEU C 84 29.97 50.95 6.34
C LEU C 84 29.95 50.40 7.76
N SER C 85 28.83 50.61 8.47
CA SER C 85 28.77 50.18 9.86
C SER C 85 29.01 48.68 9.98
N GLN C 86 28.37 47.89 9.12
CA GLN C 86 28.60 46.44 9.09
C GLN C 86 30.02 46.14 8.63
N ALA C 87 30.43 46.75 7.52
CA ALA C 87 31.79 46.60 7.01
C ALA C 87 32.81 46.95 8.07
N ARG C 88 32.57 48.06 8.79
CA ARG C 88 33.46 48.44 9.89
C ARG C 88 33.53 47.34 10.95
N ASP C 89 32.36 46.89 11.43
CA ASP C 89 32.33 46.02 12.60
C ASP C 89 33.05 44.70 12.33
N PHE C 90 32.86 44.15 11.13
CA PHE C 90 33.60 42.95 10.74
C PHE C 90 35.12 43.17 10.74
N ILE C 91 35.59 44.32 10.25
CA ILE C 91 37.03 44.56 10.20
C ILE C 91 37.61 44.51 11.61
N ASN C 92 36.94 45.14 12.57
CA ASN C 92 37.42 45.14 13.95
C ASN C 92 37.37 43.73 14.52
N GLN C 93 36.24 43.06 14.31
CA GLN C 93 36.11 41.63 14.54
C GLN C 93 37.33 40.89 14.02
N TYR C 94 37.62 41.05 12.73
CA TYR C 94 38.73 40.33 12.12
C TYR C 94 40.06 40.70 12.76
N TYR C 95 40.30 41.98 13.03
CA TYR C 95 41.59 42.33 13.59
C TYR C 95 41.68 41.98 15.07
N SER C 96 40.55 41.97 15.78
CA SER C 96 40.53 41.38 17.11
C SER C 96 40.91 39.91 17.06
N SER C 97 40.34 39.17 16.10
CA SER C 97 40.56 37.73 16.01
C SER C 97 42.01 37.38 15.69
N ILE C 98 42.80 38.32 15.18
CA ILE C 98 44.19 38.05 14.88
C ILE C 98 45.13 38.81 15.80
N LYS C 99 44.63 39.27 16.95
CA LYS C 99 45.41 40.01 17.95
C LYS C 99 45.94 41.33 17.40
N ARG C 100 45.35 41.84 16.32
CA ARG C 100 45.90 43.02 15.63
C ARG C 100 44.94 44.21 15.69
N SER C 101 44.08 44.28 16.69
CA SER C 101 43.12 45.36 16.77
C SER C 101 43.83 46.67 17.11
N GLY C 102 43.27 47.78 16.64
CA GLY C 102 43.80 49.10 16.97
C GLY C 102 45.17 49.35 16.38
N SER C 103 45.75 48.35 15.73
CA SER C 103 47.08 48.44 15.14
C SER C 103 47.03 49.30 13.88
N GLN C 104 48.14 49.34 13.14
CA GLN C 104 48.22 50.18 11.96
C GLN C 104 47.48 49.57 10.79
N ALA C 105 47.71 48.27 10.52
CA ALA C 105 46.98 47.61 9.45
C ALA C 105 45.48 47.72 9.65
N HIS C 106 45.03 47.71 10.91
CA HIS C 106 43.61 47.93 11.20
C HIS C 106 43.14 49.25 10.59
N GLU C 107 43.88 50.33 10.82
CA GLU C 107 43.41 51.65 10.40
C GLU C 107 43.48 51.80 8.89
N GLN C 108 44.50 51.22 8.24
CA GLN C 108 44.56 51.25 6.78
C GLN C 108 43.34 50.56 6.18
N ARG C 109 43.03 49.38 6.70
CA ARG C 109 41.87 48.65 6.19
C ARG C 109 40.60 49.49 6.32
N LEU C 110 40.46 50.23 7.42
CA LEU C 110 39.27 51.05 7.64
C LEU C 110 39.09 52.09 6.54
N GLN C 111 40.07 53.01 6.43
CA GLN C 111 40.04 54.04 5.38
C GLN C 111 39.91 53.42 4.00
N GLU C 112 40.53 52.27 3.78
CA GLU C 112 40.45 51.60 2.48
C GLU C 112 39.02 51.23 2.16
N VAL C 113 38.32 50.60 3.10
CA VAL C 113 36.92 50.26 2.87
C VAL C 113 36.10 51.53 2.58
N GLU C 114 36.29 52.55 3.42
CA GLU C 114 35.54 53.80 3.29
C GLU C 114 35.66 54.40 1.90
N ALA C 115 36.89 54.63 1.42
CA ALA C 115 37.08 55.26 0.12
C ALA C 115 36.51 54.39 -1.00
N GLU C 116 36.61 53.06 -0.85
CA GLU C 116 36.13 52.17 -1.91
C GLU C 116 34.61 52.22 -2.02
N VAL C 117 33.91 52.29 -0.89
CA VAL C 117 32.47 52.47 -0.92
C VAL C 117 32.13 53.86 -1.46
N ALA C 118 32.94 54.86 -1.10
CA ALA C 118 32.72 56.20 -1.66
C ALA C 118 32.97 56.22 -3.17
N ALA C 119 33.93 55.43 -3.63
CA ALA C 119 34.18 55.27 -5.06
C ALA C 119 33.04 54.53 -5.75
N THR C 120 32.82 53.26 -5.41
CA THR C 120 31.89 52.43 -6.18
C THR C 120 30.54 52.24 -5.50
N GLY C 121 30.48 52.23 -4.17
CA GLY C 121 29.27 51.90 -3.45
C GLY C 121 29.36 50.64 -2.63
N THR C 122 30.40 49.84 -2.82
CA THR C 122 30.63 48.61 -2.07
C THR C 122 32.14 48.53 -1.81
N TYR C 123 32.63 47.37 -1.41
CA TYR C 123 34.08 47.23 -1.26
C TYR C 123 34.48 45.77 -1.41
N GLN C 124 35.77 45.56 -1.65
CA GLN C 124 36.31 44.22 -1.87
C GLN C 124 36.94 43.70 -0.58
N LEU C 125 36.60 42.47 -0.21
CA LEU C 125 37.29 41.80 0.89
C LEU C 125 38.71 41.41 0.46
N ARG C 126 39.66 41.56 1.38
CA ARG C 126 40.94 40.88 1.25
C ARG C 126 40.70 39.38 1.31
N GLU C 127 41.55 38.63 0.62
CA GLU C 127 41.38 37.18 0.56
C GLU C 127 41.31 36.55 1.95
N SER C 128 42.11 37.07 2.89
CA SER C 128 42.15 36.49 4.22
C SER C 128 40.90 36.82 5.01
N GLU C 129 40.48 38.10 4.98
CA GLU C 129 39.21 38.50 5.56
C GLU C 129 38.07 37.64 5.03
N LEU C 130 38.12 37.33 3.73
CA LEU C 130 37.15 36.43 3.12
C LEU C 130 37.22 35.05 3.76
N VAL C 131 38.42 34.51 3.91
CA VAL C 131 38.58 33.21 4.55
C VAL C 131 38.04 33.24 5.98
N PHE C 132 38.41 34.26 6.72
CA PHE C 132 37.96 34.40 8.11
C PHE C 132 36.45 34.54 8.18
N GLY C 133 35.85 35.34 7.28
CA GLY C 133 34.41 35.53 7.29
C GLY C 133 33.63 34.29 6.89
N ALA C 134 34.16 33.51 5.94
CA ALA C 134 33.51 32.24 5.63
C ALA C 134 33.52 31.30 6.84
N LYS C 135 34.64 31.21 7.56
CA LYS C 135 34.69 30.32 8.71
C LYS C 135 33.81 30.85 9.84
N GLN C 136 33.80 32.16 10.05
CA GLN C 136 32.91 32.73 11.06
C GLN C 136 31.45 32.42 10.77
N ALA C 137 31.02 32.60 9.52
CA ALA C 137 29.62 32.42 9.18
C ALA C 137 29.18 30.97 9.37
N TRP C 138 30.11 30.01 9.24
CA TRP C 138 29.85 28.64 9.65
C TRP C 138 29.81 28.53 11.18
N ARG C 139 30.87 29.01 11.84
CA ARG C 139 30.95 29.06 13.29
C ARG C 139 29.75 29.78 13.93
N ASN C 140 29.07 30.65 13.18
CA ASN C 140 27.91 31.36 13.69
C ASN C 140 26.58 30.70 13.33
N ALA C 141 26.59 29.68 12.50
CA ALA C 141 25.35 29.06 12.05
C ALA C 141 24.67 28.32 13.19
N PRO C 142 23.56 28.83 13.74
CA PRO C 142 23.00 28.21 14.96
C PRO C 142 22.47 26.81 14.74
N ARG C 143 22.14 26.44 13.51
CA ARG C 143 21.49 25.16 13.29
C ARG C 143 22.46 24.05 12.92
N CYS C 144 23.75 24.32 12.90
CA CYS C 144 24.76 23.37 12.45
C CYS C 144 25.37 22.66 13.66
N VAL C 145 25.12 21.35 13.75
CA VAL C 145 25.72 20.55 14.81
C VAL C 145 27.18 20.21 14.53
N GLY C 146 27.64 20.43 13.31
CA GLY C 146 28.97 19.99 12.95
C GLY C 146 30.03 21.04 13.19
N ARG C 147 29.72 22.07 14.00
CA ARG C 147 30.60 23.25 14.03
C ARG C 147 31.94 23.00 14.71
N ILE C 148 32.15 21.84 15.32
CA ILE C 148 33.45 21.51 15.89
C ILE C 148 34.53 21.67 14.82
N GLN C 149 34.11 21.59 13.55
CA GLN C 149 34.97 21.60 12.38
C GLN C 149 35.18 22.99 11.80
N TRP C 150 34.80 24.06 12.51
CA TRP C 150 34.63 25.34 11.85
C TRP C 150 35.95 25.95 11.41
N GLY C 151 37.04 25.67 12.13
CA GLY C 151 38.33 26.21 11.73
C GLY C 151 38.93 25.58 10.49
N LYS C 152 38.55 24.34 10.18
CA LYS C 152 39.07 23.61 9.02
C LYS C 152 38.05 23.74 7.89
N LEU C 153 38.22 24.77 7.07
CA LEU C 153 37.35 25.02 5.92
C LEU C 153 38.20 25.46 4.74
N GLN C 154 38.05 24.77 3.62
CA GLN C 154 38.71 25.14 2.37
C GLN C 154 37.85 26.18 1.66
N VAL C 155 38.38 27.38 1.52
CA VAL C 155 37.67 28.47 0.87
C VAL C 155 38.25 28.63 -0.52
N PHE C 156 37.41 28.51 -1.54
CA PHE C 156 37.81 28.76 -2.91
C PHE C 156 37.25 30.12 -3.30
N ASP C 157 38.14 31.03 -3.67
CA ASP C 157 37.72 32.36 -4.11
C ASP C 157 37.38 32.31 -5.58
N ALA C 158 36.09 32.52 -5.89
CA ALA C 158 35.57 32.50 -7.25
C ALA C 158 35.01 33.85 -7.65
N ARG C 159 35.39 34.93 -6.95
CA ARG C 159 34.95 36.27 -7.28
C ARG C 159 35.41 36.74 -8.67
N ASP C 160 36.22 35.95 -9.37
CA ASP C 160 36.64 36.25 -10.74
C ASP C 160 35.69 35.68 -11.79
N CYS C 161 34.58 35.07 -11.39
CA CYS C 161 33.73 34.33 -12.32
C CYS C 161 32.89 35.28 -13.16
N ARG C 162 32.88 35.06 -14.49
CA ARG C 162 32.14 35.94 -15.38
C ARG C 162 30.96 35.29 -16.08
N SER C 163 30.84 33.97 -16.06
CA SER C 163 29.73 33.34 -16.75
C SER C 163 29.34 32.04 -16.05
N ALA C 164 28.25 31.45 -16.53
CA ALA C 164 27.77 30.20 -15.97
C ALA C 164 28.73 29.05 -16.23
N GLN C 165 29.50 29.11 -17.33
CA GLN C 165 30.44 28.03 -17.63
C GLN C 165 31.62 28.05 -16.66
N GLU C 166 32.06 29.24 -16.26
CA GLU C 166 33.12 29.31 -15.25
C GLU C 166 32.58 28.90 -13.89
N MET C 167 31.41 29.43 -13.51
CA MET C 167 30.72 28.95 -12.32
C MET C 167 30.71 27.42 -12.28
N PHE C 168 30.28 26.80 -13.37
CA PHE C 168 30.25 25.34 -13.45
C PHE C 168 31.64 24.73 -13.24
N THR C 169 32.69 25.43 -13.69
CA THR C 169 34.04 24.92 -13.51
C THR C 169 34.50 25.05 -12.07
N TYR C 170 34.25 26.22 -11.45
CA TYR C 170 34.44 26.33 -10.00
C TYR C 170 33.67 25.25 -9.24
N ILE C 171 32.43 24.99 -9.64
CA ILE C 171 31.60 24.06 -8.87
C ILE C 171 32.17 22.64 -8.95
N CYS C 172 32.60 22.23 -10.15
CA CYS C 172 33.09 20.87 -10.32
C CYS C 172 34.41 20.65 -9.60
N ASN C 173 35.26 21.68 -9.51
CA ASN C 173 36.48 21.52 -8.72
C ASN C 173 36.16 21.46 -7.24
N HIS C 174 35.26 22.33 -6.77
CA HIS C 174 34.71 22.21 -5.43
C HIS C 174 34.29 20.76 -5.16
N ILE C 175 33.38 20.25 -5.98
CA ILE C 175 32.85 18.90 -5.77
C ILE C 175 33.99 17.89 -5.74
N LYS C 176 34.88 17.96 -6.74
CA LYS C 176 36.04 17.08 -6.82
C LYS C 176 36.92 17.20 -5.57
N TYR C 177 37.25 18.43 -5.15
CA TYR C 177 38.05 18.61 -3.95
C TYR C 177 37.30 18.13 -2.70
N ALA C 178 36.03 18.49 -2.59
CA ALA C 178 35.29 18.14 -1.38
C ALA C 178 35.02 16.65 -1.30
N THR C 179 34.65 16.04 -2.44
CA THR C 179 34.42 14.61 -2.46
C THR C 179 35.69 13.84 -2.11
N ASN C 180 36.79 14.12 -2.81
CA ASN C 180 38.10 13.60 -2.42
C ASN C 180 38.04 12.08 -2.24
N ARG C 181 37.41 11.39 -3.19
CA ARG C 181 37.29 9.92 -3.20
C ARG C 181 36.62 9.38 -1.93
N GLY C 182 35.70 10.14 -1.35
CA GLY C 182 34.97 9.69 -0.20
C GLY C 182 35.56 10.10 1.13
N ASN C 183 36.78 10.61 1.15
CA ASN C 183 37.29 11.20 2.39
C ASN C 183 36.97 12.68 2.33
N LEU C 184 35.79 13.03 2.85
CA LEU C 184 35.23 14.35 2.58
C LEU C 184 35.98 15.45 3.33
N ARG C 185 36.08 16.60 2.69
CA ARG C 185 36.73 17.77 3.24
C ARG C 185 35.80 18.96 3.10
N SER C 186 35.62 19.72 4.17
CA SER C 186 34.75 20.87 4.11
C SER C 186 35.30 21.91 3.14
N ALA C 187 34.41 22.58 2.42
CA ALA C 187 34.84 23.61 1.49
C ALA C 187 33.74 24.62 1.26
N ILE C 188 34.13 25.79 0.75
CA ILE C 188 33.16 26.76 0.25
C ILE C 188 33.79 27.48 -0.95
N THR C 189 32.96 27.78 -1.93
CA THR C 189 33.36 28.53 -3.11
C THR C 189 32.55 29.81 -3.14
N VAL C 190 33.24 30.94 -3.09
CA VAL C 190 32.61 32.25 -2.98
C VAL C 190 32.58 32.88 -4.38
N PHE C 191 31.39 33.04 -4.92
CA PHE C 191 31.19 33.68 -6.20
C PHE C 191 30.99 35.17 -6.03
N PRO C 192 30.99 35.95 -7.11
CA PRO C 192 30.98 37.42 -6.97
C PRO C 192 29.81 37.92 -6.13
N GLN C 193 30.12 38.82 -5.21
CA GLN C 193 29.11 39.44 -4.37
C GLN C 193 28.08 40.16 -5.25
N ARG C 194 26.89 40.33 -4.70
CA ARG C 194 25.97 41.28 -5.30
C ARG C 194 26.52 42.68 -5.13
N CYS C 195 26.14 43.58 -6.04
CA CYS C 195 26.47 44.99 -5.91
C CYS C 195 25.46 45.78 -6.71
N PRO C 196 25.34 47.09 -6.44
CA PRO C 196 24.29 47.89 -7.09
C PRO C 196 24.35 47.83 -8.61
N GLY C 197 23.19 48.06 -9.22
CA GLY C 197 23.07 48.19 -10.67
C GLY C 197 23.55 46.99 -11.45
N ARG C 198 23.53 45.80 -10.85
CA ARG C 198 24.11 44.62 -11.45
C ARG C 198 23.34 43.39 -10.99
N GLY C 199 23.27 42.40 -11.87
CA GLY C 199 22.66 41.14 -11.51
C GLY C 199 23.43 40.43 -10.41
N ASP C 200 22.93 39.25 -10.07
CA ASP C 200 23.55 38.40 -9.09
C ASP C 200 23.90 37.05 -9.71
N PHE C 201 24.86 36.38 -9.12
CA PHE C 201 25.08 34.96 -9.37
C PHE C 201 24.17 34.16 -8.45
N ARG C 202 23.47 33.18 -9.02
CA ARG C 202 22.58 32.33 -8.25
C ARG C 202 22.71 30.90 -8.71
N ILE C 203 22.82 29.98 -7.76
CA ILE C 203 22.66 28.57 -8.04
C ILE C 203 21.21 28.22 -7.71
N TRP C 204 20.43 27.94 -8.76
CA TRP C 204 19.01 27.64 -8.56
C TRP C 204 18.79 26.36 -7.77
N ASN C 205 19.71 25.40 -7.89
CA ASN C 205 19.59 24.20 -7.08
C ASN C 205 19.84 24.54 -5.62
N SER C 206 19.00 23.97 -4.74
CA SER C 206 19.21 24.13 -3.30
C SER C 206 20.48 23.44 -2.85
N GLN C 207 20.82 22.30 -3.47
CA GLN C 207 22.07 21.63 -3.23
C GLN C 207 22.72 21.25 -4.56
N LEU C 208 24.03 21.03 -4.52
CA LEU C 208 24.74 20.68 -5.74
C LEU C 208 24.35 19.30 -6.22
N VAL C 209 24.08 18.37 -5.31
CA VAL C 209 23.55 17.06 -5.66
C VAL C 209 22.10 17.01 -5.20
N ARG C 210 21.19 16.72 -6.14
CA ARG C 210 19.76 16.76 -5.87
C ARG C 210 19.11 15.67 -6.71
N TYR C 211 18.45 14.72 -6.06
CA TYR C 211 17.72 13.70 -6.80
C TYR C 211 16.41 14.25 -7.35
N ALA C 212 16.09 13.88 -8.58
CA ALA C 212 14.92 14.43 -9.25
C ALA C 212 13.64 14.06 -8.52
N GLY C 213 12.64 14.92 -8.65
CA GLY C 213 11.32 14.65 -8.15
C GLY C 213 10.29 14.84 -9.24
N TYR C 214 9.67 13.74 -9.66
CA TYR C 214 8.78 13.70 -10.82
C TYR C 214 7.33 13.61 -10.36
N ARG C 215 6.56 14.65 -10.65
CA ARG C 215 5.12 14.60 -10.41
C ARG C 215 4.47 13.61 -11.36
N GLN C 216 3.76 12.63 -10.81
CA GLN C 216 3.12 11.59 -11.60
C GLN C 216 1.66 11.95 -11.88
N GLN C 217 1.13 11.37 -12.96
CA GLN C 217 -0.31 11.45 -13.21
C GLN C 217 -1.11 10.85 -12.06
N ASP C 218 -0.47 9.97 -11.28
CA ASP C 218 -0.98 9.57 -9.97
C ASP C 218 -1.26 10.77 -9.08
N GLY C 219 -0.51 11.86 -9.25
CA GLY C 219 -0.47 12.95 -8.31
C GLY C 219 0.65 12.85 -7.31
N SER C 220 1.17 11.64 -7.08
CA SER C 220 2.30 11.41 -6.18
C SER C 220 3.59 11.88 -6.84
N VAL C 221 4.72 11.58 -6.19
CA VAL C 221 6.04 11.95 -6.70
C VAL C 221 6.92 10.71 -6.75
N ARG C 222 7.56 10.49 -7.88
CA ARG C 222 8.64 9.52 -8.01
C ARG C 222 9.96 10.26 -7.87
N GLY C 223 10.83 9.75 -7.01
CA GLY C 223 12.03 10.48 -6.65
C GLY C 223 11.86 11.28 -5.38
N ASP C 224 12.56 12.41 -5.28
CA ASP C 224 12.54 13.21 -4.07
C ASP C 224 11.46 14.27 -4.18
N PRO C 225 10.47 14.28 -3.27
CA PRO C 225 9.45 15.33 -3.33
C PRO C 225 10.01 16.72 -3.08
N ALA C 226 11.10 16.84 -2.32
CA ALA C 226 11.70 18.14 -2.04
C ALA C 226 12.09 18.89 -3.31
N ASN C 227 12.33 18.17 -4.40
CA ASN C 227 12.92 18.76 -5.59
C ASN C 227 11.96 18.80 -6.77
N VAL C 228 10.65 18.75 -6.52
CA VAL C 228 9.70 18.75 -7.63
C VAL C 228 9.76 20.07 -8.39
N GLU C 229 10.00 21.18 -7.68
CA GLU C 229 10.01 22.47 -8.35
C GLU C 229 11.29 22.66 -9.17
N ILE C 230 12.44 22.32 -8.59
CA ILE C 230 13.69 22.46 -9.32
C ILE C 230 13.76 21.44 -10.46
N THR C 231 13.15 20.26 -10.27
CA THR C 231 13.14 19.28 -11.36
C THR C 231 12.32 19.79 -12.54
N GLU C 232 11.19 20.45 -12.27
CA GLU C 232 10.43 21.05 -13.36
C GLU C 232 11.22 22.16 -14.04
N LEU C 233 11.93 22.97 -13.25
CA LEU C 233 12.73 24.05 -13.82
C LEU C 233 13.82 23.49 -14.73
N CYS C 234 14.51 22.44 -14.29
CA CYS C 234 15.50 21.81 -15.16
C CYS C 234 14.87 21.32 -16.44
N ILE C 235 13.65 20.77 -16.36
CA ILE C 235 12.98 20.25 -17.55
C ILE C 235 12.61 21.39 -18.50
N GLN C 236 12.16 22.51 -17.96
CA GLN C 236 11.92 23.71 -18.78
C GLN C 236 13.20 24.15 -19.46
N HIS C 237 14.17 24.63 -18.65
CA HIS C 237 15.41 25.19 -19.17
C HIS C 237 16.34 24.11 -19.71
N GLY C 238 15.82 23.22 -20.55
CA GLY C 238 16.66 22.22 -21.18
C GLY C 238 16.40 20.78 -20.78
N TRP C 239 16.83 20.41 -19.58
CA TRP C 239 17.06 19.01 -19.21
C TRP C 239 15.96 18.08 -19.69
N THR C 240 16.37 16.98 -20.31
CA THR C 240 15.49 15.86 -20.58
C THR C 240 15.46 14.94 -19.36
N PRO C 241 14.30 14.59 -18.84
CA PRO C 241 14.24 13.96 -17.52
C PRO C 241 14.47 12.46 -17.57
N GLY C 242 15.10 11.97 -16.50
CA GLY C 242 15.15 10.55 -16.26
C GLY C 242 13.79 10.04 -15.81
N ASN C 243 13.81 8.82 -15.25
CA ASN C 243 12.58 8.24 -14.72
C ASN C 243 12.86 7.37 -13.50
N GLY C 244 13.93 7.67 -12.77
CA GLY C 244 14.30 6.91 -11.60
C GLY C 244 14.05 7.67 -10.31
N ARG C 245 14.13 6.93 -9.20
CA ARG C 245 13.96 7.49 -7.87
C ARG C 245 15.19 8.25 -7.39
N PHE C 246 16.30 8.17 -8.12
CA PHE C 246 17.54 8.83 -7.73
C PHE C 246 18.24 9.41 -8.96
N ASP C 247 17.47 10.08 -9.81
CA ASP C 247 18.04 10.77 -10.97
C ASP C 247 18.65 12.09 -10.50
N VAL C 248 19.98 12.15 -10.51
CA VAL C 248 20.69 13.35 -10.09
C VAL C 248 20.37 14.49 -11.05
N LEU C 249 19.87 15.59 -10.51
CA LEU C 249 19.46 16.71 -11.33
C LEU C 249 20.68 17.38 -11.96
N PRO C 250 20.48 18.05 -13.09
CA PRO C 250 21.49 19.02 -13.54
C PRO C 250 21.50 20.23 -12.63
N LEU C 251 22.53 21.04 -12.79
CA LEU C 251 22.60 22.33 -12.12
C LEU C 251 22.00 23.40 -13.03
N LEU C 252 21.19 24.27 -12.45
CA LEU C 252 20.71 25.47 -13.13
C LEU C 252 21.49 26.64 -12.55
N LEU C 253 22.52 27.06 -13.27
CA LEU C 253 23.47 28.07 -12.82
C LEU C 253 23.19 29.39 -13.53
N GLN C 254 23.07 30.45 -12.76
CA GLN C 254 22.60 31.75 -13.27
C GLN C 254 23.69 32.79 -13.05
N ALA C 255 24.18 33.37 -14.16
CA ALA C 255 25.07 34.52 -14.17
C ALA C 255 24.25 35.80 -14.14
N PRO C 256 24.84 36.92 -13.71
CA PRO C 256 24.08 38.18 -13.62
C PRO C 256 23.32 38.53 -14.89
N ASP C 257 22.03 38.80 -14.73
CA ASP C 257 21.14 39.32 -15.77
C ASP C 257 20.96 38.35 -16.93
N GLU C 258 21.67 37.30 -16.93
CA GLU C 258 21.41 36.26 -17.92
C GLU C 258 20.48 35.21 -17.33
N PRO C 259 19.72 34.50 -18.15
CA PRO C 259 18.97 33.34 -17.65
C PRO C 259 19.92 32.26 -17.19
N PRO C 260 19.45 31.35 -16.33
CA PRO C 260 20.32 30.24 -15.91
C PRO C 260 20.55 29.26 -17.05
N GLU C 261 21.77 28.74 -17.11
CA GLU C 261 22.13 27.74 -18.10
C GLU C 261 22.15 26.37 -17.46
N LEU C 262 21.65 25.37 -18.19
CA LEU C 262 21.60 24.01 -17.69
C LEU C 262 22.97 23.34 -17.83
N PHE C 263 23.46 22.76 -16.74
CA PHE C 263 24.74 22.06 -16.74
C PHE C 263 24.56 20.69 -16.10
N LEU C 264 24.82 19.64 -16.88
CA LEU C 264 24.78 18.29 -16.34
C LEU C 264 26.06 18.00 -15.56
N LEU C 265 25.92 17.27 -14.46
CA LEU C 265 27.14 16.98 -13.73
C LEU C 265 27.73 15.67 -14.23
N PRO C 266 29.05 15.56 -14.32
CA PRO C 266 29.66 14.30 -14.77
C PRO C 266 29.46 13.21 -13.74
N PRO C 267 28.83 12.09 -14.12
CA PRO C 267 28.49 11.06 -13.12
C PRO C 267 29.65 10.60 -12.26
N GLU C 268 30.86 10.49 -12.82
CA GLU C 268 32.03 10.13 -12.04
C GLU C 268 32.42 11.20 -11.03
N LEU C 269 31.85 12.40 -11.13
CA LEU C 269 32.13 13.44 -10.14
C LEU C 269 31.24 13.32 -8.92
N VAL C 270 30.03 12.78 -9.08
CA VAL C 270 29.01 12.78 -8.04
C VAL C 270 29.08 11.42 -7.33
N LEU C 271 29.78 11.37 -6.21
CA LEU C 271 29.98 10.11 -5.51
C LEU C 271 28.72 9.73 -4.74
N GLU C 272 28.12 8.61 -5.11
CA GLU C 272 26.95 8.09 -4.42
C GLU C 272 27.26 6.79 -3.69
N VAL C 273 26.49 6.55 -2.62
CA VAL C 273 26.61 5.34 -1.82
C VAL C 273 25.32 4.53 -1.94
N PRO C 274 25.33 3.42 -2.66
CA PRO C 274 24.16 2.55 -2.66
C PRO C 274 23.98 1.92 -1.29
N LEU C 275 22.74 1.88 -0.81
CA LEU C 275 22.48 1.55 0.57
C LEU C 275 22.19 0.07 0.74
N GLU C 276 22.92 -0.56 1.66
CA GLU C 276 22.67 -1.92 2.08
C GLU C 276 22.76 -1.96 3.60
N HIS C 277 22.30 -3.06 4.17
CA HIS C 277 22.24 -3.22 5.60
C HIS C 277 23.15 -4.36 6.05
N PRO C 278 23.85 -4.21 7.18
CA PRO C 278 24.85 -5.23 7.55
C PRO C 278 24.28 -6.63 7.69
N THR C 279 23.01 -6.78 8.05
CA THR C 279 22.46 -8.11 8.27
C THR C 279 21.15 -8.40 7.54
N LEU C 280 20.43 -7.38 7.08
CA LEU C 280 19.18 -7.57 6.33
C LEU C 280 19.54 -7.61 4.85
N GLU C 281 19.66 -8.83 4.30
CA GLU C 281 20.16 -8.97 2.93
C GLU C 281 19.23 -8.32 1.91
N TRP C 282 17.93 -8.25 2.22
CA TRP C 282 16.98 -7.64 1.29
C TRP C 282 17.06 -6.12 1.24
N PHE C 283 17.78 -5.46 2.16
CA PHE C 283 17.80 -4.00 2.14
C PHE C 283 18.37 -3.48 0.83
N ALA C 284 19.54 -3.98 0.44
CA ALA C 284 20.15 -3.59 -0.83
C ALA C 284 19.17 -3.63 -1.98
N ALA C 285 18.26 -4.63 -1.99
CA ALA C 285 17.32 -4.78 -3.09
C ALA C 285 16.32 -3.64 -3.13
N LEU C 286 16.09 -2.95 -2.02
CA LEU C 286 15.24 -1.79 -2.08
C LEU C 286 15.81 -0.68 -2.98
N GLY C 287 17.03 -0.84 -3.49
CA GLY C 287 17.56 0.12 -4.47
C GLY C 287 17.83 1.50 -3.92
N LEU C 288 17.86 1.64 -2.60
CA LEU C 288 18.06 2.95 -2.00
C LEU C 288 19.49 3.42 -2.20
N ARG C 289 19.64 4.71 -2.46
CA ARG C 289 20.95 5.32 -2.66
C ARG C 289 20.97 6.68 -1.98
N TRP C 290 22.17 7.14 -1.66
CA TRP C 290 22.33 8.57 -1.41
C TRP C 290 23.73 8.99 -1.83
N TYR C 291 23.93 10.29 -1.90
CA TYR C 291 25.19 10.85 -2.38
C TYR C 291 26.08 11.20 -1.19
N ALA C 292 27.37 11.32 -1.47
CA ALA C 292 28.36 11.51 -0.42
C ALA C 292 28.31 12.93 0.17
N LEU C 293 28.02 13.92 -0.67
CA LEU C 293 28.45 15.30 -0.42
C LEU C 293 27.29 16.23 -0.11
N PRO C 294 27.08 16.60 1.14
CA PRO C 294 26.05 17.60 1.43
C PRO C 294 26.62 18.96 1.07
N ALA C 295 26.09 19.54 0.00
CA ALA C 295 26.67 20.76 -0.55
C ALA C 295 25.55 21.75 -0.81
N VAL C 296 25.43 22.75 0.06
CA VAL C 296 24.30 23.67 0.07
C VAL C 296 24.61 24.84 -0.87
N SER C 297 23.71 25.11 -1.81
CA SER C 297 23.97 25.99 -2.93
C SER C 297 22.91 27.08 -3.11
N ASN C 298 22.10 27.36 -2.10
CA ASN C 298 21.02 28.34 -2.25
C ASN C 298 20.97 29.35 -1.11
N MET C 299 21.93 29.32 -0.20
CA MET C 299 21.97 30.28 0.90
C MET C 299 22.93 31.41 0.55
N LEU C 300 22.72 32.54 1.23
CA LEU C 300 23.48 33.76 0.99
C LEU C 300 24.52 33.92 2.09
N LEU C 301 25.76 34.19 1.70
CA LEU C 301 26.84 34.44 2.66
C LEU C 301 27.00 35.95 2.86
N GLU C 302 27.04 36.36 4.13
CA GLU C 302 27.06 37.77 4.51
C GLU C 302 28.32 38.04 5.32
N ILE C 303 29.20 38.91 4.80
CA ILE C 303 30.44 39.27 5.45
C ILE C 303 30.60 40.78 5.47
N GLY C 304 30.66 41.37 6.66
CA GLY C 304 30.82 42.80 6.82
C GLY C 304 29.93 43.61 5.91
N GLY C 305 28.62 43.38 5.97
CA GLY C 305 27.70 44.08 5.10
C GLY C 305 27.74 43.67 3.65
N LEU C 306 28.69 42.83 3.25
CA LEU C 306 28.68 42.29 1.90
C LEU C 306 27.85 41.02 1.90
N GLU C 307 27.27 40.73 0.74
CA GLU C 307 26.34 39.61 0.60
C GLU C 307 26.71 38.85 -0.67
N PHE C 308 26.88 37.53 -0.55
CA PHE C 308 27.27 36.70 -1.68
C PHE C 308 26.12 35.76 -2.01
N PRO C 309 25.24 36.12 -2.95
CA PRO C 309 24.06 35.28 -3.21
C PRO C 309 24.39 33.89 -3.71
N ALA C 310 25.64 33.63 -4.08
CA ALA C 310 26.08 32.28 -4.46
C ALA C 310 27.42 32.00 -3.78
N ALA C 311 27.40 31.12 -2.78
CA ALA C 311 28.63 30.70 -2.09
C ALA C 311 28.42 29.28 -1.58
N PRO C 312 28.45 28.29 -2.48
CA PRO C 312 28.12 26.92 -2.07
C PRO C 312 29.16 26.39 -1.09
N PHE C 313 28.68 25.77 -0.02
CA PHE C 313 29.53 25.20 1.01
C PHE C 313 29.11 23.76 1.25
N SER C 314 30.08 22.92 1.62
CA SER C 314 29.83 21.50 1.81
C SER C 314 30.61 21.02 3.03
N GLY C 315 30.09 19.97 3.65
CA GLY C 315 30.83 19.25 4.65
C GLY C 315 30.72 17.76 4.40
N TRP C 316 30.32 17.02 5.42
CA TRP C 316 29.91 15.63 5.26
C TRP C 316 28.66 15.41 6.07
N TYR C 317 27.95 14.31 5.77
CA TYR C 317 26.65 14.09 6.36
C TYR C 317 26.76 13.56 7.78
N MET C 318 25.80 13.96 8.61
CA MET C 318 25.43 13.17 9.76
C MET C 318 24.39 12.14 9.30
N SER C 319 24.52 10.89 9.77
CA SER C 319 23.72 9.82 9.20
C SER C 319 22.20 10.06 9.35
N THR C 320 21.74 10.74 10.40
CA THR C 320 20.30 10.92 10.51
C THR C 320 19.75 11.84 9.43
N GLU C 321 20.57 12.72 8.86
CA GLU C 321 20.08 13.57 7.78
C GLU C 321 19.56 12.74 6.63
N ILE C 322 20.29 11.67 6.30
CA ILE C 322 19.96 10.75 5.23
C ILE C 322 18.94 9.70 5.69
N GLY C 323 19.30 8.92 6.72
CA GLY C 323 18.49 7.77 7.06
C GLY C 323 17.16 8.16 7.69
N THR C 324 17.16 9.21 8.49
CA THR C 324 15.90 9.62 9.11
C THR C 324 15.16 10.67 8.30
N ARG C 325 15.83 11.77 7.95
CA ARG C 325 15.08 12.88 7.37
C ARG C 325 14.83 12.67 5.88
N ASN C 326 15.90 12.46 5.10
CA ASN C 326 15.70 12.36 3.66
C ASN C 326 14.94 11.10 3.28
N LEU C 327 15.21 10.00 3.95
CA LEU C 327 14.58 8.74 3.57
C LEU C 327 13.26 8.51 4.27
N CYS C 328 13.07 9.05 5.47
CA CYS C 328 11.89 8.71 6.25
C CYS C 328 10.92 9.86 6.49
N ASP C 329 11.24 11.10 6.14
CA ASP C 329 10.22 12.14 6.30
C ASP C 329 9.02 11.77 5.44
N PRO C 330 7.80 11.94 5.96
CA PRO C 330 6.61 11.63 5.15
C PRO C 330 6.55 12.42 3.86
N HIS C 331 7.22 13.57 3.80
CA HIS C 331 7.20 14.41 2.61
C HIS C 331 8.50 14.28 1.84
N ARG C 332 9.37 13.36 2.22
CA ARG C 332 10.54 13.02 1.41
C ARG C 332 10.36 11.64 0.84
N TYR C 333 11.39 10.79 0.88
CA TYR C 333 11.24 9.47 0.28
C TYR C 333 10.21 8.61 1.01
N ASN C 334 9.97 8.86 2.30
CA ASN C 334 8.87 8.20 3.02
C ASN C 334 8.96 6.68 2.91
N ILE C 335 10.17 6.13 3.14
CA ILE C 335 10.40 4.70 2.98
C ILE C 335 10.16 3.88 4.25
N LEU C 336 9.86 4.54 5.39
CA LEU C 336 9.74 3.83 6.66
C LEU C 336 8.84 2.59 6.57
N GLU C 337 7.66 2.74 5.96
CA GLU C 337 6.72 1.62 5.97
C GLU C 337 7.19 0.49 5.05
N ASP C 338 7.83 0.85 3.94
CA ASP C 338 8.39 -0.16 3.04
C ASP C 338 9.40 -1.02 3.76
N VAL C 339 10.32 -0.39 4.49
CA VAL C 339 11.33 -1.09 5.27
C VAL C 339 10.70 -1.90 6.40
N ALA C 340 9.71 -1.32 7.10
CA ALA C 340 9.04 -2.06 8.18
C ALA C 340 8.37 -3.33 7.66
N VAL C 341 7.70 -3.25 6.52
CA VAL C 341 7.12 -4.45 5.93
C VAL C 341 8.20 -5.50 5.69
N CYS C 342 9.35 -5.09 5.16
CA CYS C 342 10.38 -6.07 4.88
C CYS C 342 10.93 -6.68 6.17
N MET C 343 10.85 -5.95 7.28
CA MET C 343 11.32 -6.47 8.55
C MET C 343 10.29 -7.32 9.23
N ASP C 344 9.15 -7.52 8.57
CA ASP C 344 8.02 -8.27 9.10
C ASP C 344 7.59 -7.70 10.45
N LEU C 345 7.44 -6.38 10.47
CA LEU C 345 7.00 -5.70 11.67
C LEU C 345 5.48 -5.56 11.68
N ASP C 346 4.93 -5.35 12.86
CA ASP C 346 3.49 -5.23 13.01
C ASP C 346 3.10 -3.78 12.76
N THR C 347 2.77 -3.45 11.51
CA THR C 347 2.41 -2.09 11.17
C THR C 347 0.94 -1.75 11.44
N ARG C 348 0.19 -2.64 12.11
CA ARG C 348 -1.22 -2.40 12.42
C ARG C 348 -1.42 -1.65 13.73
N THR C 349 -0.38 -1.51 14.54
CA THR C 349 -0.47 -0.79 15.80
C THR C 349 0.80 0.02 15.99
N THR C 350 0.63 1.30 16.37
CA THR C 350 1.76 2.17 16.67
C THR C 350 2.58 1.66 17.84
N SER C 351 1.96 0.92 18.78
CA SER C 351 2.65 0.60 20.02
C SER C 351 3.69 -0.49 19.87
N SER C 352 3.70 -1.23 18.74
CA SER C 352 4.83 -2.10 18.46
C SER C 352 6.08 -1.32 18.10
N LEU C 353 5.97 0.00 17.89
CA LEU C 353 7.10 0.86 17.56
C LEU C 353 7.79 0.43 16.27
N TRP C 354 6.99 -0.03 15.31
CA TRP C 354 7.53 -0.43 14.03
C TRP C 354 8.20 0.73 13.34
N LYS C 355 7.62 1.93 13.48
CA LYS C 355 8.27 3.11 12.90
C LYS C 355 9.66 3.26 13.48
N ASP C 356 9.81 3.11 14.80
CA ASP C 356 11.09 3.29 15.43
C ASP C 356 12.10 2.23 15.02
N LYS C 357 11.67 0.97 14.95
CA LYS C 357 12.61 -0.10 14.65
C LYS C 357 13.10 0.01 13.21
N ALA C 358 12.18 0.32 12.29
CA ALA C 358 12.55 0.49 10.89
C ALA C 358 13.45 1.70 10.71
N ALA C 359 13.16 2.81 11.38
CA ALA C 359 14.02 4.00 11.28
C ALA C 359 15.44 3.68 11.72
N VAL C 360 15.59 2.92 12.82
CA VAL C 360 16.92 2.63 13.34
C VAL C 360 17.72 1.85 12.32
N GLU C 361 17.10 0.82 11.74
CA GLU C 361 17.81 -0.01 10.78
C GLU C 361 18.16 0.78 9.53
N ILE C 362 17.31 1.73 9.12
CA ILE C 362 17.67 2.56 7.96
C ILE C 362 18.89 3.39 8.29
N ASN C 363 18.98 3.91 9.52
CA ASN C 363 20.17 4.63 9.92
C ASN C 363 21.37 3.71 10.03
N VAL C 364 21.16 2.47 10.50
CA VAL C 364 22.26 1.51 10.56
C VAL C 364 22.76 1.23 9.15
N ALA C 365 21.83 1.03 8.22
CA ALA C 365 22.18 0.78 6.82
C ALA C 365 22.98 1.95 6.24
N VAL C 366 22.51 3.17 6.48
CA VAL C 366 23.23 4.37 6.06
C VAL C 366 24.64 4.36 6.60
N LEU C 367 24.78 4.14 7.91
CA LEU C 367 26.09 4.16 8.53
C LEU C 367 26.95 3.03 8.00
N HIS C 368 26.40 1.82 7.97
CA HIS C 368 27.12 0.69 7.43
C HIS C 368 27.59 0.96 5.99
N SER C 369 26.69 1.50 5.17
CA SER C 369 26.96 1.68 3.75
C SER C 369 28.01 2.73 3.48
N TYR C 370 27.96 3.86 4.18
CA TYR C 370 28.98 4.88 3.98
C TYR C 370 30.34 4.37 4.46
N GLN C 371 30.38 3.67 5.59
CA GLN C 371 31.65 3.13 6.07
C GLN C 371 32.20 2.09 5.12
N LEU C 372 31.34 1.20 4.62
CA LEU C 372 31.78 0.21 3.65
C LEU C 372 32.36 0.87 2.42
N ALA C 373 31.75 1.96 1.96
CA ALA C 373 32.24 2.70 0.80
C ALA C 373 33.33 3.70 1.15
N LYS C 374 33.76 3.73 2.41
CA LYS C 374 34.82 4.63 2.84
C LYS C 374 34.47 6.08 2.55
N VAL C 375 33.19 6.41 2.68
CA VAL C 375 32.68 7.76 2.51
C VAL C 375 32.43 8.35 3.89
N THR C 376 33.02 9.52 4.15
CA THR C 376 32.89 10.16 5.44
C THR C 376 31.44 10.28 5.85
N ILE C 377 31.12 9.71 7.00
CA ILE C 377 29.83 9.93 7.65
C ILE C 377 30.03 9.93 9.15
N VAL C 378 29.14 10.62 9.85
CA VAL C 378 29.19 10.69 11.29
C VAL C 378 27.78 10.41 11.83
N ASP C 379 27.72 9.60 12.86
CA ASP C 379 26.43 9.26 13.42
C ASP C 379 26.03 10.34 14.42
N HIS C 380 24.74 10.41 14.69
CA HIS C 380 24.25 11.48 15.54
C HIS C 380 24.79 11.41 16.96
N HIS C 381 25.21 10.23 17.45
CA HIS C 381 25.81 10.18 18.79
C HIS C 381 27.17 10.86 18.78
N ALA C 382 28.04 10.44 17.86
CA ALA C 382 29.35 11.06 17.76
C ALA C 382 29.24 12.56 17.46
N ALA C 383 28.29 12.94 16.59
CA ALA C 383 28.19 14.34 16.20
C ALA C 383 27.70 15.21 17.35
N THR C 384 26.70 14.74 18.11
CA THR C 384 26.21 15.53 19.22
C THR C 384 27.22 15.58 20.36
N ALA C 385 27.99 14.52 20.56
CA ALA C 385 29.03 14.58 21.57
C ALA C 385 30.12 15.56 21.17
N SER C 386 30.38 15.70 19.86
CA SER C 386 31.36 16.68 19.40
CA SER C 386 31.36 16.69 19.41
C SER C 386 30.81 18.09 19.51
N PHE C 387 29.52 18.28 19.23
CA PHE C 387 28.96 19.62 19.36
C PHE C 387 28.98 20.08 20.81
N MET C 388 28.83 19.14 21.75
CA MET C 388 29.06 19.48 23.14
C MET C 388 30.47 20.06 23.34
N LYS C 389 31.47 19.43 22.74
CA LYS C 389 32.84 19.94 22.86
C LYS C 389 32.94 21.33 22.25
N HIS C 390 32.38 21.51 21.05
CA HIS C 390 32.31 22.83 20.44
C HIS C 390 31.67 23.86 21.36
N LEU C 391 30.59 23.50 22.07
CA LEU C 391 29.99 24.44 23.01
C LEU C 391 30.98 24.82 24.10
N GLU C 392 31.62 23.83 24.70
CA GLU C 392 32.63 24.08 25.72
C GLU C 392 33.75 24.99 25.19
N ASN C 393 34.35 24.62 24.05
CA ASN C 393 35.37 25.47 23.45
C ASN C 393 34.84 26.88 23.19
N GLU C 394 33.64 26.99 22.60
CA GLU C 394 33.15 28.32 22.27
C GLU C 394 32.90 29.15 23.53
N GLN C 395 32.46 28.49 24.62
CA GLN C 395 32.28 29.20 25.88
C GLN C 395 33.55 29.93 26.29
N LYS C 396 34.69 29.23 26.26
CA LYS C 396 35.97 29.85 26.60
C LYS C 396 36.39 30.84 25.53
N ALA C 397 36.10 30.54 24.27
CA ALA C 397 36.61 31.36 23.16
C ALA C 397 35.85 32.68 23.04
N ARG C 398 34.52 32.63 23.12
CA ARG C 398 33.69 33.78 22.79
C ARG C 398 32.58 34.07 23.77
N GLY C 399 32.54 33.40 24.93
CA GLY C 399 31.53 33.66 25.93
C GLY C 399 30.22 32.94 25.72
N GLY C 400 30.12 32.10 24.71
CA GLY C 400 28.88 31.40 24.42
C GLY C 400 28.90 30.86 23.00
N CYS C 401 27.73 30.40 22.58
CA CYS C 401 27.61 29.87 21.22
C CYS C 401 26.16 29.83 20.77
N PRO C 402 25.81 30.59 19.72
CA PRO C 402 24.41 30.56 19.24
C PRO C 402 24.05 29.17 18.73
N ALA C 403 22.92 28.65 19.21
CA ALA C 403 22.53 27.30 18.84
C ALA C 403 21.02 27.18 18.87
N ASP C 404 20.48 26.46 17.90
CA ASP C 404 19.06 26.26 17.67
C ASP C 404 18.74 24.83 18.09
N TRP C 405 18.28 24.71 19.34
CA TRP C 405 18.06 23.41 19.96
C TRP C 405 17.30 22.47 19.03
N ALA C 406 16.24 22.98 18.39
CA ALA C 406 15.39 22.17 17.54
C ALA C 406 16.16 21.57 16.37
N TRP C 407 17.18 22.27 15.86
CA TRP C 407 17.97 21.76 14.76
C TRP C 407 19.21 21.01 15.22
N ILE C 408 19.69 21.27 16.44
CA ILE C 408 20.86 20.57 16.95
C ILE C 408 20.50 19.17 17.41
N VAL C 409 19.37 19.03 18.12
CA VAL C 409 18.96 17.72 18.63
C VAL C 409 18.61 16.81 17.45
N PRO C 410 19.18 15.61 17.38
CA PRO C 410 18.92 14.73 16.24
C PRO C 410 17.46 14.38 16.13
N PRO C 411 16.98 14.05 14.92
CA PRO C 411 15.58 13.69 14.73
C PRO C 411 15.23 12.25 15.08
N ILE C 412 16.19 11.48 15.58
CA ILE C 412 15.89 10.23 16.27
C ILE C 412 16.71 10.22 17.54
N SER C 413 16.21 9.47 18.52
CA SER C 413 16.92 9.26 19.78
C SER C 413 17.34 10.57 20.43
N GLY C 414 16.54 11.63 20.25
CA GLY C 414 16.82 12.94 20.84
C GLY C 414 17.49 12.92 22.19
N SER C 415 16.81 12.38 23.19
CA SER C 415 17.30 12.45 24.57
C SER C 415 18.41 11.46 24.87
N LEU C 416 18.69 10.54 23.94
CA LEU C 416 19.87 9.70 24.09
C LEU C 416 21.17 10.45 23.79
N THR C 417 21.08 11.66 23.15
CA THR C 417 22.24 12.51 22.86
C THR C 417 22.37 13.64 23.88
N PRO C 418 23.59 14.16 24.14
CA PRO C 418 23.75 15.10 25.24
C PRO C 418 23.22 16.49 24.94
N VAL C 419 23.04 16.83 23.66
CA VAL C 419 22.53 18.16 23.33
C VAL C 419 21.07 18.29 23.72
N PHE C 420 20.35 17.17 23.89
CA PHE C 420 18.96 17.25 24.31
C PHE C 420 18.87 17.91 25.68
N HIS C 421 19.80 17.56 26.57
CA HIS C 421 19.80 18.03 27.93
C HIS C 421 20.55 19.34 28.10
N GLN C 422 20.97 19.96 27.00
CA GLN C 422 21.73 21.19 27.02
C GLN C 422 20.82 22.35 26.61
N GLU C 423 20.57 23.26 27.54
CA GLU C 423 19.89 24.50 27.19
C GLU C 423 20.76 25.28 26.21
N MET C 424 20.11 25.93 25.26
CA MET C 424 20.83 26.67 24.24
C MET C 424 20.19 28.03 24.05
N VAL C 425 21.00 28.97 23.60
CA VAL C 425 20.57 30.31 23.24
C VAL C 425 20.72 30.45 21.74
N ASN C 426 19.70 31.00 21.10
CA ASN C 426 19.72 31.21 19.66
C ASN C 426 19.74 32.69 19.36
N TYR C 427 20.72 33.10 18.55
CA TYR C 427 20.85 34.49 18.12
C TYR C 427 21.66 34.52 16.83
N PHE C 428 21.57 35.67 16.14
CA PHE C 428 22.13 35.85 14.81
C PHE C 428 23.37 36.73 14.92
N LEU C 429 24.54 36.13 14.72
CA LEU C 429 25.77 36.89 14.57
C LEU C 429 26.13 37.02 13.09
N SER C 430 26.99 37.99 12.80
CA SER C 430 27.57 38.17 11.49
C SER C 430 29.08 38.08 11.62
N PRO C 431 29.78 37.53 10.60
CA PRO C 431 29.28 36.94 9.36
C PRO C 431 28.30 35.79 9.55
N ALA C 432 27.47 35.54 8.55
CA ALA C 432 26.37 34.58 8.66
C ALA C 432 26.04 33.96 7.32
N PHE C 433 25.46 32.77 7.38
CA PHE C 433 24.72 32.20 6.26
C PHE C 433 23.25 32.48 6.48
N ARG C 434 22.58 33.01 5.45
CA ARG C 434 21.16 33.32 5.53
C ARG C 434 20.42 32.63 4.39
N TYR C 435 19.16 32.29 4.65
CA TYR C 435 18.29 31.90 3.56
C TYR C 435 18.00 33.12 2.68
N GLN C 436 17.52 32.87 1.47
CA GLN C 436 17.28 33.97 0.55
C GLN C 436 16.13 33.59 -0.34
N PRO C 437 15.47 34.56 -0.97
CA PRO C 437 14.39 34.21 -1.90
C PRO C 437 14.94 33.36 -3.04
N ASP C 438 14.10 32.45 -3.52
CA ASP C 438 14.47 31.71 -4.72
C ASP C 438 14.61 32.70 -5.89
N PRO C 439 15.41 32.35 -6.91
CA PRO C 439 15.62 33.32 -8.01
C PRO C 439 14.35 33.65 -8.77
N TRP C 440 13.52 32.67 -9.08
CA TRP C 440 12.25 32.92 -9.75
C TRP C 440 11.26 33.60 -8.79
N PHE D 28 0.34 38.59 12.76
CA PHE D 28 0.15 37.29 13.41
C PHE D 28 1.12 36.26 12.85
N PRO D 29 1.74 35.45 13.70
CA PRO D 29 2.76 34.51 13.22
C PRO D 29 2.19 33.49 12.25
N ARG D 30 2.83 33.36 11.11
CA ARG D 30 2.50 32.33 10.12
C ARG D 30 3.19 31.03 10.51
N VAL D 31 2.42 29.96 10.65
CA VAL D 31 2.89 28.67 11.11
C VAL D 31 2.69 27.65 10.00
N LYS D 32 3.71 26.84 9.75
CA LYS D 32 3.68 25.90 8.64
C LYS D 32 3.76 24.47 9.15
N ASN D 33 3.00 23.58 8.54
CA ASN D 33 3.21 22.15 8.71
C ASN D 33 4.04 21.67 7.52
N TRP D 34 5.21 21.13 7.80
CA TRP D 34 6.12 20.79 6.70
C TRP D 34 5.82 19.44 6.08
N GLU D 35 5.01 18.62 6.74
CA GLU D 35 4.60 17.35 6.16
C GLU D 35 3.52 17.55 5.10
N VAL D 36 2.55 18.42 5.36
CA VAL D 36 1.44 18.63 4.45
C VAL D 36 1.54 19.96 3.70
N GLY D 37 2.48 20.82 4.07
CA GLY D 37 2.60 22.13 3.44
C GLY D 37 1.60 23.16 3.92
N SER D 38 0.77 22.84 4.91
CA SER D 38 -0.34 23.69 5.28
C SER D 38 0.11 24.85 6.18
N ILE D 39 -0.62 25.96 6.06
CA ILE D 39 -0.29 27.24 6.69
C ILE D 39 -1.45 27.65 7.58
N THR D 40 -1.13 28.12 8.79
CA THR D 40 -2.10 28.81 9.64
C THR D 40 -1.45 30.04 10.24
N TYR D 41 -2.28 30.93 10.77
CA TYR D 41 -1.82 32.09 11.52
C TYR D 41 -2.31 31.97 12.96
N ASP D 42 -1.38 32.01 13.90
CA ASP D 42 -1.71 31.91 15.32
C ASP D 42 -2.15 33.29 15.82
N THR D 43 -3.41 33.61 15.56
CA THR D 43 -3.98 34.85 16.08
C THR D 43 -4.08 34.83 17.60
N LEU D 44 -4.10 33.64 18.20
CA LEU D 44 -4.30 33.53 19.64
C LEU D 44 -3.13 34.12 20.41
N SER D 45 -1.90 33.95 19.90
CA SER D 45 -0.71 34.44 20.59
C SER D 45 -0.81 35.93 20.92
N ALA D 46 -1.58 36.68 20.13
CA ALA D 46 -1.73 38.11 20.39
C ALA D 46 -2.39 38.38 21.73
N GLN D 47 -3.08 37.39 22.29
CA GLN D 47 -3.71 37.55 23.59
C GLN D 47 -2.84 37.06 24.74
N ALA D 48 -1.55 36.80 24.47
CA ALA D 48 -0.66 36.30 25.52
C ALA D 48 -0.39 37.41 26.53
N GLN D 49 -0.66 37.13 27.80
CA GLN D 49 -0.50 38.11 28.86
C GLN D 49 0.91 38.06 29.42
N GLN D 50 1.13 37.20 30.41
CA GLN D 50 2.45 37.07 31.04
C GLN D 50 3.51 36.77 29.99
N ASP D 51 4.66 37.42 30.14
CA ASP D 51 5.67 37.42 29.09
C ASP D 51 6.67 36.29 29.28
N GLY D 52 7.20 35.82 28.16
CA GLY D 52 8.17 34.75 28.16
C GLY D 52 9.59 35.28 28.15
N PRO D 53 10.57 34.37 28.05
CA PRO D 53 11.97 34.74 28.21
C PRO D 53 12.68 35.20 26.94
N CYS D 54 12.01 35.18 25.79
CA CYS D 54 12.66 35.49 24.53
C CYS D 54 12.53 36.97 24.22
N THR D 55 13.52 37.48 23.48
CA THR D 55 13.51 38.82 22.93
C THR D 55 13.91 38.72 21.47
N PRO D 56 13.65 39.77 20.66
CA PRO D 56 14.17 39.80 19.29
C PRO D 56 15.68 39.52 19.22
N ARG D 57 16.38 39.75 20.33
CA ARG D 57 17.82 39.58 20.37
C ARG D 57 18.21 38.10 20.42
N ARG D 58 17.50 37.30 21.19
CA ARG D 58 17.93 35.94 21.46
C ARG D 58 16.73 35.13 21.97
N CYS D 59 16.59 33.91 21.44
CA CYS D 59 15.52 32.99 21.80
C CYS D 59 15.97 32.07 22.93
N LEU D 60 15.17 32.02 23.99
CA LEU D 60 15.42 31.16 25.13
C LEU D 60 14.35 30.08 25.25
N GLY D 61 13.77 29.68 24.11
CA GLY D 61 12.75 28.67 24.11
C GLY D 61 13.19 27.33 24.66
N SER D 62 14.49 27.03 24.64
CA SER D 62 14.96 25.75 25.14
C SER D 62 15.14 25.72 26.66
N LEU D 63 14.98 26.84 27.36
CA LEU D 63 15.21 26.84 28.79
C LEU D 63 14.09 26.14 29.53
N VAL D 64 14.46 25.31 30.52
CA VAL D 64 13.47 24.53 31.24
C VAL D 64 12.60 25.44 32.12
N PHE D 65 13.24 26.24 32.96
CA PHE D 65 12.54 27.26 33.75
C PHE D 65 13.02 28.63 33.32
N PRO D 66 12.21 29.43 32.63
CA PRO D 66 12.62 30.82 32.39
C PRO D 66 12.72 31.67 33.66
N ARG D 67 11.94 31.36 34.69
CA ARG D 67 11.77 32.27 35.81
C ARG D 67 12.37 31.76 37.13
N ALA D 79 -2.03 43.94 44.09
CA ALA D 79 -2.51 44.96 43.15
C ALA D 79 -3.95 44.67 42.77
N PRO D 80 -4.88 45.38 43.40
CA PRO D 80 -6.31 45.11 43.16
C PRO D 80 -6.72 45.19 41.70
N GLU D 81 -6.16 46.11 40.92
CA GLU D 81 -6.60 46.31 39.56
C GLU D 81 -5.96 45.36 38.56
N GLN D 82 -4.74 44.89 38.83
CA GLN D 82 -4.19 43.84 37.98
C GLN D 82 -4.90 42.53 38.25
N LEU D 83 -5.22 42.26 39.52
CA LEU D 83 -6.06 41.11 39.84
C LEU D 83 -7.41 41.23 39.15
N LEU D 84 -8.00 42.43 39.22
CA LEU D 84 -9.30 42.67 38.60
C LEU D 84 -9.24 42.42 37.09
N SER D 85 -8.18 42.90 36.42
CA SER D 85 -8.16 42.74 34.97
C SER D 85 -7.91 41.29 34.57
N GLN D 86 -7.22 40.51 35.42
CA GLN D 86 -7.08 39.08 35.21
C GLN D 86 -8.38 38.36 35.51
N ALA D 87 -9.06 38.77 36.59
CA ALA D 87 -10.36 38.19 36.90
C ALA D 87 -11.36 38.45 35.78
N ARG D 88 -11.48 39.71 35.35
CA ARG D 88 -12.46 40.01 34.30
C ARG D 88 -12.21 39.19 33.07
N ASP D 89 -10.94 39.11 32.65
CA ASP D 89 -10.63 38.34 31.47
C ASP D 89 -11.10 36.92 31.64
N PHE D 90 -10.82 36.34 32.81
CA PHE D 90 -11.23 34.96 33.05
C PHE D 90 -12.75 34.81 32.97
N ILE D 91 -13.48 35.67 33.70
CA ILE D 91 -14.93 35.63 33.66
C ILE D 91 -15.42 35.73 32.21
N ASN D 92 -14.81 36.62 31.44
CA ASN D 92 -15.11 36.71 30.01
C ASN D 92 -14.84 35.38 29.32
N GLN D 93 -13.71 34.75 29.63
CA GLN D 93 -13.45 33.43 29.08
C GLN D 93 -14.57 32.48 29.44
N TYR D 94 -14.97 32.47 30.71
CA TYR D 94 -15.99 31.53 31.13
C TYR D 94 -17.28 31.76 30.35
N TYR D 95 -17.74 33.01 30.27
CA TYR D 95 -19.02 33.23 29.64
C TYR D 95 -18.98 33.01 28.13
N SER D 96 -17.80 33.11 27.51
CA SER D 96 -17.69 32.70 26.11
C SER D 96 -17.83 31.19 25.97
N SER D 97 -17.20 30.44 26.88
CA SER D 97 -17.23 28.98 26.81
C SER D 97 -18.66 28.45 26.77
N ILE D 98 -19.58 29.11 27.48
CA ILE D 98 -20.97 28.67 27.50
C ILE D 98 -21.84 29.53 26.60
N LYS D 99 -21.22 30.22 25.62
CA LYS D 99 -21.96 30.97 24.60
C LYS D 99 -22.97 31.93 25.22
N ARG D 100 -22.57 32.56 26.33
CA ARG D 100 -23.43 33.51 27.02
C ARG D 100 -22.68 34.80 27.28
N SER D 101 -21.83 35.21 26.33
CA SER D 101 -21.14 36.49 26.42
C SER D 101 -22.11 37.66 26.36
N GLY D 102 -21.78 38.72 27.09
CA GLY D 102 -22.62 39.90 27.13
C GLY D 102 -23.99 39.74 27.75
N SER D 103 -24.30 38.56 28.30
CA SER D 103 -25.62 38.30 28.90
C SER D 103 -25.76 39.04 30.23
N GLN D 104 -26.98 38.98 30.80
CA GLN D 104 -27.18 39.59 32.11
C GLN D 104 -26.29 38.91 33.15
N ALA D 105 -26.27 37.58 33.16
CA ALA D 105 -25.46 36.89 34.16
C ALA D 105 -23.98 37.21 34.01
N HIS D 106 -23.51 37.38 32.77
CA HIS D 106 -22.11 37.75 32.52
C HIS D 106 -21.80 39.11 33.13
N GLU D 107 -22.57 40.14 32.75
CA GLU D 107 -22.51 41.44 33.44
C GLU D 107 -22.49 41.28 34.95
N GLN D 108 -23.49 40.59 35.50
CA GLN D 108 -23.64 40.54 36.96
C GLN D 108 -22.47 39.85 37.64
N ARG D 109 -21.96 38.77 37.05
CA ARG D 109 -20.82 38.09 37.65
C ARG D 109 -19.58 38.98 37.63
N LEU D 110 -19.45 39.82 36.60
CA LEU D 110 -18.33 40.77 36.57
C LEU D 110 -18.45 41.79 37.69
N GLN D 111 -19.65 42.39 37.85
CA GLN D 111 -19.89 43.30 38.94
C GLN D 111 -19.67 42.62 40.27
N GLU D 112 -20.10 41.36 40.37
CA GLU D 112 -19.96 40.60 41.60
C GLU D 112 -18.50 40.34 41.96
N VAL D 113 -17.65 40.05 40.97
CA VAL D 113 -16.23 39.85 41.26
C VAL D 113 -15.59 41.16 41.67
N GLU D 114 -15.90 42.24 40.95
CA GLU D 114 -15.26 43.53 41.22
C GLU D 114 -15.68 44.06 42.59
N ALA D 115 -16.89 43.74 43.05
CA ALA D 115 -17.29 44.13 44.38
C ALA D 115 -16.56 43.31 45.43
N GLU D 116 -16.43 42.00 45.21
CA GLU D 116 -15.69 41.19 46.18
C GLU D 116 -14.24 41.65 46.29
N VAL D 117 -13.62 41.98 45.16
CA VAL D 117 -12.23 42.42 45.20
C VAL D 117 -12.11 43.74 45.96
N ALA D 118 -13.04 44.66 45.72
CA ALA D 118 -13.00 45.96 46.41
C ALA D 118 -13.17 45.81 47.91
N ALA D 119 -13.98 44.85 48.36
CA ALA D 119 -14.25 44.66 49.77
C ALA D 119 -13.24 43.78 50.48
N THR D 120 -12.70 42.77 49.80
CA THR D 120 -11.87 41.78 50.46
C THR D 120 -10.45 41.73 49.93
N GLY D 121 -10.16 42.42 48.83
CA GLY D 121 -8.89 42.30 48.16
C GLY D 121 -8.74 41.05 47.32
N THR D 122 -9.68 40.12 47.39
CA THR D 122 -9.61 38.90 46.58
C THR D 122 -11.04 38.50 46.21
N TYR D 123 -11.20 37.35 45.55
CA TYR D 123 -12.54 36.87 45.27
C TYR D 123 -12.51 35.35 45.25
N GLN D 124 -13.69 34.76 45.07
CA GLN D 124 -13.84 33.31 45.04
C GLN D 124 -14.48 32.91 43.72
N LEU D 125 -13.92 31.87 43.09
CA LEU D 125 -14.55 31.31 41.90
C LEU D 125 -15.84 30.59 42.26
N ARG D 126 -16.82 30.70 41.38
CA ARG D 126 -17.92 29.75 41.43
C ARG D 126 -17.38 28.35 41.17
N GLU D 127 -18.13 27.33 41.61
CA GLU D 127 -17.74 25.97 41.29
C GLU D 127 -17.53 25.83 39.78
N SER D 128 -18.47 26.34 39.00
CA SER D 128 -18.41 26.15 37.55
CA SER D 128 -18.43 26.17 37.56
C SER D 128 -17.21 26.84 36.93
N GLU D 129 -16.79 27.99 37.50
CA GLU D 129 -15.60 28.68 37.03
C GLU D 129 -14.35 27.88 37.38
N LEU D 130 -14.33 27.23 38.55
CA LEU D 130 -13.17 26.45 38.92
C LEU D 130 -12.98 25.26 37.98
N VAL D 131 -14.07 24.58 37.64
CA VAL D 131 -13.97 23.49 36.68
C VAL D 131 -13.45 24.01 35.34
N PHE D 132 -14.11 25.05 34.82
CA PHE D 132 -13.70 25.65 33.56
C PHE D 132 -12.24 26.08 33.62
N GLY D 133 -11.84 26.68 34.76
CA GLY D 133 -10.49 27.22 34.86
C GLY D 133 -9.43 26.13 34.86
N ALA D 134 -9.70 25.01 35.51
CA ALA D 134 -8.72 23.92 35.52
C ALA D 134 -8.55 23.31 34.13
N LYS D 135 -9.67 23.05 33.45
CA LYS D 135 -9.62 22.57 32.07
C LYS D 135 -8.87 23.55 31.18
N GLN D 136 -9.17 24.84 31.34
CA GLN D 136 -8.48 25.86 30.56
C GLN D 136 -7.00 25.86 30.85
N ALA D 137 -6.62 25.70 32.13
CA ALA D 137 -5.21 25.65 32.48
C ALA D 137 -4.52 24.49 31.76
N TRP D 138 -5.14 23.31 31.78
CA TRP D 138 -4.63 22.18 31.01
C TRP D 138 -4.55 22.53 29.54
N ARG D 139 -5.64 23.04 28.98
CA ARG D 139 -5.69 23.38 27.56
C ARG D 139 -4.58 24.36 27.17
N ASN D 140 -4.17 25.24 28.11
CA ASN D 140 -3.16 26.27 27.83
C ASN D 140 -1.73 25.80 28.05
N ALA D 141 -1.51 24.61 28.61
CA ALA D 141 -0.15 24.17 28.96
C ALA D 141 0.67 23.90 27.71
N PRO D 142 1.61 24.77 27.33
CA PRO D 142 2.26 24.60 26.01
C PRO D 142 3.08 23.33 25.89
N ARG D 143 3.53 22.75 27.00
CA ARG D 143 4.37 21.57 27.00
C ARG D 143 3.63 20.26 27.15
N CYS D 144 2.30 20.26 27.23
CA CYS D 144 1.51 19.03 27.38
C CYS D 144 1.08 18.54 26.01
N VAL D 145 1.59 17.39 25.60
CA VAL D 145 1.17 16.80 24.33
C VAL D 145 -0.16 16.08 24.44
N GLY D 146 -0.65 15.85 25.66
CA GLY D 146 -1.90 15.08 25.78
C GLY D 146 -3.16 15.92 25.87
N ARG D 147 -3.15 17.15 25.35
CA ARG D 147 -4.25 18.08 25.57
C ARG D 147 -5.44 17.87 24.66
N ILE D 148 -5.41 16.89 23.75
CA ILE D 148 -6.66 16.52 23.08
C ILE D 148 -7.72 16.18 24.13
N GLN D 149 -7.28 15.72 25.31
CA GLN D 149 -8.18 15.28 26.37
C GLN D 149 -8.65 16.43 27.27
N TRP D 150 -8.31 17.68 26.95
CA TRP D 150 -8.40 18.75 27.94
C TRP D 150 -9.82 18.92 28.48
N GLY D 151 -10.84 18.60 27.68
CA GLY D 151 -12.22 18.67 28.15
C GLY D 151 -12.65 17.54 29.07
N LYS D 152 -11.93 16.41 29.03
CA LYS D 152 -12.21 15.26 29.88
C LYS D 152 -11.28 15.35 31.10
N LEU D 153 -11.73 16.13 32.06
CA LEU D 153 -10.92 16.37 33.25
C LEU D 153 -11.89 16.37 34.41
N GLN D 154 -11.62 15.52 35.39
CA GLN D 154 -12.45 15.45 36.59
C GLN D 154 -11.88 16.41 37.62
N VAL D 155 -12.66 17.43 37.97
CA VAL D 155 -12.22 18.48 38.88
C VAL D 155 -12.78 18.16 40.26
N PHE D 156 -11.90 17.85 41.21
CA PHE D 156 -12.29 17.69 42.59
C PHE D 156 -12.08 19.02 43.33
N ASP D 157 -13.16 19.58 43.86
CA ASP D 157 -13.12 20.84 44.58
C ASP D 157 -12.71 20.56 46.01
N ALA D 158 -11.47 20.80 46.36
CA ALA D 158 -11.06 20.66 47.74
C ALA D 158 -10.82 22.02 48.40
N ARG D 159 -11.53 23.06 47.95
CA ARG D 159 -11.24 24.38 48.47
C ARG D 159 -11.66 24.56 49.92
N ASP D 160 -12.43 23.63 50.48
CA ASP D 160 -12.82 23.71 51.89
C ASP D 160 -11.91 22.86 52.76
N CYS D 161 -10.81 22.38 52.19
CA CYS D 161 -9.83 21.59 52.93
C CYS D 161 -9.18 22.45 53.98
N ARG D 162 -8.92 21.88 55.13
CA ARG D 162 -8.46 22.69 56.24
C ARG D 162 -7.32 22.09 57.04
N SER D 163 -6.82 20.92 56.69
CA SER D 163 -5.67 20.37 57.40
C SER D 163 -4.89 19.49 56.45
N ALA D 164 -3.70 19.08 56.90
CA ALA D 164 -2.87 18.20 56.08
C ALA D 164 -3.45 16.80 56.04
N GLN D 165 -4.22 16.43 57.06
CA GLN D 165 -4.92 15.15 57.04
C GLN D 165 -6.04 15.16 56.00
N GLU D 166 -6.87 16.21 56.00
CA GLU D 166 -7.89 16.34 54.95
C GLU D 166 -7.24 16.36 53.56
N MET D 167 -6.08 17.00 53.46
CA MET D 167 -5.31 17.03 52.22
C MET D 167 -5.02 15.62 51.73
N PHE D 168 -4.55 14.76 52.64
CA PHE D 168 -4.19 13.39 52.30
C PHE D 168 -5.40 12.60 51.84
N THR D 169 -6.50 12.72 52.59
CA THR D 169 -7.76 12.09 52.19
C THR D 169 -8.16 12.53 50.79
N TYR D 170 -8.14 13.84 50.53
CA TYR D 170 -8.46 14.31 49.18
C TYR D 170 -7.49 13.70 48.17
N ILE D 171 -6.23 13.50 48.56
CA ILE D 171 -5.25 13.00 47.61
C ILE D 171 -5.49 11.51 47.33
N CYS D 172 -5.79 10.75 48.37
CA CYS D 172 -6.07 9.33 48.19
C CYS D 172 -7.31 9.13 47.33
N ASN D 173 -8.36 9.90 47.57
CA ASN D 173 -9.55 9.82 46.72
C ASN D 173 -9.20 10.14 45.28
N HIS D 174 -8.37 11.18 45.05
CA HIS D 174 -7.89 11.48 43.72
C HIS D 174 -7.13 10.29 43.13
N ILE D 175 -6.16 9.74 43.87
CA ILE D 175 -5.38 8.62 43.37
C ILE D 175 -6.29 7.45 43.03
N LYS D 176 -7.24 7.17 43.91
CA LYS D 176 -8.19 6.11 43.66
C LYS D 176 -8.99 6.40 42.39
N TYR D 177 -9.66 7.55 42.35
CA TYR D 177 -10.45 7.90 41.17
C TYR D 177 -9.64 7.82 39.89
N ALA D 178 -8.46 8.43 39.89
CA ALA D 178 -7.70 8.58 38.65
C ALA D 178 -7.11 7.26 38.21
N THR D 179 -6.66 6.45 39.17
CA THR D 179 -6.09 5.16 38.82
C THR D 179 -7.18 4.25 38.28
N ASN D 180 -8.26 4.06 39.04
CA ASN D 180 -9.42 3.32 38.57
C ASN D 180 -8.99 1.93 38.11
N ARG D 181 -8.19 1.27 38.96
CA ARG D 181 -7.65 -0.07 38.76
C ARG D 181 -6.96 -0.24 37.40
N GLY D 182 -6.34 0.84 36.91
CA GLY D 182 -5.59 0.81 35.67
C GLY D 182 -6.31 1.41 34.47
N ASN D 183 -7.58 1.77 34.59
CA ASN D 183 -8.27 2.45 33.50
C ASN D 183 -8.26 3.94 33.84
N LEU D 184 -7.14 4.58 33.51
CA LEU D 184 -6.83 5.91 34.05
C LEU D 184 -7.79 6.99 33.57
N ARG D 185 -8.14 7.88 34.50
CA ARG D 185 -9.02 9.01 34.25
C ARG D 185 -8.30 10.27 34.70
N SER D 186 -8.29 11.27 33.84
CA SER D 186 -7.62 12.52 34.19
C SER D 186 -8.41 13.21 35.28
N ALA D 187 -7.71 13.72 36.28
CA ALA D 187 -8.37 14.44 37.34
C ALA D 187 -7.46 15.54 37.86
N ILE D 188 -8.07 16.48 38.59
CA ILE D 188 -7.34 17.49 39.34
C ILE D 188 -8.11 17.75 40.63
N THR D 189 -7.38 17.78 41.75
CA THR D 189 -7.92 18.22 43.02
C THR D 189 -7.39 19.61 43.29
N VAL D 190 -8.29 20.56 43.55
CA VAL D 190 -7.89 21.94 43.77
C VAL D 190 -8.06 22.27 45.25
N PHE D 191 -6.93 22.37 45.93
CA PHE D 191 -6.90 22.77 47.34
C PHE D 191 -7.07 24.27 47.47
N PRO D 192 -7.22 24.78 48.70
CA PRO D 192 -7.57 26.20 48.88
C PRO D 192 -6.58 27.16 48.23
N GLN D 193 -7.12 28.24 47.69
CA GLN D 193 -6.31 29.25 47.03
C GLN D 193 -5.41 30.01 48.02
N ARG D 194 -4.36 30.59 47.47
CA ARG D 194 -3.51 31.51 48.22
C ARG D 194 -4.34 32.69 48.69
N CYS D 195 -4.15 33.08 49.95
CA CYS D 195 -4.81 34.31 50.41
C CYS D 195 -3.94 35.01 51.43
N PRO D 196 -4.09 36.32 51.59
CA PRO D 196 -3.22 37.06 52.51
C PRO D 196 -3.39 36.61 53.95
N GLY D 197 -2.27 36.59 54.67
CA GLY D 197 -2.34 36.27 56.08
C GLY D 197 -2.54 34.81 56.38
N ARG D 198 -2.26 33.96 55.41
CA ARG D 198 -2.37 32.51 55.58
C ARG D 198 -1.32 31.89 54.69
N GLY D 199 -0.60 30.91 55.22
CA GLY D 199 0.30 30.14 54.39
C GLY D 199 -0.45 29.40 53.31
N ASP D 200 0.32 28.90 52.35
CA ASP D 200 -0.19 28.08 51.26
C ASP D 200 -0.36 26.63 51.69
N PHE D 201 -1.39 25.97 51.17
CA PHE D 201 -1.28 24.53 51.04
C PHE D 201 -0.18 24.24 50.00
N ARG D 202 0.71 23.30 50.32
CA ARG D 202 1.66 22.81 49.34
C ARG D 202 1.82 21.31 49.47
N ILE D 203 2.03 20.65 48.34
CA ILE D 203 2.50 19.27 48.31
C ILE D 203 3.99 19.34 48.02
N TRP D 204 4.82 18.86 48.94
CA TRP D 204 6.25 19.04 48.73
C TRP D 204 6.75 18.17 47.59
N ASN D 205 6.20 16.95 47.49
CA ASN D 205 6.54 16.02 46.42
C ASN D 205 6.22 16.63 45.07
N SER D 206 7.08 16.34 44.08
CA SER D 206 6.83 16.84 42.74
C SER D 206 5.74 16.06 42.04
N GLN D 207 5.50 14.83 42.50
CA GLN D 207 4.45 13.97 41.97
C GLN D 207 3.87 13.18 43.12
N LEU D 208 2.62 12.76 42.94
CA LEU D 208 1.98 11.99 44.00
C LEU D 208 2.68 10.66 44.20
N VAL D 209 3.19 10.07 43.13
CA VAL D 209 3.91 8.81 43.21
C VAL D 209 5.31 9.07 42.67
N ARG D 210 6.31 8.87 43.52
CA ARG D 210 7.72 9.07 43.17
C ARG D 210 8.49 7.96 43.83
N TYR D 211 9.53 7.49 43.16
CA TYR D 211 10.39 6.45 43.70
C TYR D 211 11.56 7.09 44.45
N ALA D 212 11.88 6.54 45.62
CA ALA D 212 12.96 7.09 46.42
C ALA D 212 14.27 7.07 45.65
N GLY D 213 15.09 8.08 45.90
CA GLY D 213 16.43 8.11 45.34
C GLY D 213 17.40 8.36 46.46
N TYR D 214 18.21 7.35 46.77
CA TYR D 214 19.08 7.37 47.95
C TYR D 214 20.50 7.74 47.51
N ARG D 215 20.97 8.91 47.91
CA ARG D 215 22.39 9.24 47.77
C ARG D 215 23.21 8.14 48.41
N GLN D 216 24.05 7.49 47.62
CA GLN D 216 24.74 6.32 48.10
C GLN D 216 26.00 6.70 48.83
N GLN D 217 26.72 5.66 49.29
CA GLN D 217 28.03 5.84 49.90
C GLN D 217 28.95 6.68 49.03
N ASP D 218 28.81 6.57 47.69
CA ASP D 218 29.83 7.04 46.74
C ASP D 218 29.54 8.42 46.14
N GLY D 219 28.32 8.93 46.27
CA GLY D 219 27.87 10.02 45.44
C GLY D 219 27.02 9.57 44.27
N SER D 220 26.88 8.25 44.11
CA SER D 220 25.91 7.67 43.18
C SER D 220 24.52 7.75 43.81
N VAL D 221 23.54 7.12 43.18
CA VAL D 221 22.17 7.09 43.67
C VAL D 221 21.63 5.69 43.45
N ARG D 222 20.97 5.16 44.48
CA ARG D 222 20.13 3.98 44.32
C ARG D 222 18.67 4.47 44.27
N GLY D 223 17.97 4.10 43.20
CA GLY D 223 16.62 4.55 43.01
C GLY D 223 16.56 5.62 41.95
N ASP D 224 15.65 6.58 42.09
CA ASP D 224 15.51 7.62 41.09
C ASP D 224 16.35 8.84 41.48
N PRO D 225 17.37 9.19 40.70
CA PRO D 225 18.17 10.38 41.05
C PRO D 225 17.37 11.68 41.00
N ALA D 226 16.29 11.73 40.23
CA ALA D 226 15.46 12.93 40.19
C ALA D 226 14.81 13.25 41.53
N ASN D 227 14.76 12.27 42.46
CA ASN D 227 14.04 12.42 43.72
C ASN D 227 14.96 12.33 44.92
N VAL D 228 16.24 12.64 44.75
CA VAL D 228 17.17 12.56 45.87
C VAL D 228 16.82 13.60 46.93
N GLU D 229 16.42 14.79 46.51
CA GLU D 229 16.21 15.85 47.49
C GLU D 229 14.93 15.59 48.27
N ILE D 230 13.86 15.23 47.57
CA ILE D 230 12.61 14.96 48.25
C ILE D 230 12.71 13.68 49.07
N THR D 231 13.61 12.78 48.70
CA THR D 231 13.87 11.60 49.51
C THR D 231 14.54 12.00 50.83
N GLU D 232 15.58 12.85 50.75
CA GLU D 232 16.24 13.31 51.96
C GLU D 232 15.29 14.11 52.86
N LEU D 233 14.37 14.86 52.28
CA LEU D 233 13.41 15.57 53.11
C LEU D 233 12.47 14.58 53.79
N CYS D 234 12.07 13.52 53.08
CA CYS D 234 11.20 12.52 53.69
C CYS D 234 11.88 11.87 54.88
N ILE D 235 13.15 11.45 54.71
CA ILE D 235 13.88 10.83 55.82
C ILE D 235 13.91 11.77 57.00
N GLN D 236 14.37 13.00 56.77
CA GLN D 236 14.52 13.99 57.82
C GLN D 236 13.21 14.26 58.55
N HIS D 237 12.07 14.01 57.90
CA HIS D 237 10.76 14.20 58.50
C HIS D 237 10.18 12.90 59.07
N GLY D 238 11.02 11.89 59.28
CA GLY D 238 10.65 10.71 60.04
C GLY D 238 10.37 9.46 59.25
N TRP D 239 10.43 9.48 57.92
CA TRP D 239 10.11 8.31 57.13
C TRP D 239 11.27 7.33 57.19
N THR D 240 11.00 6.11 57.61
CA THR D 240 12.01 5.06 57.57
C THR D 240 12.30 4.68 56.13
N PRO D 241 13.51 4.89 55.63
CA PRO D 241 13.79 4.58 54.22
C PRO D 241 13.94 3.09 54.01
N GLY D 242 13.69 2.68 52.78
CA GLY D 242 14.03 1.36 52.31
C GLY D 242 15.36 1.38 51.61
N ASN D 243 15.60 0.33 50.81
CA ASN D 243 16.83 0.29 50.01
C ASN D 243 16.58 -0.23 48.60
N GLY D 244 15.36 -0.15 48.10
CA GLY D 244 15.08 -0.59 46.74
C GLY D 244 15.35 0.49 45.73
N ARG D 245 15.29 0.10 44.45
CA ARG D 245 15.34 1.07 43.38
C ARG D 245 13.99 1.70 43.08
N PHE D 246 12.90 1.13 43.59
CA PHE D 246 11.55 1.58 43.30
C PHE D 246 10.71 1.69 44.57
N ASP D 247 11.29 2.28 45.61
CA ASP D 247 10.54 2.52 46.84
C ASP D 247 9.64 3.73 46.65
N VAL D 248 8.34 3.53 46.83
CA VAL D 248 7.41 4.63 46.68
C VAL D 248 7.57 5.59 47.86
N LEU D 249 7.72 6.86 47.54
CA LEU D 249 7.95 7.85 48.59
C LEU D 249 6.66 8.13 49.35
N PRO D 250 6.76 8.48 50.63
CA PRO D 250 5.60 9.04 51.34
C PRO D 250 5.35 10.46 50.84
N LEU D 251 4.18 10.98 51.19
CA LEU D 251 3.86 12.35 50.83
C LEU D 251 4.22 13.27 51.98
N LEU D 252 4.75 14.44 51.64
CA LEU D 252 4.98 15.52 52.58
C LEU D 252 3.96 16.60 52.25
N LEU D 253 2.94 16.70 53.09
CA LEU D 253 1.84 17.61 52.87
C LEU D 253 1.97 18.77 53.84
N GLN D 254 1.90 19.98 53.30
CA GLN D 254 2.00 21.20 54.07
C GLN D 254 0.63 21.87 54.07
N ALA D 255 0.05 21.97 55.26
CA ALA D 255 -1.10 22.85 55.46
C ALA D 255 -0.60 24.22 55.90
N PRO D 256 -1.39 25.29 55.67
CA PRO D 256 -0.92 26.65 55.96
C PRO D 256 -0.24 26.79 57.32
N ASP D 257 0.96 27.39 57.29
CA ASP D 257 1.70 27.82 58.47
C ASP D 257 2.04 26.66 59.41
N GLU D 258 2.16 25.48 58.84
CA GLU D 258 2.61 24.32 59.59
C GLU D 258 3.67 23.61 58.77
N PRO D 259 4.69 23.04 59.41
CA PRO D 259 5.67 22.24 58.68
C PRO D 259 4.99 21.09 57.95
N PRO D 260 5.60 20.58 56.88
CA PRO D 260 4.97 19.49 56.14
C PRO D 260 4.76 18.28 57.04
N GLU D 261 3.72 17.53 56.74
CA GLU D 261 3.41 16.31 57.48
C GLU D 261 3.59 15.10 56.57
N LEU D 262 4.13 14.03 57.14
CA LEU D 262 4.47 12.83 56.39
C LEU D 262 3.27 11.88 56.37
N PHE D 263 2.83 11.48 55.18
CA PHE D 263 1.76 10.51 55.00
C PHE D 263 2.24 9.39 54.09
N LEU D 264 1.98 8.14 54.49
CA LEU D 264 2.28 6.99 53.65
C LEU D 264 1.07 6.67 52.80
N LEU D 265 1.28 6.60 51.49
CA LEU D 265 0.24 6.12 50.59
C LEU D 265 -0.01 4.65 50.88
N PRO D 266 -1.27 4.20 50.92
CA PRO D 266 -1.55 2.76 50.99
C PRO D 266 -1.00 2.07 49.76
N PRO D 267 -0.12 1.08 49.95
CA PRO D 267 0.48 0.39 48.80
C PRO D 267 -0.53 -0.05 47.74
N GLU D 268 -1.76 -0.32 48.15
CA GLU D 268 -2.79 -0.78 47.22
C GLU D 268 -3.44 0.35 46.46
N LEU D 269 -3.18 1.59 46.85
CA LEU D 269 -3.59 2.75 46.06
C LEU D 269 -2.58 3.06 44.98
N VAL D 270 -1.36 2.52 45.09
CA VAL D 270 -0.24 2.88 44.22
C VAL D 270 -0.09 1.74 43.21
N LEU D 271 -0.75 1.88 42.06
CA LEU D 271 -0.68 0.85 41.02
C LEU D 271 0.65 0.95 40.27
N GLU D 272 1.36 -0.17 40.20
CA GLU D 272 2.66 -0.25 39.56
C GLU D 272 2.65 -1.33 38.47
N VAL D 273 3.50 -1.16 37.48
CA VAL D 273 3.63 -2.08 36.36
C VAL D 273 5.02 -2.68 36.38
N PRO D 274 5.17 -3.94 36.77
CA PRO D 274 6.44 -4.62 36.53
C PRO D 274 6.74 -4.64 35.05
N LEU D 275 7.99 -4.33 34.69
CA LEU D 275 8.35 -4.27 33.28
C LEU D 275 8.89 -5.62 32.82
N GLU D 276 8.29 -6.12 31.76
CA GLU D 276 8.83 -7.24 31.01
C GLU D 276 8.84 -6.86 29.53
N HIS D 277 9.47 -7.70 28.73
CA HIS D 277 9.53 -7.44 27.30
C HIS D 277 8.81 -8.55 26.55
N PRO D 278 8.02 -8.22 25.54
CA PRO D 278 7.26 -9.26 24.85
C PRO D 278 8.12 -10.38 24.32
N THR D 279 9.28 -10.06 23.77
CA THR D 279 10.15 -11.11 23.28
C THR D 279 11.48 -11.23 23.98
N LEU D 280 11.88 -10.32 24.85
CA LEU D 280 13.15 -10.50 25.56
C LEU D 280 12.82 -10.91 26.99
N GLU D 281 13.01 -12.19 27.28
CA GLU D 281 12.54 -12.74 28.54
C GLU D 281 13.50 -12.42 29.67
N TRP D 282 14.78 -12.19 29.38
CA TRP D 282 15.65 -11.77 30.46
C TRP D 282 15.24 -10.39 30.97
N PHE D 283 14.50 -9.62 30.18
CA PHE D 283 14.18 -8.24 30.57
C PHE D 283 13.45 -8.20 31.91
N ALA D 284 12.52 -9.12 32.14
CA ALA D 284 11.82 -9.12 33.43
C ALA D 284 12.79 -9.26 34.58
N ALA D 285 13.88 -10.01 34.40
CA ALA D 285 14.84 -10.20 35.48
C ALA D 285 15.59 -8.93 35.85
N LEU D 286 15.52 -7.87 35.03
CA LEU D 286 16.07 -6.57 35.41
C LEU D 286 15.37 -6.02 36.65
N GLY D 287 14.17 -6.49 36.97
CA GLY D 287 13.47 -5.98 38.13
C GLY D 287 12.95 -4.58 37.95
N LEU D 288 12.59 -4.21 36.73
CA LEU D 288 12.19 -2.86 36.42
C LEU D 288 10.68 -2.72 36.57
N ARG D 289 10.28 -1.54 37.02
CA ARG D 289 8.86 -1.28 37.24
C ARG D 289 8.66 0.21 37.22
N TRP D 290 7.48 0.64 36.77
CA TRP D 290 7.07 2.02 36.92
C TRP D 290 5.65 2.06 37.49
N TYR D 291 5.26 3.25 37.95
CA TYR D 291 3.93 3.39 38.53
C TYR D 291 2.94 3.81 37.47
N ALA D 292 1.66 3.55 37.77
CA ALA D 292 0.61 3.76 36.77
C ALA D 292 0.33 5.23 36.55
N LEU D 293 0.39 6.03 37.61
CA LEU D 293 -0.28 7.32 37.68
C LEU D 293 0.70 8.47 37.64
N PRO D 294 0.76 9.23 36.54
CA PRO D 294 1.55 10.47 36.52
C PRO D 294 0.76 11.61 37.17
N ALA D 295 1.10 11.99 38.38
CA ALA D 295 0.28 12.96 39.11
C ALA D 295 1.19 14.08 39.59
N VAL D 296 1.25 15.14 38.79
CA VAL D 296 2.08 16.28 39.12
C VAL D 296 1.43 17.04 40.27
N SER D 297 2.23 17.31 41.32
CA SER D 297 1.72 17.88 42.56
C SER D 297 2.42 19.14 43.04
N ASN D 298 3.36 19.70 42.27
CA ASN D 298 4.15 20.84 42.73
C ASN D 298 3.98 22.07 41.85
N MET D 299 3.07 22.05 40.91
CA MET D 299 2.84 23.23 40.12
C MET D 299 1.71 24.07 40.73
N LEU D 300 1.58 25.27 40.21
CA LEU D 300 0.62 26.24 40.70
C LEU D 300 -0.45 26.39 39.63
N LEU D 301 -1.69 26.32 40.04
CA LEU D 301 -2.79 26.56 39.13
C LEU D 301 -3.23 28.01 39.30
N GLU D 302 -3.18 28.78 38.23
CA GLU D 302 -3.60 30.17 38.26
C GLU D 302 -4.86 30.35 37.44
N ILE D 303 -5.90 30.90 38.08
CA ILE D 303 -7.20 31.09 37.44
C ILE D 303 -7.71 32.49 37.77
N GLY D 304 -7.95 33.31 36.74
CA GLY D 304 -8.54 34.61 36.95
C GLY D 304 -7.79 35.44 37.95
N GLY D 305 -6.47 35.26 38.01
CA GLY D 305 -5.63 35.95 38.97
C GLY D 305 -5.52 35.26 40.31
N LEU D 306 -6.36 34.27 40.58
CA LEU D 306 -6.25 33.52 41.81
C LEU D 306 -5.21 32.42 41.65
N GLU D 307 -4.55 32.09 42.75
CA GLU D 307 -3.45 31.16 42.72
C GLU D 307 -3.71 30.02 43.66
N PHE D 308 -3.58 28.80 43.14
CA PHE D 308 -3.81 27.60 43.92
C PHE D 308 -2.45 26.88 43.92
N PRO D 309 -1.63 27.11 44.95
CA PRO D 309 -0.31 26.49 45.00
C PRO D 309 -0.33 25.00 45.18
N ALA D 310 -1.44 24.42 45.61
CA ALA D 310 -1.58 22.98 45.73
C ALA D 310 -2.82 22.59 44.95
N ALA D 311 -2.59 21.92 43.79
CA ALA D 311 -3.64 21.50 42.90
C ALA D 311 -3.15 20.32 42.06
N PRO D 312 -2.90 19.16 42.68
CA PRO D 312 -2.28 18.05 41.93
C PRO D 312 -3.16 17.62 40.78
N PHE D 313 -2.54 17.30 39.65
CA PHE D 313 -3.29 16.84 38.51
C PHE D 313 -2.62 15.61 37.90
N SER D 314 -3.42 14.75 37.28
CA SER D 314 -2.91 13.47 36.79
C SER D 314 -3.64 13.11 35.50
N GLY D 315 -2.95 12.37 34.65
CA GLY D 315 -3.62 11.76 33.52
C GLY D 315 -3.07 10.36 33.37
N TRP D 316 -2.60 10.03 32.18
CA TRP D 316 -1.88 8.79 31.98
C TRP D 316 -0.58 9.07 31.23
N TYR D 317 0.30 8.09 31.26
CA TYR D 317 1.63 8.29 30.73
C TYR D 317 1.65 8.20 29.21
N MET D 318 2.56 8.96 28.62
CA MET D 318 3.06 8.62 27.29
C MET D 318 4.33 7.78 27.48
N SER D 319 4.43 6.67 26.73
CA SER D 319 5.40 5.64 27.09
C SER D 319 6.84 6.13 27.00
N THR D 320 7.13 7.08 26.12
CA THR D 320 8.48 7.60 26.10
C THR D 320 8.87 8.26 27.42
N GLU D 321 7.90 8.74 28.20
CA GLU D 321 8.31 9.36 29.46
C GLU D 321 8.96 8.34 30.37
N ILE D 322 8.37 7.15 30.42
CA ILE D 322 8.97 6.08 31.20
C ILE D 322 10.13 5.45 30.45
N GLY D 323 9.87 4.98 29.24
CA GLY D 323 10.86 4.16 28.55
C GLY D 323 12.13 4.94 28.22
N THR D 324 11.96 6.11 27.63
CA THR D 324 13.10 6.91 27.23
C THR D 324 13.65 7.77 28.37
N ARG D 325 12.85 8.71 28.87
CA ARG D 325 13.38 9.68 29.84
C ARG D 325 13.67 9.03 31.19
N ASN D 326 12.63 8.49 31.85
CA ASN D 326 12.83 8.06 33.23
C ASN D 326 13.82 6.91 33.34
N LEU D 327 13.87 6.03 32.34
CA LEU D 327 14.73 4.85 32.42
C LEU D 327 16.05 5.01 31.68
N CYS D 328 16.12 5.78 30.58
CA CYS D 328 17.35 5.92 29.82
C CYS D 328 18.04 7.26 29.96
N ASP D 329 17.45 8.24 30.64
CA ASP D 329 18.23 9.44 30.90
C ASP D 329 19.46 9.05 31.72
N PRO D 330 20.64 9.56 31.37
CA PRO D 330 21.86 9.20 32.12
C PRO D 330 21.79 9.63 33.57
N HIS D 331 21.10 10.74 33.85
CA HIS D 331 20.89 11.24 35.19
C HIS D 331 19.62 10.69 35.83
N ARG D 332 18.96 9.74 35.19
CA ARG D 332 17.82 9.04 35.78
C ARG D 332 18.24 7.59 36.06
N TYR D 333 17.44 6.58 35.68
CA TYR D 333 17.81 5.20 36.00
C TYR D 333 18.95 4.68 35.12
N ASN D 334 19.19 5.32 33.98
CA ASN D 334 20.38 5.10 33.16
C ASN D 334 20.64 3.61 32.92
N ILE D 335 19.65 2.95 32.32
CA ILE D 335 19.72 1.51 32.08
C ILE D 335 20.11 1.16 30.65
N LEU D 336 20.35 2.18 29.80
CA LEU D 336 20.49 1.95 28.37
C LEU D 336 21.62 0.98 28.08
N GLU D 337 22.78 1.19 28.72
CA GLU D 337 23.93 0.35 28.41
C GLU D 337 23.72 -1.09 28.91
N ASP D 338 23.09 -1.23 30.08
CA ASP D 338 22.86 -2.56 30.63
C ASP D 338 21.91 -3.37 29.75
N VAL D 339 20.83 -2.74 29.29
CA VAL D 339 19.91 -3.40 28.38
C VAL D 339 20.63 -3.76 27.09
N ALA D 340 21.42 -2.82 26.55
CA ALA D 340 22.09 -3.05 25.27
C ALA D 340 23.12 -4.17 25.35
N VAL D 341 23.86 -4.25 26.47
CA VAL D 341 24.77 -5.37 26.69
C VAL D 341 24.00 -6.68 26.71
N CYS D 342 22.92 -6.73 27.50
CA CYS D 342 22.10 -7.93 27.54
C CYS D 342 21.55 -8.27 26.18
N MET D 343 21.30 -7.25 25.36
CA MET D 343 20.80 -7.53 24.02
C MET D 343 21.89 -8.06 23.11
N ASP D 344 23.12 -8.16 23.63
CA ASP D 344 24.31 -8.55 22.87
C ASP D 344 24.63 -7.55 21.76
N LEU D 345 24.38 -6.27 22.01
CA LEU D 345 24.71 -5.23 21.05
C LEU D 345 26.15 -4.77 21.24
N ASP D 346 26.73 -4.27 20.16
CA ASP D 346 28.14 -3.84 20.22
C ASP D 346 28.16 -2.43 20.77
N THR D 347 28.27 -2.32 22.10
CA THR D 347 28.23 -1.02 22.78
C THR D 347 29.56 -0.28 22.69
N ARG D 348 30.51 -0.76 21.90
CA ARG D 348 31.84 -0.17 21.83
C ARG D 348 31.98 0.91 20.76
N THR D 349 31.04 1.00 19.82
CA THR D 349 31.02 2.13 18.91
C THR D 349 29.60 2.70 18.84
N THR D 350 29.53 4.03 18.78
CA THR D 350 28.25 4.69 18.59
C THR D 350 27.57 4.26 17.30
N SER D 351 28.34 3.87 16.29
CA SER D 351 27.74 3.72 14.97
C SER D 351 26.96 2.42 14.83
N SER D 352 27.08 1.49 15.78
CA SER D 352 26.18 0.37 15.80
C SER D 352 24.76 0.79 16.16
N LEU D 353 24.59 1.99 16.75
CA LEU D 353 23.30 2.48 17.22
C LEU D 353 22.69 1.56 18.25
N TRP D 354 23.54 0.97 19.10
CA TRP D 354 23.06 0.17 20.21
C TRP D 354 22.19 1.01 21.15
N LYS D 355 22.55 2.28 21.34
CA LYS D 355 21.73 3.13 22.20
C LYS D 355 20.32 3.25 21.64
N ASP D 356 20.20 3.52 20.34
CA ASP D 356 18.88 3.63 19.73
C ASP D 356 18.14 2.30 19.80
N LYS D 357 18.85 1.19 19.54
CA LYS D 357 18.20 -0.11 19.57
C LYS D 357 17.77 -0.49 20.98
N ALA D 358 18.63 -0.30 21.98
CA ALA D 358 18.20 -0.64 23.33
C ALA D 358 17.05 0.27 23.79
N ALA D 359 17.12 1.56 23.46
CA ALA D 359 16.07 2.49 23.90
C ALA D 359 14.72 2.12 23.29
N VAL D 360 14.71 1.77 22.00
CA VAL D 360 13.47 1.34 21.36
C VAL D 360 12.88 0.15 22.12
N GLU D 361 13.71 -0.87 22.39
CA GLU D 361 13.21 -2.05 23.09
C GLU D 361 12.73 -1.73 24.50
N ILE D 362 13.37 -0.80 25.20
CA ILE D 362 12.88 -0.43 26.53
C ILE D 362 11.49 0.17 26.39
N ASN D 363 11.29 0.99 25.36
CA ASN D 363 9.96 1.55 25.10
C ASN D 363 8.96 0.45 24.72
N VAL D 364 9.39 -0.52 23.90
CA VAL D 364 8.50 -1.65 23.61
C VAL D 364 8.08 -2.32 24.92
N ALA D 365 9.05 -2.56 25.81
CA ALA D 365 8.73 -3.22 27.09
C ALA D 365 7.72 -2.42 27.89
N VAL D 366 7.91 -1.10 28.01
CA VAL D 366 6.99 -0.25 28.76
C VAL D 366 5.58 -0.39 28.22
N LEU D 367 5.40 -0.17 26.92
CA LEU D 367 4.11 -0.30 26.27
C LEU D 367 3.54 -1.71 26.46
N HIS D 368 4.34 -2.72 26.13
CA HIS D 368 3.84 -4.08 26.28
C HIS D 368 3.42 -4.36 27.73
N SER D 369 4.25 -3.95 28.71
CA SER D 369 3.97 -4.23 30.10
C SER D 369 2.72 -3.49 30.60
N TYR D 370 2.51 -2.27 30.15
CA TYR D 370 1.33 -1.55 30.61
C TYR D 370 0.06 -2.14 30.01
N GLN D 371 0.09 -2.45 28.72
CA GLN D 371 -1.05 -3.10 28.06
C GLN D 371 -1.35 -4.44 28.70
N LEU D 372 -0.31 -5.23 29.00
CA LEU D 372 -0.49 -6.51 29.65
C LEU D 372 -1.13 -6.34 31.02
N ALA D 373 -0.65 -5.37 31.78
CA ALA D 373 -1.24 -5.11 33.09
C ALA D 373 -2.54 -4.33 33.00
N LYS D 374 -2.99 -3.98 31.79
CA LYS D 374 -4.22 -3.22 31.57
C LYS D 374 -4.20 -1.88 32.32
N VAL D 375 -3.08 -1.18 32.17
CA VAL D 375 -2.91 0.18 32.66
C VAL D 375 -2.79 1.08 31.44
N THR D 376 -3.62 2.12 31.39
CA THR D 376 -3.63 3.03 30.25
C THR D 376 -2.22 3.58 30.01
N ILE D 377 -1.86 3.65 28.73
CA ILE D 377 -0.62 4.27 28.35
C ILE D 377 -0.78 4.61 26.88
N VAL D 378 -0.05 5.63 26.43
CA VAL D 378 -0.11 6.01 25.04
C VAL D 378 1.31 6.11 24.52
N ASP D 379 1.54 5.54 23.34
CA ASP D 379 2.87 5.63 22.76
C ASP D 379 3.03 6.97 22.08
N HIS D 380 4.28 7.33 21.78
CA HIS D 380 4.56 8.68 21.28
C HIS D 380 3.97 8.91 19.90
N HIS D 381 3.63 7.85 19.18
CA HIS D 381 3.05 8.02 17.86
C HIS D 381 1.58 8.38 17.94
N ALA D 382 0.85 7.63 18.75
CA ALA D 382 -0.56 7.92 18.94
C ALA D 382 -0.74 9.26 19.61
N ALA D 383 0.09 9.54 20.62
CA ALA D 383 -0.05 10.79 21.36
C ALA D 383 0.23 12.00 20.48
N THR D 384 1.25 11.92 19.63
CA THR D 384 1.52 13.07 18.78
C THR D 384 0.50 13.21 17.67
N ALA D 385 -0.01 12.10 17.14
CA ALA D 385 -1.07 12.18 16.13
C ALA D 385 -2.33 12.81 16.71
N SER D 386 -2.66 12.50 17.96
CA SER D 386 -3.81 13.11 18.59
C SER D 386 -3.56 14.59 18.83
N PHE D 387 -2.34 14.94 19.23
CA PHE D 387 -2.02 16.35 19.43
C PHE D 387 -2.16 17.13 18.14
N MET D 388 -1.86 16.50 16.99
CA MET D 388 -2.09 17.18 15.72
C MET D 388 -3.58 17.50 15.56
N LYS D 389 -4.46 16.57 15.95
CA LYS D 389 -5.89 16.83 15.88
C LYS D 389 -6.27 17.94 16.85
N HIS D 390 -5.64 17.97 18.02
CA HIS D 390 -5.87 19.06 18.97
C HIS D 390 -5.53 20.41 18.36
N LEU D 391 -4.37 20.48 17.69
CA LEU D 391 -3.99 21.72 17.02
C LEU D 391 -5.05 22.15 16.01
N GLU D 392 -5.53 21.20 15.20
CA GLU D 392 -6.57 21.56 14.24
C GLU D 392 -7.83 22.02 14.96
N ASN D 393 -8.22 21.33 16.04
CA ASN D 393 -9.37 21.77 16.83
C ASN D 393 -9.15 23.18 17.35
N GLU D 394 -7.99 23.43 17.93
CA GLU D 394 -7.72 24.70 18.58
C GLU D 394 -7.63 25.85 17.58
N GLN D 395 -7.05 25.59 16.40
CA GLN D 395 -7.06 26.60 15.35
C GLN D 395 -8.48 27.03 14.99
N LYS D 396 -9.39 26.07 14.86
CA LYS D 396 -10.80 26.42 14.63
C LYS D 396 -11.36 27.14 15.84
N ALA D 397 -11.18 26.55 17.02
CA ALA D 397 -11.87 27.01 18.22
C ALA D 397 -11.37 28.39 18.67
N ARG D 398 -10.04 28.56 18.72
CA ARG D 398 -9.45 29.80 19.21
C ARG D 398 -8.50 30.47 18.23
N GLY D 399 -8.19 29.86 17.08
CA GLY D 399 -7.26 30.49 16.17
C GLY D 399 -5.81 30.39 16.61
N GLY D 400 -5.48 29.35 17.36
CA GLY D 400 -4.10 29.15 17.75
C GLY D 400 -4.00 28.20 18.91
N CYS D 401 -2.78 27.79 19.18
CA CYS D 401 -2.50 26.88 20.29
C CYS D 401 -1.08 27.10 20.78
N PRO D 402 -0.91 27.47 22.06
CA PRO D 402 0.45 27.56 22.60
C PRO D 402 1.05 26.17 22.68
N ALA D 403 2.22 26.03 22.07
CA ALA D 403 2.88 24.74 22.02
C ALA D 403 4.38 24.96 22.07
N ASP D 404 5.07 24.23 22.96
CA ASP D 404 6.51 24.29 23.12
C ASP D 404 7.10 23.12 22.34
N TRP D 405 7.53 23.40 21.11
CA TRP D 405 8.00 22.38 20.16
C TRP D 405 8.96 21.40 20.83
N ALA D 406 9.94 21.90 21.57
CA ALA D 406 10.95 21.05 22.19
C ALA D 406 10.36 20.09 23.21
N TRP D 407 9.21 20.41 23.79
CA TRP D 407 8.59 19.49 24.73
C TRP D 407 7.51 18.63 24.10
N ILE D 408 6.90 19.11 23.02
CA ILE D 408 5.90 18.33 22.32
C ILE D 408 6.55 17.20 21.53
N VAL D 409 7.72 17.45 20.92
CA VAL D 409 8.40 16.41 20.15
C VAL D 409 8.95 15.34 21.08
N PRO D 410 8.59 14.08 20.86
CA PRO D 410 8.99 12.99 21.79
C PRO D 410 10.50 12.87 21.91
N PRO D 411 11.00 12.26 23.00
CA PRO D 411 12.46 12.13 23.16
C PRO D 411 13.13 11.09 22.27
N ILE D 412 12.39 10.11 21.75
CA ILE D 412 12.92 9.26 20.69
C ILE D 412 12.05 9.48 19.46
N SER D 413 12.64 9.21 18.29
CA SER D 413 11.95 9.14 17.00
C SER D 413 11.24 10.44 16.62
N GLY D 414 11.75 11.58 17.10
CA GLY D 414 11.12 12.87 16.86
C GLY D 414 10.54 13.11 15.48
N SER D 415 11.38 13.12 14.46
CA SER D 415 10.86 13.42 13.13
C SER D 415 9.99 12.30 12.58
N LEU D 416 9.89 11.18 13.27
CA LEU D 416 8.96 10.16 12.84
C LEU D 416 7.53 10.48 13.28
N THR D 417 7.37 11.42 14.16
CA THR D 417 6.05 11.85 14.59
C THR D 417 5.65 13.14 13.87
N PRO D 418 4.35 13.37 13.65
CA PRO D 418 3.96 14.53 12.83
C PRO D 418 4.20 15.88 13.50
N VAL D 419 4.29 15.93 14.83
CA VAL D 419 4.47 17.22 15.49
C VAL D 419 5.85 17.80 15.14
N PHE D 420 6.84 16.93 14.87
CA PHE D 420 8.16 17.41 14.50
C PHE D 420 8.10 18.39 13.33
N HIS D 421 7.30 18.07 12.33
CA HIS D 421 7.21 18.88 11.13
C HIS D 421 6.19 20.01 11.26
N GLN D 422 5.62 20.21 12.45
CA GLN D 422 4.68 21.27 12.72
C GLN D 422 5.41 22.43 13.40
N GLU D 423 5.46 23.58 12.72
CA GLU D 423 5.89 24.78 13.41
C GLU D 423 4.87 25.10 14.50
N MET D 424 5.36 25.61 15.62
CA MET D 424 4.51 25.94 16.76
C MET D 424 4.91 27.31 17.29
N VAL D 425 3.95 27.93 17.99
CA VAL D 425 4.12 29.23 18.62
C VAL D 425 3.98 29.01 20.12
N ASN D 426 5.02 29.36 20.88
CA ASN D 426 5.04 29.12 22.32
C ASN D 426 4.63 30.42 23.02
N TYR D 427 3.57 30.38 23.81
CA TYR D 427 3.17 31.58 24.55
C TYR D 427 2.36 31.19 25.78
N PHE D 428 2.16 32.17 26.65
CA PHE D 428 1.66 31.92 28.00
C PHE D 428 0.29 32.55 28.18
N LEU D 429 -0.75 31.72 28.10
CA LEU D 429 -2.11 32.14 28.37
C LEU D 429 -2.50 31.79 29.80
N SER D 430 -3.52 32.51 30.31
CA SER D 430 -4.15 32.21 31.60
C SER D 430 -5.63 31.86 31.42
N PRO D 431 -6.17 30.89 32.18
CA PRO D 431 -5.63 30.06 33.28
C PRO D 431 -4.42 29.22 32.89
N ALA D 432 -3.59 28.92 33.88
CA ALA D 432 -2.31 28.33 33.54
C ALA D 432 -1.80 27.49 34.71
N PHE D 433 -1.02 26.48 34.36
CA PHE D 433 -0.21 25.78 35.33
C PHE D 433 1.18 26.37 35.27
N ARG D 434 1.69 26.80 36.41
CA ARG D 434 2.97 27.46 36.51
C ARG D 434 3.86 26.65 37.43
N TYR D 435 5.13 26.61 37.11
CA TYR D 435 6.07 26.15 38.11
C TYR D 435 6.16 27.19 39.22
N GLN D 436 6.54 26.73 40.40
CA GLN D 436 6.70 27.61 41.55
C GLN D 436 7.89 27.10 42.35
N PRO D 437 8.49 27.96 43.18
CA PRO D 437 9.65 27.51 43.94
C PRO D 437 9.29 26.34 44.85
N ASP D 438 10.30 25.54 45.14
CA ASP D 438 10.12 24.47 46.12
C ASP D 438 9.85 25.09 47.47
N PRO D 439 8.84 24.61 48.21
CA PRO D 439 8.44 25.32 49.44
C PRO D 439 9.49 25.30 50.54
N TRP D 440 10.56 24.54 50.37
CA TRP D 440 11.62 24.52 51.37
C TRP D 440 12.81 25.36 50.94
CHA HEM E . -26.05 -20.85 -12.73
CHB HEM E . -24.65 -19.39 -8.33
CHC HEM E . -28.56 -21.55 -6.41
CHD HEM E . -29.72 -23.35 -10.77
C1A HEM E . -25.36 -20.17 -11.75
C2A HEM E . -24.29 -19.20 -11.90
C3A HEM E . -23.92 -18.83 -10.68
C4A HEM E . -24.73 -19.52 -9.70
CMA HEM E . -22.81 -17.81 -10.36
CAA HEM E . -23.63 -18.67 -13.21
CBA HEM E . -24.55 -18.70 -14.41
CGA HEM E . -24.84 -17.32 -14.93
O1A HEM E . -24.05 -16.40 -14.62
O2A HEM E . -25.84 -17.15 -15.67
C1B HEM E . -25.57 -19.87 -7.42
C2B HEM E . -25.50 -19.72 -5.98
C3B HEM E . -26.56 -20.32 -5.42
C4B HEM E . -27.36 -20.87 -6.51
CMB HEM E . -24.39 -19.02 -5.19
CAB HEM E . -26.81 -20.34 -3.89
CBB HEM E . -27.84 -20.95 -3.27
C1C HEM E . -29.24 -22.20 -7.42
C2C HEM E . -30.53 -22.88 -7.31
C3C HEM E . -30.86 -23.36 -8.53
C4C HEM E . -29.79 -23.02 -9.43
CMC HEM E . -31.37 -22.97 -6.01
CAC HEM E . -32.10 -24.18 -8.97
CBC HEM E . -32.84 -24.90 -8.14
C1D HEM E . -28.88 -22.77 -11.69
C2D HEM E . -29.00 -22.81 -13.12
C3D HEM E . -27.98 -22.14 -13.63
C4D HEM E . -27.18 -21.62 -12.56
CMD HEM E . -30.10 -23.53 -13.93
CAD HEM E . -27.70 -21.91 -15.13
CBD HEM E . -28.38 -20.59 -15.47
CGD HEM E . -27.80 -20.03 -16.73
O1D HEM E . -26.85 -20.64 -17.28
O2D HEM E . -28.27 -18.96 -17.17
NA HEM E . -25.59 -20.33 -10.39
NB HEM E . -26.71 -20.57 -7.70
NC HEM E . -28.83 -22.31 -8.73
ND HEM E . -27.75 -22.02 -11.38
FE HEM E . -27.04 -21.60 -9.56
N1 H4B F . -20.16 -17.52 -17.05
C2 H4B F . -21.20 -17.05 -16.31
N2 H4B F . -21.24 -17.37 -14.99
N3 H4B F . -22.15 -16.28 -16.87
C4 H4B F . -22.11 -15.96 -18.18
O4 H4B F . -22.99 -15.25 -18.70
C4A H4B F . -21.05 -16.44 -18.95
C8A H4B F . -20.07 -17.22 -18.37
N5 H4B F . -20.97 -16.14 -20.27
N8 H4B F . -19.04 -17.71 -19.10
C6 H4B F . -20.21 -17.05 -21.13
C7 H4B F . -18.86 -17.41 -20.51
C9 H4B F . -20.06 -16.44 -22.52
O9 H4B F . -19.73 -15.05 -22.44
C10 H4B F . -18.97 -17.09 -23.38
C11 H4B F . -19.15 -16.65 -24.83
O10 H4B F . -18.98 -18.51 -23.31
C1 BTB G . -14.61 12.14 -8.47
O1 BTB G . -14.52 12.03 -9.89
C2 BTB G . -13.36 12.82 -7.92
C3 BTB G . -12.15 11.97 -8.36
O3 BTB G . -10.91 12.68 -8.30
C4 BTB G . -13.28 14.23 -8.47
O4 BTB G . -11.96 14.78 -8.54
N BTB G . -13.45 12.88 -6.44
C5 BTB G . -13.49 11.51 -5.90
C6 BTB G . -12.81 11.44 -4.53
O6 BTB G . -11.55 12.11 -4.58
C7 BTB G . -14.68 13.60 -6.07
C8 BTB G . -14.53 14.39 -4.77
O8 BTB G . -13.17 14.86 -4.65
C1 BTB H . -11.63 8.87 -23.19
O1 BTB H . -11.08 8.94 -21.87
C2 BTB H . -11.78 7.40 -23.52
C3 BTB H . -12.78 6.80 -22.57
O3 BTB H . -13.40 5.64 -23.17
C4 BTB H . -12.34 7.23 -24.91
O4 BTB H . -13.77 7.28 -24.80
N BTB H . -10.46 6.75 -23.39
C5 BTB H . -9.45 7.48 -24.17
C6 BTB H . -8.28 7.79 -23.26
O6 BTB H . -8.82 8.11 -21.96
C7 BTB H . -10.47 5.33 -23.83
C8 BTB H . -10.16 4.48 -22.60
O8 BTB H . -10.42 5.24 -21.41
C1 BTB I . -61.39 -13.77 -24.50
O1 BTB I . -60.89 -12.63 -25.22
C2 BTB I . -60.42 -14.15 -23.40
C3 BTB I . -59.03 -14.37 -23.98
O3 BTB I . -58.30 -13.15 -24.01
C4 BTB I . -60.36 -13.00 -22.38
O4 BTB I . -59.49 -13.34 -21.28
N BTB I . -60.84 -15.41 -22.74
C5 BTB I . -61.24 -16.40 -23.77
C6 BTB I . -60.58 -17.75 -23.53
O6 BTB I . -59.37 -17.87 -24.28
C7 BTB I . -61.96 -15.18 -21.80
C8 BTB I . -61.56 -15.74 -20.44
O8 BTB I . -60.36 -16.51 -20.58
C1 GOL J . -48.06 -32.24 0.59
O1 GOL J . -46.93 -32.11 1.44
C2 GOL J . -48.22 -30.93 -0.19
O2 GOL J . -47.39 -29.94 0.37
C3 GOL J . -49.68 -30.47 -0.22
O3 GOL J . -49.80 -29.49 -1.24
C1 GOL K . -33.07 13.62 -32.75
O1 GOL K . -33.39 14.24 -33.99
C2 GOL K . -32.07 12.48 -32.97
O2 GOL K . -31.23 12.23 -31.87
C3 GOL K . -31.02 12.85 -33.94
O3 GOL K . -29.94 12.10 -33.41
CL CL L . -28.13 -11.63 -12.35
GD GD M . -10.87 14.30 -6.11
ZN ZN N . -16.54 -29.46 -26.16
C02 XVZ O . -27.46 -17.31 -8.70
C03 XVZ O . -28.54 -18.06 -8.26
C04 XVZ O . -29.45 -18.53 -9.19
C05 XVZ O . -29.28 -18.26 -10.53
C06 XVZ O . -28.18 -17.50 -10.93
C07 XVZ O . -30.63 -19.35 -8.72
C08 XVZ O . -27.98 -17.21 -12.40
C09 XVZ O . -28.72 -15.93 -12.80
C11 XVZ O . -28.68 -15.74 -14.30
C12 XVZ O . -27.93 -14.69 -14.81
C13 XVZ O . -27.88 -14.49 -16.18
C14 XVZ O . -28.55 -15.34 -17.05
C15 XVZ O . -29.31 -16.38 -16.53
C16 XVZ O . -29.37 -16.58 -15.17
C17 XVZ O . -27.04 -13.35 -16.75
C18 XVZ O . -26.16 -13.91 -17.87
F15 XVZ O . -29.98 -17.22 -17.36
F16 XVZ O . -30.09 -17.61 -14.72
N01 XVZ O . -27.31 -17.05 -10.02
N02 XVZ O . -26.57 -16.83 -7.81
N19 XVZ O . -25.38 -15.08 -17.39
C1 GOL P . -6.70 10.84 -12.56
O1 GOL P . -5.43 11.20 -13.01
C2 GOL P . -7.24 10.74 -13.95
O2 GOL P . -6.24 11.47 -14.62
C3 GOL P . -8.59 11.42 -14.11
O3 GOL P . -9.36 10.60 -14.99
C02 XVZ Q . 3.89 -16.58 -25.03
C03 XVZ Q . 4.62 -16.82 -26.20
C04 XVZ Q . 4.86 -18.13 -26.59
C05 XVZ Q . 4.39 -19.18 -25.80
C06 XVZ Q . 3.68 -18.89 -24.62
C07 XVZ Q . 5.65 -18.42 -27.84
C08 XVZ Q . 3.14 -20.01 -23.76
C09 XVZ Q . 4.18 -20.63 -22.85
C11 XVZ Q . 3.59 -21.87 -22.19
C12 XVZ Q . 3.27 -21.83 -20.83
C13 XVZ Q . 2.71 -22.94 -20.18
C14 XVZ Q . 2.47 -24.09 -20.91
C15 XVZ Q . 2.78 -24.14 -22.26
C16 XVZ Q . 3.33 -23.04 -22.90
C17 XVZ Q . 2.38 -22.84 -18.71
C18 XVZ Q . 1.03 -23.53 -18.43
F15 XVZ Q . 2.56 -25.26 -22.97
F16 XVZ Q . 3.61 -23.14 -24.21
N01 XVZ Q . 3.44 -17.61 -24.27
N02 XVZ Q . 3.61 -15.32 -24.60
N19 XVZ Q . -0.02 -23.00 -19.32
CHA HEM R . -0.23 -20.10 -26.22
CHB HEM R . 0.51 -15.33 -26.12
CHC HEM R . 3.68 -15.79 -29.77
CHD HEM R . 2.34 -20.35 -30.37
C1A HEM R . -0.19 -18.80 -25.79
C2A HEM R . -0.72 -18.30 -24.53
C3A HEM R . -0.50 -16.98 -24.49
C4A HEM R . 0.14 -16.61 -25.74
CMA HEM R . -0.82 -15.95 -23.39
CAA HEM R . -1.33 -19.20 -23.44
CBA HEM R . -0.10 -19.72 -22.71
CGA HEM R . -0.40 -20.64 -21.56
O1A HEM R . -1.09 -20.20 -20.58
O2A HEM R . 0.08 -21.80 -21.61
C1B HEM R . 1.42 -15.03 -27.09
C2B HEM R . 1.93 -13.72 -27.43
C3B HEM R . 2.79 -13.84 -28.43
C4B HEM R . 2.87 -15.25 -28.79
CMB HEM R . 1.57 -12.39 -26.76
CAB HEM R . 3.54 -12.62 -29.04
CBB HEM R . 4.27 -12.67 -30.17
C1C HEM R . 3.63 -17.05 -30.27
C2C HEM R . 4.44 -17.61 -31.36
C3C HEM R . 4.07 -18.89 -31.52
C4C HEM R . 3.02 -19.17 -30.55
CMC HEM R . 5.51 -16.80 -32.11
CAC HEM R . 4.57 -19.96 -32.54
CBC HEM R . 5.14 -19.64 -33.70
C1D HEM R . 1.57 -20.71 -29.28
C2D HEM R . 1.08 -22.03 -28.93
C3D HEM R . 0.38 -21.94 -27.80
C4D HEM R . 0.39 -20.57 -27.37
CMD HEM R . 1.32 -23.32 -29.73
CAD HEM R . -0.32 -23.09 -27.07
CBD HEM R . 0.70 -23.92 -26.32
CGD HEM R . 0.37 -23.79 -24.86
O1D HEM R . 0.14 -24.85 -24.21
O2D HEM R . 0.32 -22.63 -24.38
NA HEM R . 0.29 -17.74 -26.50
NB HEM R . 2.01 -15.94 -27.95
NC HEM R . 2.78 -18.02 -29.82
ND HEM R . 1.11 -19.84 -28.29
FE HEM R . 1.29 -17.86 -28.40
N1 H4B S . -5.50 -21.08 -20.15
C2 H4B S . -4.23 -20.67 -20.43
N2 H4B S . -3.99 -19.62 -21.26
N3 H4B S . -3.20 -21.33 -19.87
C4 H4B S . -3.36 -22.36 -19.03
O4 H4B S . -2.34 -22.88 -18.55
C4A H4B S . -4.65 -22.78 -18.74
C8A H4B S . -5.72 -22.12 -19.32
N5 H4B S . -4.90 -23.81 -17.91
N8 H4B S . -7.01 -22.50 -19.06
C6 H4B S . -6.17 -24.52 -18.05
C7 H4B S . -7.35 -23.56 -18.12
C9 H4B S . -6.32 -25.55 -16.94
O9 H4B S . -6.04 -24.99 -15.64
C10 H4B S . -7.73 -26.12 -16.93
C11 H4B S . -7.75 -27.37 -16.06
O10 H4B S . -8.15 -26.46 -18.27
C1 BTB T . 4.40 8.27 -1.93
O1 BTB T . 4.68 9.02 -3.11
C2 BTB T . 4.47 6.77 -2.25
C3 BTB T . 3.12 6.26 -2.77
O3 BTB T . 3.26 4.92 -3.28
C4 BTB T . 5.52 6.50 -3.31
O4 BTB T . 5.49 5.09 -3.63
N BTB T . 4.87 6.04 -1.03
C5 BTB T . 3.77 5.92 -0.09
C6 BTB T . 3.32 4.48 0.14
O6 BTB T . 4.27 3.82 0.98
C7 BTB T . 6.12 6.52 -0.42
C8 BTB T . 7.26 5.49 -0.55
O8 BTB T . 6.94 4.30 0.18
C1 BTB U . 29.56 -40.24 -31.89
O1 BTB U . 30.12 -38.96 -31.57
C2 BTB U . 28.22 -40.38 -31.18
C3 BTB U . 28.41 -40.03 -29.72
O3 BTB U . 27.83 -41.08 -28.94
C4 BTB U . 27.29 -39.35 -31.83
O4 BTB U . 27.23 -39.50 -33.25
N BTB U . 27.70 -41.77 -31.20
C5 BTB U . 28.56 -42.69 -31.99
C6 BTB U . 29.01 -43.84 -31.09
O6 BTB U . 28.57 -43.61 -29.74
C7 BTB U . 26.30 -41.92 -31.62
C8 BTB U . 25.62 -42.76 -30.55
O8 BTB U . 26.35 -42.47 -29.35
C1 GOL V . 3.74 -19.25 2.73
O1 GOL V . 3.03 -18.38 3.59
C2 GOL V . 5.25 -19.05 2.86
O2 GOL V . 5.58 -17.68 2.68
C3 GOL V . 5.98 -19.87 1.82
O3 GOL V . 7.36 -19.58 1.86
C1 GOL W . -1.68 -26.55 -16.73
O1 GOL W . -1.82 -26.25 -18.10
C2 GOL W . -1.74 -25.24 -15.96
O2 GOL W . -2.84 -24.51 -16.46
C3 GOL W . -1.94 -25.51 -14.47
O3 GOL W . -3.24 -25.13 -14.03
CL CL X . 5.70 -19.29 -19.12
GD GD Y . 4.88 3.46 -1.68
CHA HEM Z . 23.05 22.73 9.15
CHB HEM Z . 25.92 18.95 10.20
CHC HEM Z . 29.47 21.22 7.75
CHD HEM Z . 26.91 25.34 7.72
C1A HEM Z . 23.44 21.46 9.53
C2A HEM Z . 22.61 20.34 9.99
C3A HEM Z . 23.41 19.31 10.27
C4A HEM Z . 24.78 19.71 10.02
CMA HEM Z . 22.94 17.94 10.79
CAA HEM Z . 21.07 20.32 10.12
CBA HEM Z . 20.57 20.69 8.72
CGA HEM Z . 19.23 20.14 8.36
O1A HEM Z . 18.81 19.12 8.96
O2A HEM Z . 18.60 20.74 7.44
C1B HEM Z . 27.14 19.21 9.61
C2B HEM Z . 28.32 18.35 9.61
C3B HEM Z . 29.30 18.97 8.94
C4B HEM Z . 28.78 20.26 8.47
CMB HEM Z . 28.44 16.95 10.27
CAB HEM Z . 30.72 18.37 8.73
CBB HEM Z . 31.72 19.03 8.14
C1C HEM Z . 29.09 22.52 7.49
C2C HEM Z . 29.83 23.52 6.70
C3C HEM Z . 29.12 24.66 6.68
C4C HEM Z . 27.91 24.44 7.47
CMC HEM Z . 31.19 23.22 6.03
CAC HEM Z . 29.45 26.03 6.02
CBC HEM Z . 30.66 26.40 5.63
C1D HEM Z . 25.63 24.97 8.02
C2D HEM Z . 24.45 25.79 7.85
C3D HEM Z . 23.39 25.08 8.26
C4D HEM Z . 23.85 23.77 8.68
CMD HEM Z . 24.45 27.23 7.31
CAD HEM Z . 21.92 25.54 8.25
CBD HEM Z . 21.39 25.01 6.92
CGD HEM Z . 19.91 24.78 7.02
O1D HEM Z . 19.47 24.50 8.16
O2D HEM Z . 19.20 24.89 6.00
NA HEM Z . 24.75 21.01 9.58
NB HEM Z . 27.48 20.36 8.91
NC HEM Z . 27.94 23.12 7.93
ND HEM Z . 25.22 23.74 8.52
FE HEM Z . 26.44 22.11 9.00
N1 H4B AA . 16.24 20.12 12.55
C2 H4B AA . 17.05 19.83 11.50
N2 H4B AA . 18.34 19.49 11.73
N3 H4B AA . 16.57 19.86 10.24
C4 H4B AA . 15.29 20.19 9.98
O4 H4B AA . 14.88 20.20 8.79
C4A H4B AA . 14.44 20.50 11.05
C8A H4B AA . 14.94 20.46 12.34
N5 H4B AA . 13.16 20.84 10.85
N8 H4B AA . 14.17 20.76 13.40
C6 H4B AA . 12.56 21.68 11.87
C7 H4B AA . 12.75 21.09 13.27
C9 H4B AA . 11.07 21.95 11.61
O9 H4B AA . 10.33 20.73 11.52
C10 H4B AA . 10.52 22.76 12.77
C11 H4B AA . 9.05 23.08 12.53
O10 H4B AA . 11.29 23.96 12.92
C02 XVZ BA . 25.46 18.75 6.44
C03 XVZ BA . 26.46 19.57 5.93
C04 XVZ BA . 26.11 20.77 5.33
C05 XVZ BA . 24.79 21.13 5.26
C06 XVZ BA . 23.81 20.30 5.76
C07 XVZ BA . 27.17 21.68 4.76
C08 XVZ BA . 22.36 20.73 5.69
C09 XVZ BA . 21.66 20.25 4.43
C11 XVZ BA . 20.29 20.90 4.33
C12 XVZ BA . 19.14 20.10 4.38
C13 XVZ BA . 17.87 20.68 4.29
C14 XVZ BA . 17.75 22.05 4.15
C15 XVZ BA . 18.89 22.84 4.09
C16 XVZ BA . 20.14 22.28 4.18
C17 XVZ BA . 16.64 19.81 4.35
C18 XVZ BA . 15.76 20.32 5.49
F15 XVZ BA . 18.78 24.18 3.95
F16 XVZ BA . 21.21 23.07 4.14
N01 XVZ BA . 24.16 19.13 6.35
N02 XVZ BA . 25.79 17.57 7.02
N19 XVZ BA . 16.55 20.31 6.73
C1 BTB CA . 9.17 -8.25 2.45
O1 BTB CA . 9.60 -7.97 1.11
C2 BTB CA . 9.32 -9.72 2.91
C3 BTB CA . 8.89 -9.68 4.38
O3 BTB CA . 8.48 -10.93 4.94
C4 BTB CA . 8.41 -10.64 2.10
O4 BTB CA . 7.55 -11.42 2.93
N BTB CA . 10.72 -10.23 2.77
C5 BTB CA . 11.70 -9.51 3.61
C6 BTB CA . 12.33 -10.47 4.61
O6 BTB CA . 11.40 -10.89 5.64
C7 BTB CA . 11.19 -10.34 1.38
C8 BTB CA . 12.37 -11.30 1.24
O8 BTB CA . 11.95 -12.62 1.60
C1 BTB DA . -0.76 0.56 7.68
O1 BTB DA . 0.09 1.72 7.60
C2 BTB DA . -2.14 0.88 7.15
C3 BTB DA . -2.95 -0.41 7.20
O3 BTB DA . -2.65 -1.13 8.41
C4 BTB DA . -2.88 1.92 8.01
O4 BTB DA . -2.00 2.91 8.58
N BTB DA . -2.02 1.38 5.77
C5 BTB DA . -2.04 2.84 5.66
C6 BTB DA . -0.74 3.22 4.97
O6 BTB DA . 0.09 2.06 5.00
C7 BTB DA . -3.01 0.75 4.88
C8 BTB DA . -3.92 1.73 4.14
O8 BTB DA . -3.41 1.93 2.82
C1 BTB EA . 24.68 39.85 -22.17
O1 BTB EA . 26.06 40.25 -22.20
C2 BTB EA . 24.31 39.13 -23.46
C3 BTB EA . 24.35 40.15 -24.60
O3 BTB EA . 25.54 40.94 -24.47
C4 BTB EA . 25.36 38.05 -23.73
O4 BTB EA . 26.57 38.33 -23.01
N BTB EA . 22.93 38.53 -23.32
C5 BTB EA . 22.88 37.07 -23.52
C6 BTB EA . 21.64 36.51 -22.80
O6 BTB EA . 21.47 35.10 -22.99
C7 BTB EA . 21.96 39.12 -24.25
C8 BTB EA . 20.83 39.79 -23.49
O8 BTB EA . 21.24 41.08 -23.03
C1 GOL FA . 46.02 32.26 -2.42
O1 GOL FA . 46.42 33.32 -1.57
C2 GOL FA . 45.46 32.88 -3.70
O2 GOL FA . 45.49 34.27 -3.55
C3 GOL FA . 44.00 32.49 -3.92
O3 GOL FA . 43.47 33.45 -4.82
C1 GOL GA . 32.92 16.23 28.69
O1 GOL GA . 34.27 16.40 29.08
C2 GOL GA . 32.11 15.63 29.84
O2 GOL GA . 31.41 14.49 29.39
C3 GOL GA . 31.11 16.66 30.35
O3 GOL GA . 30.73 16.30 31.65
C1 GOL HA . 21.52 49.29 -15.21
O1 GOL HA . 22.73 49.68 -14.58
C2 GOL HA . 20.84 48.23 -14.37
O2 GOL HA . 21.50 46.99 -14.57
C3 GOL HA . 19.37 48.10 -14.78
O3 GOL HA . 19.30 47.71 -16.13
CL CL IA . 20.38 16.83 2.89
GD GD JA . 9.78 -12.71 3.73
ZN ZN KA . 12.13 31.97 21.36
CHA HEM LA . 3.45 17.80 30.31
CHB HEM LA . 1.24 13.98 28.26
CHC HEM LA . -2.69 14.94 30.95
CHD HEM LA . -0.80 19.10 32.24
C1A HEM LA . 3.24 16.63 29.61
C2A HEM LA . 4.25 15.84 28.92
C3A HEM LA . 3.66 14.77 28.36
C4A HEM LA . 2.22 14.87 28.65
CMA HEM LA . 4.33 13.66 27.55
CAA HEM LA . 5.75 16.14 28.91
CBA HEM LA . 6.17 15.84 30.34
CGA HEM LA . 7.63 16.12 30.55
O1A HEM LA . 8.44 15.67 29.70
O2A HEM LA . 7.94 16.79 31.57
C1B HEM LA . 0.01 13.87 28.84
C2B HEM LA . -0.94 12.78 28.66
C3B HEM LA . -2.03 13.05 29.38
C4B HEM LA . -1.82 14.32 30.07
CMB HEM LA . -0.72 11.58 27.73
CAB HEM LA . -3.26 12.10 29.41
CBB HEM LA . -4.46 12.44 29.90
C1C HEM LA . -2.56 16.15 31.59
C2C HEM LA . -3.49 16.75 32.51
C3C HEM LA . -2.95 17.94 32.89
C4C HEM LA . -1.68 18.09 32.19
CMC HEM LA . -4.83 16.09 32.96
CAC HEM LA . -3.50 19.01 33.83
CBC HEM LA . -4.78 19.05 34.20
C1D HEM LA . 0.52 19.09 31.87
C2D HEM LA . 1.44 20.13 32.21
C3D HEM LA . 2.62 19.80 31.70
C4D HEM LA . 2.49 18.53 31.00
CMD HEM LA . 1.07 21.38 33.05
CAD HEM LA . 3.89 20.65 31.86
CBD HEM LA . 4.61 20.18 33.11
CGD HEM LA . 5.99 19.76 32.67
O1D HEM LA . 6.06 18.82 31.84
O2D HEM LA . 7.00 20.37 33.11
NA HEM LA . 2.03 15.99 29.41
NB HEM LA . -0.57 14.78 29.72
NC HEM LA . -1.49 16.99 31.43
ND HEM LA . 1.18 18.14 31.13
FE HEM LA . 0.25 16.61 30.26
N1 H4B MA . 10.68 17.80 26.36
C2 H4B MA . 9.89 17.11 27.23
N2 H4B MA . 8.67 16.65 26.85
N3 H4B MA . 10.32 16.90 28.48
C4 H4B MA . 11.52 17.35 28.93
O4 H4B MA . 11.86 17.12 30.11
C4A H4B MA . 12.33 18.06 28.05
C8A H4B MA . 11.88 18.27 26.76
N5 H4B MA . 13.53 18.53 28.42
N8 H4B MA . 12.64 18.95 25.86
C6 H4B MA . 14.03 19.68 27.70
C7 H4B MA . 13.97 19.44 26.20
C9 H4B MA . 15.43 20.11 28.17
O9 H4B MA . 16.30 18.97 28.29
C10 H4B MA . 16.01 21.13 27.20
C11 H4B MA . 17.37 21.63 27.71
O10 H4B MA . 15.10 22.22 27.06
C02 XVZ NA . 1.80 12.90 31.86
C03 XVZ NA . 0.64 13.39 32.47
C04 XVZ NA . 0.74 14.48 33.32
C05 XVZ NA . 1.96 15.08 33.56
C06 XVZ NA . 3.10 14.55 32.95
C07 XVZ NA . -0.50 15.04 33.99
C08 XVZ NA . 4.45 15.19 33.19
C09 XVZ NA . 5.21 14.69 34.40
C11 XVZ NA . 6.46 15.54 34.57
C12 XVZ NA . 7.72 14.99 34.33
C13 XVZ NA . 8.87 15.76 34.47
C14 XVZ NA . 8.76 17.09 34.86
C15 XVZ NA . 7.51 17.63 35.11
C16 XVZ NA . 6.37 16.87 34.96
C17 XVZ NA . 10.23 15.18 34.19
C18 XVZ NA . 11.05 16.20 33.41
F15 XVZ NA . 7.43 18.93 35.48
F16 XVZ NA . 5.16 17.41 35.20
N01 XVZ NA . 2.99 13.49 32.13
N02 XVZ NA . 1.77 11.83 31.03
N19 XVZ NA . 10.42 16.48 32.11
C1 BTB OA . 10.16 -17.54 20.70
O1 BTB OA . 10.29 -17.41 19.27
C2 BTB OA . 10.78 -16.34 21.40
C3 BTB OA . 10.97 -15.19 20.42
O3 BTB OA . 11.54 -14.06 21.09
C4 BTB OA . 9.86 -15.86 22.51
O4 BTB OA . 10.45 -14.73 23.14
N BTB OA . 12.10 -16.73 21.99
C5 BTB OA . 13.14 -16.91 20.95
C6 BTB OA . 14.34 -16.01 21.26
O6 BTB OA . 14.96 -16.40 22.48
C7 BTB OA . 12.06 -17.87 22.93
C8 BTB OA . 12.43 -17.42 24.35
O8 BTB OA . 13.74 -16.87 24.41
C1 BTB PA . 3.51 23.34 64.67
O1 BTB PA . 4.54 24.29 64.42
C2 BTB PA . 2.28 24.15 65.02
C3 BTB PA . 2.64 24.91 66.30
O3 BTB PA . 2.67 26.32 66.05
C4 BTB PA . 2.16 25.12 63.85
O4 BTB PA . 0.89 25.79 63.82
N BTB PA . 1.12 23.21 65.13
C5 BTB PA . -0.21 23.79 65.49
C6 BTB PA . -0.47 24.09 66.96
O6 BTB PA . -1.70 23.46 67.32
C7 BTB PA . 1.41 22.08 66.05
C8 BTB PA . 0.34 21.00 65.86
O8 BTB PA . 0.44 20.01 66.89
C1 BTB QA . 25.03 -1.65 36.24
O1 BTB QA . 24.29 -1.56 37.47
C2 BTB QA . 25.61 -0.27 35.88
C3 BTB QA . 24.48 0.74 36.08
O3 BTB QA . 24.99 2.06 36.30
C4 BTB QA . 26.75 0.01 36.85
O4 BTB QA . 26.67 1.35 37.36
N BTB QA . 26.19 -0.33 34.51
C5 BTB QA . 26.77 0.95 33.98
C6 BTB QA . 25.89 2.03 33.36
O6 BTB QA . 25.07 1.57 32.28
C7 BTB QA . 25.26 -1.04 33.60
C8 BTB QA . 25.88 -1.46 32.27
O8 BTB QA . 27.31 -1.36 32.29
C1 GOL RA . 16.13 17.04 31.94
O1 GOL RA . 16.90 16.88 30.76
C2 GOL RA . 15.01 18.04 31.67
O2 GOL RA . 14.17 17.55 30.63
C3 GOL RA . 14.20 18.36 32.92
O3 GOL RA . 13.12 19.19 32.55
CL CL SA . 7.35 11.14 35.06
GD GD TA . 13.15 -14.45 23.21
#